data_2QEV
# 
_entry.id   2QEV 
# 
_audit_conform.dict_name       mmcif_pdbx.dic 
_audit_conform.dict_version    5.397 
_audit_conform.dict_location   http://mmcif.pdb.org/dictionaries/ascii/mmcif_pdbx.dic 
# 
loop_
_database_2.database_id 
_database_2.database_code 
_database_2.pdbx_database_accession 
_database_2.pdbx_DOI 
PDB   2QEV         pdb_00002qev 10.2210/pdb2qev/pdb 
RCSB  RCSB043510   ?            ?                   
WWPDB D_1000043510 ?            ?                   
# 
loop_
_pdbx_audit_revision_history.ordinal 
_pdbx_audit_revision_history.data_content_type 
_pdbx_audit_revision_history.major_revision 
_pdbx_audit_revision_history.minor_revision 
_pdbx_audit_revision_history.revision_date 
1 'Structure model' 1 0 2007-10-09 
2 'Structure model' 1 1 2011-07-13 
3 'Structure model' 1 2 2017-10-18 
4 'Structure model' 1 3 2024-10-30 
# 
_pdbx_audit_revision_details.ordinal             1 
_pdbx_audit_revision_details.revision_ordinal    1 
_pdbx_audit_revision_details.data_content_type   'Structure model' 
_pdbx_audit_revision_details.provider            repository 
_pdbx_audit_revision_details.type                'Initial release' 
_pdbx_audit_revision_details.description         ? 
_pdbx_audit_revision_details.details             ? 
# 
loop_
_pdbx_audit_revision_group.ordinal 
_pdbx_audit_revision_group.revision_ordinal 
_pdbx_audit_revision_group.data_content_type 
_pdbx_audit_revision_group.group 
1 2 'Structure model' Advisory                    
2 2 'Structure model' 'Version format compliance' 
3 3 'Structure model' 'Refinement description'    
4 4 'Structure model' 'Data collection'           
5 4 'Structure model' 'Database references'       
6 4 'Structure model' 'Structure summary'         
# 
loop_
_pdbx_audit_revision_category.ordinal 
_pdbx_audit_revision_category.revision_ordinal 
_pdbx_audit_revision_category.data_content_type 
_pdbx_audit_revision_category.category 
1 3 'Structure model' software                  
2 4 'Structure model' chem_comp_atom            
3 4 'Structure model' chem_comp_bond            
4 4 'Structure model' database_2                
5 4 'Structure model' pdbx_entry_details        
6 4 'Structure model' pdbx_modification_feature 
7 4 'Structure model' struct_ref_seq_dif        
# 
loop_
_pdbx_audit_revision_item.ordinal 
_pdbx_audit_revision_item.revision_ordinal 
_pdbx_audit_revision_item.data_content_type 
_pdbx_audit_revision_item.item 
1  3 'Structure model' '_software.classification'            
2  3 'Structure model' '_software.contact_author'            
3  3 'Structure model' '_software.contact_author_email'      
4  3 'Structure model' '_software.date'                      
5  3 'Structure model' '_software.language'                  
6  3 'Structure model' '_software.location'                  
7  3 'Structure model' '_software.name'                      
8  3 'Structure model' '_software.type'                      
9  3 'Structure model' '_software.version'                   
10 4 'Structure model' '_database_2.pdbx_DOI'                
11 4 'Structure model' '_database_2.pdbx_database_accession' 
12 4 'Structure model' '_struct_ref_seq_dif.details'         
# 
_pdbx_database_status.entry_id                        2QEV 
_pdbx_database_status.status_code                     REL 
_pdbx_database_status.status_code_sf                  REL 
_pdbx_database_status.deposit_site                    RCSB 
_pdbx_database_status.process_site                    RCSB 
_pdbx_database_status.recvd_initial_deposition_date   2007-06-26 
_pdbx_database_status.SG_entry                        N 
_pdbx_database_status.status_code_mr                  ? 
_pdbx_database_status.status_code_cs                  ? 
_pdbx_database_status.methods_development_category    ? 
_pdbx_database_status.pdb_format_compatible           Y 
_pdbx_database_status.status_code_nmr_data            ? 
# 
loop_
_pdbx_database_related.db_name 
_pdbx_database_related.db_id 
_pdbx_database_related.details 
_pdbx_database_related.content_type 
PDB 2QEB . unspecified 
PDB 2QEH . unspecified 
PDB 2QEO . unspecified 
# 
loop_
_audit_author.name 
_audit_author.pdbx_ordinal 
'Andersen, J.F.' 1 
'Mans, B.J.'     2 
'Calvo, E.'      3 
'Ribeiro, J.M.'  4 
# 
_citation.id                        primary 
_citation.title                     
'The Crystal Structure of D7r4, a Salivary Biogenic Amine-binding Protein from the Malaria Mosquito Anopheles gambiae' 
_citation.journal_abbrev            J.Biol.Chem. 
_citation.journal_volume            282 
_citation.page_first                36626 
_citation.page_last                 36633 
_citation.year                      2007 
_citation.journal_id_ASTM           JBCHA3 
_citation.country                   US 
_citation.journal_id_ISSN           0021-9258 
_citation.journal_id_CSD            0071 
_citation.book_publisher            ? 
_citation.pdbx_database_id_PubMed   17928288 
_citation.pdbx_database_id_DOI      10.1074/jbc.M706410200 
# 
loop_
_citation_author.citation_id 
_citation_author.name 
_citation_author.ordinal 
_citation_author.identifier_ORCID 
primary 'Mans, B.J.'     1 ? 
primary 'Calvo, E.'      2 ? 
primary 'Ribeiro, J.M.'  3 ? 
primary 'Andersen, J.F.' 4 ? 
# 
loop_
_entity.id 
_entity.type 
_entity.src_method 
_entity.pdbx_description 
_entity.formula_weight 
_entity.pdbx_number_of_molecules 
_entity.pdbx_ec 
_entity.pdbx_mutation 
_entity.pdbx_fragment 
_entity.details 
1 polymer man 'D7R4 Protein' 17099.857 1  ? ? ? ? 
2 water   nat water          18.015    72 ? ? ? ? 
# 
_entity_name_com.entity_id   1 
_entity_name_com.name        'D7-related 4 protein' 
# 
_entity_poly.entity_id                      1 
_entity_poly.type                           'polypeptide(L)' 
_entity_poly.nstd_linkage                   no 
_entity_poly.nstd_monomer                   no 
_entity_poly.pdbx_seq_one_letter_code       
;METVQDCENKLPPSLKSRLCEIRRYEIIEGPEMDKHIHCVMRALDFVYEDGRGDYHKLYDPLNIIELDKRHDVNLEKCIG
ECVQVPTSERAHVFYKCLLKSTTGRTFKKVFDLMELKKAGKVPQHQRYTAEFVQIMKDYDKALNC
;
_entity_poly.pdbx_seq_one_letter_code_can   
;METVQDCENKLPPSLKSRLCEIRRYEIIEGPEMDKHIHCVMRALDFVYEDGRGDYHKLYDPLNIIELDKRHDVNLEKCIG
ECVQVPTSERAHVFYKCLLKSTTGRTFKKVFDLMELKKAGKVPQHQRYTAEFVQIMKDYDKALNC
;
_entity_poly.pdbx_strand_id                 A 
_entity_poly.pdbx_target_identifier         ? 
# 
_pdbx_entity_nonpoly.entity_id   2 
_pdbx_entity_nonpoly.name        water 
_pdbx_entity_nonpoly.comp_id     HOH 
# 
loop_
_entity_poly_seq.entity_id 
_entity_poly_seq.num 
_entity_poly_seq.mon_id 
_entity_poly_seq.hetero 
1 1   MET n 
1 2   GLU n 
1 3   THR n 
1 4   VAL n 
1 5   GLN n 
1 6   ASP n 
1 7   CYS n 
1 8   GLU n 
1 9   ASN n 
1 10  LYS n 
1 11  LEU n 
1 12  PRO n 
1 13  PRO n 
1 14  SER n 
1 15  LEU n 
1 16  LYS n 
1 17  SER n 
1 18  ARG n 
1 19  LEU n 
1 20  CYS n 
1 21  GLU n 
1 22  ILE n 
1 23  ARG n 
1 24  ARG n 
1 25  TYR n 
1 26  GLU n 
1 27  ILE n 
1 28  ILE n 
1 29  GLU n 
1 30  GLY n 
1 31  PRO n 
1 32  GLU n 
1 33  MET n 
1 34  ASP n 
1 35  LYS n 
1 36  HIS n 
1 37  ILE n 
1 38  HIS n 
1 39  CYS n 
1 40  VAL n 
1 41  MET n 
1 42  ARG n 
1 43  ALA n 
1 44  LEU n 
1 45  ASP n 
1 46  PHE n 
1 47  VAL n 
1 48  TYR n 
1 49  GLU n 
1 50  ASP n 
1 51  GLY n 
1 52  ARG n 
1 53  GLY n 
1 54  ASP n 
1 55  TYR n 
1 56  HIS n 
1 57  LYS n 
1 58  LEU n 
1 59  TYR n 
1 60  ASP n 
1 61  PRO n 
1 62  LEU n 
1 63  ASN n 
1 64  ILE n 
1 65  ILE n 
1 66  GLU n 
1 67  LEU n 
1 68  ASP n 
1 69  LYS n 
1 70  ARG n 
1 71  HIS n 
1 72  ASP n 
1 73  VAL n 
1 74  ASN n 
1 75  LEU n 
1 76  GLU n 
1 77  LYS n 
1 78  CYS n 
1 79  ILE n 
1 80  GLY n 
1 81  GLU n 
1 82  CYS n 
1 83  VAL n 
1 84  GLN n 
1 85  VAL n 
1 86  PRO n 
1 87  THR n 
1 88  SER n 
1 89  GLU n 
1 90  ARG n 
1 91  ALA n 
1 92  HIS n 
1 93  VAL n 
1 94  PHE n 
1 95  TYR n 
1 96  LYS n 
1 97  CYS n 
1 98  LEU n 
1 99  LEU n 
1 100 LYS n 
1 101 SER n 
1 102 THR n 
1 103 THR n 
1 104 GLY n 
1 105 ARG n 
1 106 THR n 
1 107 PHE n 
1 108 LYS n 
1 109 LYS n 
1 110 VAL n 
1 111 PHE n 
1 112 ASP n 
1 113 LEU n 
1 114 MET n 
1 115 GLU n 
1 116 LEU n 
1 117 LYS n 
1 118 LYS n 
1 119 ALA n 
1 120 GLY n 
1 121 LYS n 
1 122 VAL n 
1 123 PRO n 
1 124 GLN n 
1 125 HIS n 
1 126 GLN n 
1 127 ARG n 
1 128 TYR n 
1 129 THR n 
1 130 ALA n 
1 131 GLU n 
1 132 PHE n 
1 133 VAL n 
1 134 GLN n 
1 135 ILE n 
1 136 MET n 
1 137 LYS n 
1 138 ASP n 
1 139 TYR n 
1 140 ASP n 
1 141 LYS n 
1 142 ALA n 
1 143 LEU n 
1 144 ASN n 
1 145 CYS n 
# 
_entity_src_gen.entity_id                          1 
_entity_src_gen.pdbx_src_id                        1 
_entity_src_gen.pdbx_alt_source_flag               sample 
_entity_src_gen.pdbx_seq_type                      ? 
_entity_src_gen.pdbx_beg_seq_num                   ? 
_entity_src_gen.pdbx_end_seq_num                   ? 
_entity_src_gen.gene_src_common_name               'African malaria mosquito' 
_entity_src_gen.gene_src_genus                     Anopheles 
_entity_src_gen.pdbx_gene_src_gene                 D7r4 
_entity_src_gen.gene_src_species                   ? 
_entity_src_gen.gene_src_strain                    G3 
_entity_src_gen.gene_src_tissue                    ? 
_entity_src_gen.gene_src_tissue_fraction           ? 
_entity_src_gen.gene_src_details                   ? 
_entity_src_gen.pdbx_gene_src_fragment             ? 
_entity_src_gen.pdbx_gene_src_scientific_name      'Anopheles gambiae' 
_entity_src_gen.pdbx_gene_src_ncbi_taxonomy_id     7165 
_entity_src_gen.pdbx_gene_src_variant              ? 
_entity_src_gen.pdbx_gene_src_cell_line            ? 
_entity_src_gen.pdbx_gene_src_atcc                 ? 
_entity_src_gen.pdbx_gene_src_organ                ? 
_entity_src_gen.pdbx_gene_src_organelle            ? 
_entity_src_gen.pdbx_gene_src_cell                 ? 
_entity_src_gen.pdbx_gene_src_cellular_location    ? 
_entity_src_gen.host_org_common_name               ? 
_entity_src_gen.pdbx_host_org_scientific_name      'Escherichia coli' 
_entity_src_gen.pdbx_host_org_ncbi_taxonomy_id     562 
_entity_src_gen.host_org_genus                     Escherichia 
_entity_src_gen.pdbx_host_org_gene                 ? 
_entity_src_gen.pdbx_host_org_organ                ? 
_entity_src_gen.host_org_species                   ? 
_entity_src_gen.pdbx_host_org_tissue               ? 
_entity_src_gen.pdbx_host_org_tissue_fraction      ? 
_entity_src_gen.pdbx_host_org_strain               'BL21(DE3)pLysS' 
_entity_src_gen.pdbx_host_org_variant              ? 
_entity_src_gen.pdbx_host_org_cell_line            ? 
_entity_src_gen.pdbx_host_org_atcc                 ? 
_entity_src_gen.pdbx_host_org_culture_collection   ? 
_entity_src_gen.pdbx_host_org_cell                 ? 
_entity_src_gen.pdbx_host_org_organelle            ? 
_entity_src_gen.pdbx_host_org_cellular_location    ? 
_entity_src_gen.pdbx_host_org_vector_type          Plasmid 
_entity_src_gen.pdbx_host_org_vector               ? 
_entity_src_gen.host_org_details                   ? 
_entity_src_gen.expression_system_id               ? 
_entity_src_gen.plasmid_name                       pET17B 
_entity_src_gen.plasmid_details                    ? 
_entity_src_gen.pdbx_description                   ? 
# 
loop_
_chem_comp.id 
_chem_comp.type 
_chem_comp.mon_nstd_flag 
_chem_comp.name 
_chem_comp.pdbx_synonyms 
_chem_comp.formula 
_chem_comp.formula_weight 
ALA 'L-peptide linking' y ALANINE         ? 'C3 H7 N O2'     89.093  
ARG 'L-peptide linking' y ARGININE        ? 'C6 H15 N4 O2 1' 175.209 
ASN 'L-peptide linking' y ASPARAGINE      ? 'C4 H8 N2 O3'    132.118 
ASP 'L-peptide linking' y 'ASPARTIC ACID' ? 'C4 H7 N O4'     133.103 
CYS 'L-peptide linking' y CYSTEINE        ? 'C3 H7 N O2 S'   121.158 
GLN 'L-peptide linking' y GLUTAMINE       ? 'C5 H10 N2 O3'   146.144 
GLU 'L-peptide linking' y 'GLUTAMIC ACID' ? 'C5 H9 N O4'     147.129 
GLY 'peptide linking'   y GLYCINE         ? 'C2 H5 N O2'     75.067  
HIS 'L-peptide linking' y HISTIDINE       ? 'C6 H10 N3 O2 1' 156.162 
HOH non-polymer         . WATER           ? 'H2 O'           18.015  
ILE 'L-peptide linking' y ISOLEUCINE      ? 'C6 H13 N O2'    131.173 
LEU 'L-peptide linking' y LEUCINE         ? 'C6 H13 N O2'    131.173 
LYS 'L-peptide linking' y LYSINE          ? 'C6 H15 N2 O2 1' 147.195 
MET 'L-peptide linking' y METHIONINE      ? 'C5 H11 N O2 S'  149.211 
PHE 'L-peptide linking' y PHENYLALANINE   ? 'C9 H11 N O2'    165.189 
PRO 'L-peptide linking' y PROLINE         ? 'C5 H9 N O2'     115.130 
SER 'L-peptide linking' y SERINE          ? 'C3 H7 N O3'     105.093 
THR 'L-peptide linking' y THREONINE       ? 'C4 H9 N O3'     119.119 
TYR 'L-peptide linking' y TYROSINE        ? 'C9 H11 N O3'    181.189 
VAL 'L-peptide linking' y VALINE          ? 'C5 H11 N O2'    117.146 
# 
loop_
_pdbx_poly_seq_scheme.asym_id 
_pdbx_poly_seq_scheme.entity_id 
_pdbx_poly_seq_scheme.seq_id 
_pdbx_poly_seq_scheme.mon_id 
_pdbx_poly_seq_scheme.ndb_seq_num 
_pdbx_poly_seq_scheme.pdb_seq_num 
_pdbx_poly_seq_scheme.auth_seq_num 
_pdbx_poly_seq_scheme.pdb_mon_id 
_pdbx_poly_seq_scheme.auth_mon_id 
_pdbx_poly_seq_scheme.pdb_strand_id 
_pdbx_poly_seq_scheme.pdb_ins_code 
_pdbx_poly_seq_scheme.hetero 
A 1 1   MET 1   0   0   MET MET A . n 
A 1 2   GLU 2   1   1   GLU GLU A . n 
A 1 3   THR 3   2   2   THR THR A . n 
A 1 4   VAL 4   3   3   VAL VAL A . n 
A 1 5   GLN 5   4   4   GLN GLN A . n 
A 1 6   ASP 6   5   5   ASP ASP A . n 
A 1 7   CYS 7   6   6   CYS CYS A . n 
A 1 8   GLU 8   7   7   GLU GLU A . n 
A 1 9   ASN 9   8   8   ASN ASN A . n 
A 1 10  LYS 10  9   9   LYS LYS A . n 
A 1 11  LEU 11  10  10  LEU LEU A . n 
A 1 12  PRO 12  11  11  PRO PRO A . n 
A 1 13  PRO 13  12  12  PRO PRO A . n 
A 1 14  SER 14  13  13  SER SER A . n 
A 1 15  LEU 15  14  14  LEU LEU A . n 
A 1 16  LYS 16  15  15  LYS LYS A . n 
A 1 17  SER 17  16  16  SER SER A . n 
A 1 18  ARG 18  17  17  ARG ARG A . n 
A 1 19  LEU 19  18  18  LEU LEU A . n 
A 1 20  CYS 20  19  19  CYS CYS A . n 
A 1 21  GLU 21  20  20  GLU GLU A . n 
A 1 22  ILE 22  21  21  ILE ILE A . n 
A 1 23  ARG 23  22  22  ARG ARG A . n 
A 1 24  ARG 24  23  23  ARG ARG A . n 
A 1 25  TYR 25  24  24  TYR TYR A . n 
A 1 26  GLU 26  25  25  GLU GLU A . n 
A 1 27  ILE 27  26  26  ILE ILE A . n 
A 1 28  ILE 28  27  27  ILE ILE A . n 
A 1 29  GLU 29  28  28  GLU GLU A . n 
A 1 30  GLY 30  29  29  GLY GLY A . n 
A 1 31  PRO 31  30  30  PRO PRO A . n 
A 1 32  GLU 32  31  31  GLU GLU A . n 
A 1 33  MET 33  32  32  MET MET A . n 
A 1 34  ASP 34  33  33  ASP ASP A . n 
A 1 35  LYS 35  34  34  LYS LYS A . n 
A 1 36  HIS 36  35  35  HIS HIS A . n 
A 1 37  ILE 37  36  36  ILE ILE A . n 
A 1 38  HIS 38  37  37  HIS HIS A . n 
A 1 39  CYS 39  38  38  CYS CYS A . n 
A 1 40  VAL 40  39  39  VAL VAL A . n 
A 1 41  MET 41  40  40  MET MET A . n 
A 1 42  ARG 42  41  41  ARG ARG A . n 
A 1 43  ALA 43  42  42  ALA ALA A . n 
A 1 44  LEU 44  43  43  LEU LEU A . n 
A 1 45  ASP 45  44  44  ASP ASP A . n 
A 1 46  PHE 46  45  45  PHE PHE A . n 
A 1 47  VAL 47  46  46  VAL VAL A . n 
A 1 48  TYR 48  47  47  TYR TYR A . n 
A 1 49  GLU 49  48  48  GLU GLU A . n 
A 1 50  ASP 50  49  49  ASP ASP A . n 
A 1 51  GLY 51  50  50  GLY GLY A . n 
A 1 52  ARG 52  51  51  ARG ARG A . n 
A 1 53  GLY 53  52  52  GLY GLY A . n 
A 1 54  ASP 54  53  53  ASP ASP A . n 
A 1 55  TYR 55  54  54  TYR TYR A . n 
A 1 56  HIS 56  55  55  HIS HIS A . n 
A 1 57  LYS 57  56  56  LYS LYS A . n 
A 1 58  LEU 58  57  57  LEU LEU A . n 
A 1 59  TYR 59  58  58  TYR TYR A . n 
A 1 60  ASP 60  59  59  ASP ASP A . n 
A 1 61  PRO 61  60  60  PRO PRO A . n 
A 1 62  LEU 62  61  61  LEU LEU A . n 
A 1 63  ASN 63  62  62  ASN ASN A . n 
A 1 64  ILE 64  63  63  ILE ILE A . n 
A 1 65  ILE 65  64  64  ILE ILE A . n 
A 1 66  GLU 66  65  65  GLU GLU A . n 
A 1 67  LEU 67  66  66  LEU LEU A . n 
A 1 68  ASP 68  67  67  ASP ASP A . n 
A 1 69  LYS 69  68  68  LYS LYS A . n 
A 1 70  ARG 70  69  69  ARG ARG A . n 
A 1 71  HIS 71  70  70  HIS HIS A . n 
A 1 72  ASP 72  71  71  ASP ASP A . n 
A 1 73  VAL 73  72  72  VAL VAL A . n 
A 1 74  ASN 74  73  73  ASN ASN A . n 
A 1 75  LEU 75  74  74  LEU LEU A . n 
A 1 76  GLU 76  75  75  GLU GLU A . n 
A 1 77  LYS 77  76  76  LYS LYS A . n 
A 1 78  CYS 78  77  77  CYS CYS A . n 
A 1 79  ILE 79  78  78  ILE ILE A . n 
A 1 80  GLY 80  79  79  GLY GLY A . n 
A 1 81  GLU 81  80  80  GLU GLU A . n 
A 1 82  CYS 82  81  81  CYS CYS A . n 
A 1 83  VAL 83  82  82  VAL VAL A . n 
A 1 84  GLN 84  83  83  GLN GLN A . n 
A 1 85  VAL 85  84  84  VAL VAL A . n 
A 1 86  PRO 86  85  85  PRO PRO A . n 
A 1 87  THR 87  86  86  THR THR A . n 
A 1 88  SER 88  87  87  SER SER A . n 
A 1 89  GLU 89  88  88  GLU GLU A . n 
A 1 90  ARG 90  89  89  ARG ARG A . n 
A 1 91  ALA 91  90  90  ALA ALA A . n 
A 1 92  HIS 92  91  91  HIS HIS A . n 
A 1 93  VAL 93  92  92  VAL VAL A . n 
A 1 94  PHE 94  93  93  PHE PHE A . n 
A 1 95  TYR 95  94  94  TYR TYR A . n 
A 1 96  LYS 96  95  95  LYS LYS A . n 
A 1 97  CYS 97  96  96  CYS CYS A . n 
A 1 98  LEU 98  97  97  LEU LEU A . n 
A 1 99  LEU 99  98  98  LEU LEU A . n 
A 1 100 LYS 100 99  99  LYS LYS A . n 
A 1 101 SER 101 100 100 SER SER A . n 
A 1 102 THR 102 101 101 THR THR A . n 
A 1 103 THR 103 102 102 THR THR A . n 
A 1 104 GLY 104 103 103 GLY GLY A . n 
A 1 105 ARG 105 104 104 ARG ARG A . n 
A 1 106 THR 106 105 105 THR THR A . n 
A 1 107 PHE 107 106 106 PHE PHE A . n 
A 1 108 LYS 108 107 107 LYS LYS A . n 
A 1 109 LYS 109 108 108 LYS LYS A . n 
A 1 110 VAL 110 109 109 VAL VAL A . n 
A 1 111 PHE 111 110 110 PHE PHE A . n 
A 1 112 ASP 112 111 111 ASP ASP A . n 
A 1 113 LEU 113 112 112 LEU LEU A . n 
A 1 114 MET 114 113 113 MET MET A . n 
A 1 115 GLU 115 114 114 GLU GLU A . n 
A 1 116 LEU 116 115 115 LEU LEU A . n 
A 1 117 LYS 117 116 116 LYS LYS A . n 
A 1 118 LYS 118 117 117 LYS LYS A . n 
A 1 119 ALA 119 118 118 ALA ALA A . n 
A 1 120 GLY 120 119 119 GLY GLY A . n 
A 1 121 LYS 121 120 120 LYS LYS A . n 
A 1 122 VAL 122 121 121 VAL VAL A . n 
A 1 123 PRO 123 122 122 PRO PRO A . n 
A 1 124 GLN 124 123 123 GLN GLN A . n 
A 1 125 HIS 125 124 124 HIS HIS A . n 
A 1 126 GLN 126 125 125 GLN GLN A . n 
A 1 127 ARG 127 126 126 ARG ARG A . n 
A 1 128 TYR 128 127 127 TYR TYR A . n 
A 1 129 THR 129 128 128 THR THR A . n 
A 1 130 ALA 130 129 129 ALA ALA A . n 
A 1 131 GLU 131 130 130 GLU GLU A . n 
A 1 132 PHE 132 131 131 PHE PHE A . n 
A 1 133 VAL 133 132 132 VAL VAL A . n 
A 1 134 GLN 134 133 133 GLN GLN A . n 
A 1 135 ILE 135 134 134 ILE ILE A . n 
A 1 136 MET 136 135 135 MET MET A . n 
A 1 137 LYS 137 136 136 LYS LYS A . n 
A 1 138 ASP 138 137 137 ASP ASP A . n 
A 1 139 TYR 139 138 138 TYR TYR A . n 
A 1 140 ASP 140 139 139 ASP ASP A . n 
A 1 141 LYS 141 140 140 LYS LYS A . n 
A 1 142 ALA 142 141 141 ALA ALA A . n 
A 1 143 LEU 143 142 142 LEU LEU A . n 
A 1 144 ASN 144 143 143 ASN ASN A . n 
A 1 145 CYS 145 144 144 CYS CYS A . n 
# 
loop_
_pdbx_nonpoly_scheme.asym_id 
_pdbx_nonpoly_scheme.entity_id 
_pdbx_nonpoly_scheme.mon_id 
_pdbx_nonpoly_scheme.ndb_seq_num 
_pdbx_nonpoly_scheme.pdb_seq_num 
_pdbx_nonpoly_scheme.auth_seq_num 
_pdbx_nonpoly_scheme.pdb_mon_id 
_pdbx_nonpoly_scheme.auth_mon_id 
_pdbx_nonpoly_scheme.pdb_strand_id 
_pdbx_nonpoly_scheme.pdb_ins_code 
B 2 HOH 1  145 1  HOH HOH A . 
B 2 HOH 2  146 2  HOH HOH A . 
B 2 HOH 3  147 3  HOH HOH A . 
B 2 HOH 4  148 4  HOH HOH A . 
B 2 HOH 5  149 5  HOH HOH A . 
B 2 HOH 6  150 6  HOH HOH A . 
B 2 HOH 7  151 8  HOH HOH A . 
B 2 HOH 8  152 9  HOH HOH A . 
B 2 HOH 9  153 10 HOH HOH A . 
B 2 HOH 10 154 11 HOH HOH A . 
B 2 HOH 11 155 12 HOH HOH A . 
B 2 HOH 12 156 14 HOH HOH A . 
B 2 HOH 13 157 15 HOH HOH A . 
B 2 HOH 14 158 16 HOH HOH A . 
B 2 HOH 15 159 17 HOH HOH A . 
B 2 HOH 16 160 18 HOH HOH A . 
B 2 HOH 17 161 19 HOH HOH A . 
B 2 HOH 18 162 20 HOH HOH A . 
B 2 HOH 19 163 21 HOH HOH A . 
B 2 HOH 20 164 22 HOH HOH A . 
B 2 HOH 21 165 23 HOH HOH A . 
B 2 HOH 22 166 25 HOH HOH A . 
B 2 HOH 23 167 26 HOH HOH A . 
B 2 HOH 24 168 28 HOH HOH A . 
B 2 HOH 25 169 30 HOH HOH A . 
B 2 HOH 26 170 31 HOH HOH A . 
B 2 HOH 27 171 32 HOH HOH A . 
B 2 HOH 28 172 34 HOH HOH A . 
B 2 HOH 29 173 36 HOH HOH A . 
B 2 HOH 30 174 37 HOH HOH A . 
B 2 HOH 31 175 38 HOH HOH A . 
B 2 HOH 32 176 39 HOH HOH A . 
B 2 HOH 33 177 40 HOH HOH A . 
B 2 HOH 34 178 41 HOH HOH A . 
B 2 HOH 35 179 42 HOH HOH A . 
B 2 HOH 36 180 44 HOH HOH A . 
B 2 HOH 37 181 47 HOH HOH A . 
B 2 HOH 38 182 48 HOH HOH A . 
B 2 HOH 39 183 50 HOH HOH A . 
B 2 HOH 40 184 51 HOH HOH A . 
B 2 HOH 41 185 53 HOH HOH A . 
B 2 HOH 42 186 54 HOH HOH A . 
B 2 HOH 43 187 56 HOH HOH A . 
B 2 HOH 44 188 57 HOH HOH A . 
B 2 HOH 45 189 58 HOH HOH A . 
B 2 HOH 46 190 59 HOH HOH A . 
B 2 HOH 47 191 60 HOH HOH A . 
B 2 HOH 48 192 61 HOH HOH A . 
B 2 HOH 49 193 63 HOH HOH A . 
B 2 HOH 50 194 64 HOH HOH A . 
B 2 HOH 51 195 66 HOH HOH A . 
B 2 HOH 52 196 67 HOH HOH A . 
B 2 HOH 53 197 68 HOH HOH A . 
B 2 HOH 54 198 69 HOH HOH A . 
B 2 HOH 55 199 70 HOH HOH A . 
B 2 HOH 56 200 72 HOH HOH A . 
B 2 HOH 57 201 73 HOH HOH A . 
B 2 HOH 58 202 74 HOH HOH A . 
B 2 HOH 59 203 76 HOH HOH A . 
B 2 HOH 60 204 77 HOH HOH A . 
B 2 HOH 61 205 78 HOH HOH A . 
B 2 HOH 62 206 83 HOH HOH A . 
B 2 HOH 63 207 84 HOH HOH A . 
B 2 HOH 64 208 85 HOH HOH A . 
B 2 HOH 65 209 87 HOH HOH A . 
B 2 HOH 66 210 88 HOH HOH A . 
B 2 HOH 67 211 89 HOH HOH A . 
B 2 HOH 68 212 90 HOH HOH A . 
B 2 HOH 69 213 94 HOH HOH A . 
B 2 HOH 70 214 95 HOH HOH A . 
B 2 HOH 71 215 96 HOH HOH A . 
B 2 HOH 72 216 97 HOH HOH A . 
# 
loop_
_pdbx_unobs_or_zero_occ_atoms.id 
_pdbx_unobs_or_zero_occ_atoms.PDB_model_num 
_pdbx_unobs_or_zero_occ_atoms.polymer_flag 
_pdbx_unobs_or_zero_occ_atoms.occupancy_flag 
_pdbx_unobs_or_zero_occ_atoms.auth_asym_id 
_pdbx_unobs_or_zero_occ_atoms.auth_comp_id 
_pdbx_unobs_or_zero_occ_atoms.auth_seq_id 
_pdbx_unobs_or_zero_occ_atoms.PDB_ins_code 
_pdbx_unobs_or_zero_occ_atoms.auth_atom_id 
_pdbx_unobs_or_zero_occ_atoms.label_alt_id 
_pdbx_unobs_or_zero_occ_atoms.label_asym_id 
_pdbx_unobs_or_zero_occ_atoms.label_comp_id 
_pdbx_unobs_or_zero_occ_atoms.label_seq_id 
_pdbx_unobs_or_zero_occ_atoms.label_atom_id 
1 1 Y 1 A MET 0 ? CB ? A MET 1 CB 
2 1 Y 1 A MET 0 ? CG ? A MET 1 CG 
3 1 Y 1 A MET 0 ? SD ? A MET 1 SD 
4 1 Y 1 A MET 0 ? CE ? A MET 1 CE 
# 
loop_
_software.name 
_software.version 
_software.date 
_software.type 
_software.contact_author 
_software.contact_author_email 
_software.classification 
_software.location 
_software.language 
_software.citation_id 
_software.pdbx_ordinal 
DENZO       .                        ?                package 'Zbyszek Otwinowski'       zbyszek@mix.swmed.edu                   
'data reduction'  http://www.lnls.br/infra/linhasluz/denzo-hkl.htm ?          ? 1 
SCALEPACK   .                        ?                package 'Zbyszek Otwinowski'       zbyszek@mix.swmed.edu                   
'data scaling'    http://www.lnls.br/infra/linhasluz/denzo-hkl.htm ?          ? 2 
MLPHARE     .                        ?                other   'Z.Otwinowski or E.Dodson' 'ccp4@dl.ac.uk, ccp4@yorvic.york.ac.uk' 
phasing           http://www.ccp4.ac.uk/main.html                  Fortran_77 ? 3 
DM          5.0                      ?                program 'K. Cowtan'                ccp4@dl.ac.uk                           
phasing           http://www.ccp4.ac.uk/main.html                  Fortran_77 ? 4 
REFMAC      .                        ?                program 'Murshudov, G.N.'          ccp4@dl.ac.uk                           
refinement        http://www.ccp4.ac.uk/main.html                  Fortran_77 ? 5 
PDB_EXTRACT 2.000                    'April. 3, 2006' package PDB                        sw-help@rcsb.rutgers.edu                
'data extraction' http://pdb.rutgers.edu/software/                 C++        ? 6 
EPICS-based 'data aquisition system' ?                ?       ?                          ?                                       
'data collection' ?                                                ?          ? 7 
HKL-3000    .                        ?                ?       ?                          ?                                       
'data reduction'  ?                                                ?          ? 8 
# 
_cell.entry_id           2QEV 
_cell.length_a           62.651 
_cell.length_b           62.651 
_cell.length_c           42.773 
_cell.angle_alpha        90.00 
_cell.angle_beta         90.00 
_cell.angle_gamma        90.00 
_cell.Z_PDB              4 
_cell.pdbx_unique_axis   ? 
_cell.length_a_esd       ? 
_cell.length_b_esd       ? 
_cell.length_c_esd       ? 
_cell.angle_alpha_esd    ? 
_cell.angle_beta_esd     ? 
_cell.angle_gamma_esd    ? 
# 
_symmetry.entry_id                         2QEV 
_symmetry.space_group_name_H-M             'P 43' 
_symmetry.pdbx_full_space_group_name_H-M   ? 
_symmetry.cell_setting                     ? 
_symmetry.Int_Tables_number                78 
_symmetry.space_group_name_Hall            ? 
# 
_exptl.crystals_number   1 
_exptl.entry_id          2QEV 
_exptl.method            'X-RAY DIFFRACTION' 
# 
_exptl_crystal.id                    1 
_exptl_crystal.density_meas          ? 
_exptl_crystal.density_Matthews      2.45 
_exptl_crystal.density_percent_sol   49.87 
_exptl_crystal.description           ? 
_exptl_crystal.F_000                 ? 
_exptl_crystal.preparation           ? 
# 
_exptl_crystal_grow.crystal_id      1 
_exptl_crystal_grow.method          'VAPOR DIFFUSION, HANGING DROP' 
_exptl_crystal_grow.pH              8.0 
_exptl_crystal_grow.temp            298.0 
_exptl_crystal_grow.pdbx_details    '20 % PEG 6000, 0.1 M Tris HCl, pH 8.0, VAPOR DIFFUSION, HANGING DROP, temperature 298.0K' 
_exptl_crystal_grow.temp_details    ? 
_exptl_crystal_grow.pdbx_pH_range   . 
# 
loop_
_diffrn.id 
_diffrn.ambient_temp 
_diffrn.ambient_temp_details 
_diffrn.crystal_id 
1 100.0 ? 1 
2 ?     ? 1 
# 
_diffrn_detector.diffrn_id              1 
_diffrn_detector.detector               CCD 
_diffrn_detector.type                   'ADSC QUANTUM 315' 
_diffrn_detector.pdbx_collection_date   2005-11-15 
_diffrn_detector.details                mirrors 
# 
_diffrn_radiation.diffrn_id                        1 
_diffrn_radiation.wavelength_id                    1 
_diffrn_radiation.pdbx_diffrn_protocol             'SINGLE WAVELENGTH' 
_diffrn_radiation.monochromator                    'Si (111)' 
_diffrn_radiation.pdbx_monochromatic_or_laue_m_l   M 
_diffrn_radiation.pdbx_scattering_type             x-ray 
# 
_diffrn_radiation_wavelength.id           1 
_diffrn_radiation_wavelength.wavelength   0.9791533 
_diffrn_radiation_wavelength.wt           1.0 
# 
_diffrn_source.diffrn_id                   1 
_diffrn_source.source                      SYNCHROTRON 
_diffrn_source.type                        'APS BEAMLINE 19-ID' 
_diffrn_source.pdbx_wavelength             ? 
_diffrn_source.pdbx_wavelength_list        0.9791533 
_diffrn_source.pdbx_synchrotron_site       APS 
_diffrn_source.pdbx_synchrotron_beamline   19-ID 
# 
_reflns.entry_id                     2QEV 
_reflns.d_resolution_high            1.998 
_reflns.d_resolution_low             62.620 
_reflns.number_obs                   11190 
_reflns.pdbx_Rmerge_I_obs            0.039 
_reflns.pdbx_netI_over_sigmaI        18.300 
_reflns.pdbx_chi_squared             1.341 
_reflns.pdbx_redundancy              4.400 
_reflns.percent_possible_obs         97.800 
_reflns.observed_criterion_sigma_F   ? 
_reflns.observed_criterion_sigma_I   -3. 
_reflns.number_all                   11190 
_reflns.pdbx_Rsym_value              ? 
_reflns.B_iso_Wilson_estimate        ? 
_reflns.R_free_details               ? 
_reflns.limit_h_max                  ? 
_reflns.limit_h_min                  ? 
_reflns.limit_k_max                  ? 
_reflns.limit_k_min                  ? 
_reflns.limit_l_max                  ? 
_reflns.limit_l_min                  ? 
_reflns.observed_criterion_F_max     ? 
_reflns.observed_criterion_F_min     ? 
_reflns.pdbx_scaling_rejects         ? 
_reflns.pdbx_ordinal                 1 
_reflns.pdbx_diffrn_id               1 
# 
_reflns_shell.d_res_high             1.998 
_reflns_shell.d_res_low              2.07 
_reflns_shell.number_measured_obs    ? 
_reflns_shell.number_measured_all    ? 
_reflns_shell.number_unique_obs      ? 
_reflns_shell.Rmerge_I_obs           0.303 
_reflns_shell.meanI_over_sigI_obs    3.3 
_reflns_shell.pdbx_Rsym_value        ? 
_reflns_shell.pdbx_chi_squared       0.905 
_reflns_shell.pdbx_redundancy        3.40 
_reflns_shell.percent_possible_obs   ? 
_reflns_shell.number_unique_all      941 
_reflns_shell.percent_possible_all   84.30 
_reflns_shell.pdbx_ordinal           1 
_reflns_shell.pdbx_diffrn_id         1 
# 
_refine.entry_id                                 2QEV 
_refine.ls_d_res_high                            1.998 
_refine.ls_d_res_low                             62.620 
_refine.pdbx_ls_sigma_F                          0.00 
_refine.ls_percent_reflns_obs                    98.150 
_refine.ls_number_reflns_obs                     11190 
_refine.pdbx_ls_cross_valid_method               THROUGHOUT 
_refine.pdbx_R_Free_selection_details            RANDOM 
_refine.details                                  'HYDROGENS HAVE BEEN ADDED IN THE RIDING POSITIONS' 
_refine.ls_R_factor_obs                          0.220 
_refine.ls_R_factor_R_work                       0.219 
_refine.ls_R_factor_R_free                       0.237 
_refine.ls_percent_reflns_R_free                 4.800 
_refine.ls_number_reflns_R_free                  533 
_refine.B_iso_mean                               44.093 
_refine.aniso_B[1][1]                            0.530 
_refine.aniso_B[2][2]                            0.530 
_refine.aniso_B[3][3]                            -1.070 
_refine.aniso_B[1][2]                            0.000 
_refine.aniso_B[1][3]                            0.000 
_refine.aniso_B[2][3]                            0.000 
_refine.correlation_coeff_Fo_to_Fc               0.947 
_refine.correlation_coeff_Fo_to_Fc_free          0.948 
_refine.pdbx_overall_ESU_R                       0.213 
_refine.pdbx_overall_ESU_R_Free                  0.167 
_refine.overall_SU_ML                            0.141 
_refine.overall_SU_B                             11.100 
_refine.solvent_model_details                    MASK 
_refine.pdbx_solvent_vdw_probe_radii             1.400 
_refine.pdbx_solvent_ion_probe_radii             0.800 
_refine.pdbx_solvent_shrinkage_radii             0.800 
_refine.pdbx_method_to_determine_struct          MAD 
_refine.pdbx_stereochemistry_target_values       'MAXIMUM LIKELIHOOD' 
_refine.pdbx_ls_sigma_I                          0 
_refine.ls_number_reflns_all                     11190 
_refine.ls_R_factor_all                          ? 
_refine.ls_redundancy_reflns_obs                 ? 
_refine.pdbx_data_cutoff_high_absF               ? 
_refine.pdbx_data_cutoff_low_absF                ? 
_refine.ls_number_parameters                     ? 
_refine.ls_number_restraints                     ? 
_refine.ls_R_factor_R_free_error                 ? 
_refine.ls_R_factor_R_free_error_details         ? 
_refine.pdbx_starting_model                      ? 
_refine.pdbx_stereochem_target_val_spec_case     ? 
_refine.solvent_model_param_bsol                 ? 
_refine.solvent_model_param_ksol                 ? 
_refine.occupancy_max                            ? 
_refine.occupancy_min                            ? 
_refine.pdbx_isotropic_thermal_model             ? 
_refine.B_iso_min                                ? 
_refine.B_iso_max                                ? 
_refine.overall_SU_R_Cruickshank_DPI             ? 
_refine.overall_SU_R_free                        ? 
_refine.pdbx_data_cutoff_high_rms_absF           ? 
_refine.ls_wR_factor_R_free                      ? 
_refine.ls_wR_factor_R_work                      ? 
_refine.overall_FOM_free_R_set                   ? 
_refine.overall_FOM_work_R_set                   ? 
_refine.pdbx_refine_id                           'X-RAY DIFFRACTION' 
_refine.pdbx_TLS_residual_ADP_flag               'LIKELY RESIDUAL' 
_refine.pdbx_diffrn_id                           1 
_refine.pdbx_overall_phase_error                 ? 
_refine.pdbx_overall_SU_R_free_Cruickshank_DPI   ? 
_refine.pdbx_overall_SU_R_Blow_DPI               ? 
_refine.pdbx_overall_SU_R_free_Blow_DPI          ? 
# 
_refine_hist.pdbx_refine_id                   'X-RAY DIFFRACTION' 
_refine_hist.cycle_id                         LAST 
_refine_hist.pdbx_number_atoms_protein        1189 
_refine_hist.pdbx_number_atoms_nucleic_acid   0 
_refine_hist.pdbx_number_atoms_ligand         0 
_refine_hist.number_atoms_solvent             72 
_refine_hist.number_atoms_total               1261 
_refine_hist.d_res_high                       1.998 
_refine_hist.d_res_low                        62.620 
# 
loop_
_refine_ls_restr.type 
_refine_ls_restr.number 
_refine_ls_restr.dev_ideal 
_refine_ls_restr.dev_ideal_target 
_refine_ls_restr.weight 
_refine_ls_restr.pdbx_refine_id 
_refine_ls_restr.pdbx_restraint_function 
r_bond_refined_d         1215 0.009  0.022  ? 'X-RAY DIFFRACTION' ? 
r_angle_refined_deg      1634 1.060  1.977  ? 'X-RAY DIFFRACTION' ? 
r_dihedral_angle_1_deg   144  5.822  5.000  ? 'X-RAY DIFFRACTION' ? 
r_dihedral_angle_2_deg   60   34.372 24.000 ? 'X-RAY DIFFRACTION' ? 
r_dihedral_angle_3_deg   237  14.942 15.000 ? 'X-RAY DIFFRACTION' ? 
r_dihedral_angle_4_deg   9    23.589 15.000 ? 'X-RAY DIFFRACTION' ? 
r_chiral_restr           175  0.095  0.200  ? 'X-RAY DIFFRACTION' ? 
r_gen_planes_refined     908  0.004  0.020  ? 'X-RAY DIFFRACTION' ? 
r_nbd_refined            591  0.259  0.300  ? 'X-RAY DIFFRACTION' ? 
r_nbtor_refined          849  0.321  0.500  ? 'X-RAY DIFFRACTION' ? 
r_xyhbond_nbd_refined    104  0.192  0.500  ? 'X-RAY DIFFRACTION' ? 
r_symmetry_vdw_refined   23   0.225  0.300  ? 'X-RAY DIFFRACTION' ? 
r_symmetry_hbond_refined 7    0.177  0.500  ? 'X-RAY DIFFRACTION' ? 
r_mcbond_it              740  3.919  1.500  ? 'X-RAY DIFFRACTION' ? 
r_mcangle_it             1175 5.006  2.000  ? 'X-RAY DIFFRACTION' ? 
r_scbond_it              518  7.095  3.000  ? 'X-RAY DIFFRACTION' ? 
r_scangle_it             459  9.833  4.500  ? 'X-RAY DIFFRACTION' ? 
# 
_refine_ls_shell.d_res_high                       1.998 
_refine_ls_shell.d_res_low                        2.050 
_refine_ls_shell.pdbx_total_number_of_bins_used   20 
_refine_ls_shell.percent_reflns_obs               85.820 
_refine_ls_shell.number_reflns_R_work             695 
_refine_ls_shell.R_factor_all                     ? 
_refine_ls_shell.R_factor_R_work                  0.317 
_refine_ls_shell.R_factor_R_free                  0.270 
_refine_ls_shell.percent_reflns_R_free            ? 
_refine_ls_shell.number_reflns_R_free             31 
_refine_ls_shell.R_factor_R_free_error            ? 
_refine_ls_shell.number_reflns_all                ? 
_refine_ls_shell.number_reflns_obs                726 
_refine_ls_shell.redundancy_reflns_obs            ? 
_refine_ls_shell.pdbx_refine_id                   'X-RAY DIFFRACTION' 
# 
_struct.entry_id                  2QEV 
_struct.title                     'Crystal Structure of Anopheles gambiae D7r4' 
_struct.pdbx_model_details        ? 
_struct.pdbx_CASP_flag            N 
_struct.pdbx_model_type_details   ? 
# 
_struct_keywords.entry_id        2QEV 
_struct_keywords.pdbx_keywords   'LIGAND BINDING PROTEIN' 
_struct_keywords.text            'All-helical, Odorant-binding protein, LIGAND BINDING PROTEIN' 
# 
loop_
_struct_asym.id 
_struct_asym.pdbx_blank_PDB_chainid_flag 
_struct_asym.pdbx_modified 
_struct_asym.entity_id 
_struct_asym.details 
A N N 1 ? 
B N N 2 ? 
# 
_struct_ref.id                         1 
_struct_ref.entity_id                  1 
_struct_ref.db_name                    UNP 
_struct_ref.db_code                    Q9BIH3_ANOGA 
_struct_ref.pdbx_db_accession          Q9BIH3 
_struct_ref.pdbx_align_begin           22 
_struct_ref.pdbx_seq_one_letter_code   
;ETVQDCENKLPPSLKSRLCEIRRYEIIEGPEMDKHIHCVMRALDFVYEDGRGDYHKLYDPLNIIELDKRHDVNLEKCIGE
CVQVPTSERAHVFYKCLLKSTTGRTFKKVFDLMELKKAGKVPQHQRYTAEFVQIMKDYDKALNC
;
_struct_ref.pdbx_db_isoform            ? 
# 
_struct_ref_seq.align_id                      1 
_struct_ref_seq.ref_id                        1 
_struct_ref_seq.pdbx_PDB_id_code              2QEV 
_struct_ref_seq.pdbx_strand_id                A 
_struct_ref_seq.seq_align_beg                 2 
_struct_ref_seq.pdbx_seq_align_beg_ins_code   ? 
_struct_ref_seq.seq_align_end                 145 
_struct_ref_seq.pdbx_seq_align_end_ins_code   ? 
_struct_ref_seq.pdbx_db_accession             Q9BIH3 
_struct_ref_seq.db_align_beg                  22 
_struct_ref_seq.pdbx_db_align_beg_ins_code    ? 
_struct_ref_seq.db_align_end                  165 
_struct_ref_seq.pdbx_db_align_end_ins_code    ? 
_struct_ref_seq.pdbx_auth_seq_align_beg       1 
_struct_ref_seq.pdbx_auth_seq_align_end       144 
# 
_struct_ref_seq_dif.align_id                     1 
_struct_ref_seq_dif.pdbx_pdb_id_code             2QEV 
_struct_ref_seq_dif.mon_id                       MET 
_struct_ref_seq_dif.pdbx_pdb_strand_id           A 
_struct_ref_seq_dif.seq_num                      1 
_struct_ref_seq_dif.pdbx_pdb_ins_code            ? 
_struct_ref_seq_dif.pdbx_seq_db_name             UNP 
_struct_ref_seq_dif.pdbx_seq_db_accession_code   Q9BIH3 
_struct_ref_seq_dif.db_mon_id                    ? 
_struct_ref_seq_dif.pdbx_seq_db_seq_num          ? 
_struct_ref_seq_dif.details                      'initiating methionine' 
_struct_ref_seq_dif.pdbx_auth_seq_num            0 
_struct_ref_seq_dif.pdbx_ordinal                 1 
# 
_pdbx_struct_assembly.id                   1 
_pdbx_struct_assembly.details              author_defined_assembly 
_pdbx_struct_assembly.method_details       ? 
_pdbx_struct_assembly.oligomeric_details   monomeric 
_pdbx_struct_assembly.oligomeric_count     1 
# 
_pdbx_struct_assembly_gen.assembly_id       1 
_pdbx_struct_assembly_gen.oper_expression   1 
_pdbx_struct_assembly_gen.asym_id_list      A,B 
# 
_pdbx_struct_oper_list.id                   1 
_pdbx_struct_oper_list.type                 'identity operation' 
_pdbx_struct_oper_list.name                 1_555 
_pdbx_struct_oper_list.symmetry_operation   x,y,z 
_pdbx_struct_oper_list.matrix[1][1]         1.0000000000 
_pdbx_struct_oper_list.matrix[1][2]         0.0000000000 
_pdbx_struct_oper_list.matrix[1][3]         0.0000000000 
_pdbx_struct_oper_list.vector[1]            0.0000000000 
_pdbx_struct_oper_list.matrix[2][1]         0.0000000000 
_pdbx_struct_oper_list.matrix[2][2]         1.0000000000 
_pdbx_struct_oper_list.matrix[2][3]         0.0000000000 
_pdbx_struct_oper_list.vector[2]            0.0000000000 
_pdbx_struct_oper_list.matrix[3][1]         0.0000000000 
_pdbx_struct_oper_list.matrix[3][2]         0.0000000000 
_pdbx_struct_oper_list.matrix[3][3]         1.0000000000 
_pdbx_struct_oper_list.vector[3]            0.0000000000 
# 
_struct_biol.id        1 
_struct_biol.details   ? 
# 
loop_
_struct_conf.conf_type_id 
_struct_conf.id 
_struct_conf.pdbx_PDB_helix_id 
_struct_conf.beg_label_comp_id 
_struct_conf.beg_label_asym_id 
_struct_conf.beg_label_seq_id 
_struct_conf.pdbx_beg_PDB_ins_code 
_struct_conf.end_label_comp_id 
_struct_conf.end_label_asym_id 
_struct_conf.end_label_seq_id 
_struct_conf.pdbx_end_PDB_ins_code 
_struct_conf.beg_auth_comp_id 
_struct_conf.beg_auth_asym_id 
_struct_conf.beg_auth_seq_id 
_struct_conf.end_auth_comp_id 
_struct_conf.end_auth_asym_id 
_struct_conf.end_auth_seq_id 
_struct_conf.pdbx_PDB_helix_class 
_struct_conf.details 
_struct_conf.pdbx_PDB_helix_length 
HELX_P HELX_P1 1 THR A 3   ? GLU A 8   ? THR A 2   GLU A 7   1 ? 6  
HELX_P HELX_P2 2 PRO A 12  ? SER A 17  ? PRO A 11  SER A 16  1 ? 6  
HELX_P HELX_P3 3 ARG A 18  ? ARG A 24  ? ARG A 17  ARG A 23  1 ? 7  
HELX_P HELX_P4 4 PRO A 31  ? LEU A 44  ? PRO A 30  LEU A 43  1 ? 14 
HELX_P HELX_P5 5 ASP A 54  ? GLU A 66  ? ASP A 53  GLU A 65  1 ? 13 
HELX_P HELX_P6 6 LYS A 69  ? GLN A 84  ? LYS A 68  GLN A 83  1 ? 16 
HELX_P HELX_P7 7 GLU A 89  ? SER A 101 ? GLU A 88  SER A 100 1 ? 13 
HELX_P HELX_P8 8 THR A 103 ? GLY A 120 ? THR A 102 GLY A 119 1 ? 18 
HELX_P HELX_P9 9 THR A 129 ? ALA A 142 ? THR A 128 ALA A 141 1 ? 14 
# 
_struct_conf_type.id          HELX_P 
_struct_conf_type.criteria    ? 
_struct_conf_type.reference   ? 
# 
loop_
_struct_conn.id 
_struct_conn.conn_type_id 
_struct_conn.pdbx_leaving_atom_flag 
_struct_conn.pdbx_PDB_id 
_struct_conn.ptnr1_label_asym_id 
_struct_conn.ptnr1_label_comp_id 
_struct_conn.ptnr1_label_seq_id 
_struct_conn.ptnr1_label_atom_id 
_struct_conn.pdbx_ptnr1_label_alt_id 
_struct_conn.pdbx_ptnr1_PDB_ins_code 
_struct_conn.pdbx_ptnr1_standard_comp_id 
_struct_conn.ptnr1_symmetry 
_struct_conn.ptnr2_label_asym_id 
_struct_conn.ptnr2_label_comp_id 
_struct_conn.ptnr2_label_seq_id 
_struct_conn.ptnr2_label_atom_id 
_struct_conn.pdbx_ptnr2_label_alt_id 
_struct_conn.pdbx_ptnr2_PDB_ins_code 
_struct_conn.ptnr1_auth_asym_id 
_struct_conn.ptnr1_auth_comp_id 
_struct_conn.ptnr1_auth_seq_id 
_struct_conn.ptnr2_auth_asym_id 
_struct_conn.ptnr2_auth_comp_id 
_struct_conn.ptnr2_auth_seq_id 
_struct_conn.ptnr2_symmetry 
_struct_conn.pdbx_ptnr3_label_atom_id 
_struct_conn.pdbx_ptnr3_label_seq_id 
_struct_conn.pdbx_ptnr3_label_comp_id 
_struct_conn.pdbx_ptnr3_label_asym_id 
_struct_conn.pdbx_ptnr3_label_alt_id 
_struct_conn.pdbx_ptnr3_PDB_ins_code 
_struct_conn.details 
_struct_conn.pdbx_dist_value 
_struct_conn.pdbx_value_order 
_struct_conn.pdbx_role 
disulf1 disulf ? ? A CYS 7  SG ? ? ? 1_555 A CYS 39  SG ? ? A CYS 6  A CYS 38  1_555 ? ? ? ? ? ? ? 2.042 ? ? 
disulf2 disulf ? ? A CYS 20 SG ? ? ? 1_555 A CYS 145 SG ? ? A CYS 19 A CYS 144 1_555 ? ? ? ? ? ? ? 2.053 ? ? 
disulf3 disulf ? ? A CYS 78 SG ? ? ? 1_555 A CYS 97  SG ? ? A CYS 77 A CYS 96  1_555 ? ? ? ? ? ? ? 2.040 ? ? 
# 
_struct_conn_type.id          disulf 
_struct_conn_type.criteria    ? 
_struct_conn_type.reference   ? 
# 
loop_
_pdbx_modification_feature.ordinal 
_pdbx_modification_feature.label_comp_id 
_pdbx_modification_feature.label_asym_id 
_pdbx_modification_feature.label_seq_id 
_pdbx_modification_feature.label_alt_id 
_pdbx_modification_feature.modified_residue_label_comp_id 
_pdbx_modification_feature.modified_residue_label_asym_id 
_pdbx_modification_feature.modified_residue_label_seq_id 
_pdbx_modification_feature.modified_residue_label_alt_id 
_pdbx_modification_feature.auth_comp_id 
_pdbx_modification_feature.auth_asym_id 
_pdbx_modification_feature.auth_seq_id 
_pdbx_modification_feature.PDB_ins_code 
_pdbx_modification_feature.symmetry 
_pdbx_modification_feature.modified_residue_auth_comp_id 
_pdbx_modification_feature.modified_residue_auth_asym_id 
_pdbx_modification_feature.modified_residue_auth_seq_id 
_pdbx_modification_feature.modified_residue_PDB_ins_code 
_pdbx_modification_feature.modified_residue_symmetry 
_pdbx_modification_feature.comp_id_linking_atom 
_pdbx_modification_feature.modified_residue_id_linking_atom 
_pdbx_modification_feature.modified_residue_id 
_pdbx_modification_feature.ref_pcm_id 
_pdbx_modification_feature.ref_comp_id 
_pdbx_modification_feature.type 
_pdbx_modification_feature.category 
1 CYS A 7  ? CYS A 39  ? CYS A 6  ? 1_555 CYS A 38  ? 1_555 SG SG . . . None 'Disulfide bridge' 
2 CYS A 20 ? CYS A 145 ? CYS A 19 ? 1_555 CYS A 144 ? 1_555 SG SG . . . None 'Disulfide bridge' 
3 CYS A 78 ? CYS A 97  ? CYS A 77 ? 1_555 CYS A 96  ? 1_555 SG SG . . . None 'Disulfide bridge' 
# 
_struct_mon_prot_cis.pdbx_id                1 
_struct_mon_prot_cis.label_comp_id          GLY 
_struct_mon_prot_cis.label_seq_id           30 
_struct_mon_prot_cis.label_asym_id          A 
_struct_mon_prot_cis.label_alt_id           . 
_struct_mon_prot_cis.pdbx_PDB_ins_code      ? 
_struct_mon_prot_cis.auth_comp_id           GLY 
_struct_mon_prot_cis.auth_seq_id            29 
_struct_mon_prot_cis.auth_asym_id           A 
_struct_mon_prot_cis.pdbx_label_comp_id_2   PRO 
_struct_mon_prot_cis.pdbx_label_seq_id_2    31 
_struct_mon_prot_cis.pdbx_label_asym_id_2   A 
_struct_mon_prot_cis.pdbx_PDB_ins_code_2    ? 
_struct_mon_prot_cis.pdbx_auth_comp_id_2    PRO 
_struct_mon_prot_cis.pdbx_auth_seq_id_2     30 
_struct_mon_prot_cis.pdbx_auth_asym_id_2    A 
_struct_mon_prot_cis.pdbx_PDB_model_num     1 
_struct_mon_prot_cis.pdbx_omega_angle       -4.43 
# 
_pdbx_entry_details.entry_id                   2QEV 
_pdbx_entry_details.compound_details           ? 
_pdbx_entry_details.source_details             ? 
_pdbx_entry_details.nonpolymer_details         ? 
_pdbx_entry_details.sequence_details           ? 
_pdbx_entry_details.has_ligand_of_interest     ? 
_pdbx_entry_details.has_protein_modification   Y 
# 
_pdbx_validate_planes.id              1 
_pdbx_validate_planes.PDB_model_num   1 
_pdbx_validate_planes.auth_comp_id    ARG 
_pdbx_validate_planes.auth_asym_id    A 
_pdbx_validate_planes.auth_seq_id     89 
_pdbx_validate_planes.PDB_ins_code    ? 
_pdbx_validate_planes.label_alt_id    ? 
_pdbx_validate_planes.rmsd            0.290 
_pdbx_validate_planes.type            'SIDE CHAIN' 
# 
loop_
_diffrn_reflns.diffrn_id 
_diffrn_reflns.pdbx_d_res_high 
_diffrn_reflns.pdbx_d_res_low 
_diffrn_reflns.pdbx_number_obs 
_diffrn_reflns.pdbx_Rmerge_I_obs 
_diffrn_reflns.pdbx_Rsym_value 
_diffrn_reflns.pdbx_chi_squared 
_diffrn_reflns.av_sigmaI_over_netI 
_diffrn_reflns.pdbx_redundancy 
_diffrn_reflns.pdbx_percent_possible_obs 
_diffrn_reflns.number 
_diffrn_reflns.pdbx_observed_criterion 
_diffrn_reflns.limit_h_max 
_diffrn_reflns.limit_h_min 
_diffrn_reflns.limit_k_max 
_diffrn_reflns.limit_k_min 
_diffrn_reflns.limit_l_max 
_diffrn_reflns.limit_l_min 
1 2.500 30.000 11430 0.039 ? 0.45 7.80 3.00 99.90 34578 ? ? ? ? ? ? ? 
2 2.500 30.000 11400 0.071 ? 0.76 6.60 4.90 99.90 56172 ? ? ? ? ? ? ? 
# 
loop_
_pdbx_diffrn_reflns_shell.diffrn_id 
_pdbx_diffrn_reflns_shell.d_res_high 
_pdbx_diffrn_reflns_shell.d_res_low 
_pdbx_diffrn_reflns_shell.number_obs 
_pdbx_diffrn_reflns_shell.rejects 
_pdbx_diffrn_reflns_shell.Rmerge_I_obs 
_pdbx_diffrn_reflns_shell.Rsym_value 
_pdbx_diffrn_reflns_shell.chi_squared 
_pdbx_diffrn_reflns_shell.redundancy 
_pdbx_diffrn_reflns_shell.percent_possible_obs 
1 5.38 30.00 ? ? 0.026 ? 0.544 2.90 99.30  
1 4.27 5.38  ? ? 0.028 ? 0.481 3.00 100.00 
1 3.73 4.27  ? ? 0.030 ? 0.440 3.10 99.90  
1 3.39 3.73  ? ? 0.036 ? 0.432 3.10 100.00 
1 3.15 3.39  ? ? 0.050 ? 0.565 3.10 100.00 
1 2.96 3.15  ? ? 0.067 ? 0.363 3.10 100.00 
1 2.82 2.96  ? ? 0.109 ? 0.365 3.10 100.00 
1 2.69 2.82  ? ? 0.166 ? 0.575 3.10 100.00 
1 2.59 2.69  ? ? 0.192 ? 0.356 3.00 100.00 
1 2.50 2.59  ? ? 0.259 ? 0.386 2.90 99.80  
2 5.38 30.00 ? ? 0.039 ? 1.016 4.80 99.50  
2 4.27 5.38  ? ? 0.049 ? 1.151 5.00 100.00 
2 3.73 4.27  ? ? 0.059 ? 1.107 5.00 100.00 
2 3.39 3.73  ? ? 0.077 ? 1.003 5.10 100.00 
2 3.15 3.39  ? ? 0.103 ? 0.755 5.10 100.00 
2 2.96 3.15  ? ? 0.136 ? 0.594 5.10 100.00 
2 2.82 2.96  ? ? 0.228 ? 0.488 5.10 100.00 
2 2.69 2.82  ? ? 0.338 ? 0.547 5.00 100.00 
2 2.59 2.69  ? ? 0.396 ? 0.431 4.90 100.00 
2 2.50 2.59  ? ? 0.546 ? 0.519 4.30 99.20  
# 
_pdbx_refine_tls.id               1 
_pdbx_refine_tls.details          ? 
_pdbx_refine_tls.method           refined 
_pdbx_refine_tls.origin_x         0.1256 
_pdbx_refine_tls.origin_y         0.3571 
_pdbx_refine_tls.origin_z         0.5962 
_pdbx_refine_tls.T[1][1]          -0.0747 
_pdbx_refine_tls.T[2][2]          -0.0357 
_pdbx_refine_tls.T[3][3]          0.0937 
_pdbx_refine_tls.T[1][2]          -0.0022 
_pdbx_refine_tls.T[1][3]          -0.0087 
_pdbx_refine_tls.T[2][3]          0.0466 
_pdbx_refine_tls.L[1][1]          2.4510 
_pdbx_refine_tls.L[2][2]          1.2364 
_pdbx_refine_tls.L[3][3]          0.4384 
_pdbx_refine_tls.L[1][2]          -0.9142 
_pdbx_refine_tls.L[1][3]          0.3070 
_pdbx_refine_tls.L[2][3]          -0.2119 
_pdbx_refine_tls.S[1][1]          0.0286 
_pdbx_refine_tls.S[2][2]          -0.0729 
_pdbx_refine_tls.S[3][3]          0.0443 
_pdbx_refine_tls.S[1][2]          0.1459 
_pdbx_refine_tls.S[1][3]          -0.4218 
_pdbx_refine_tls.S[2][3]          0.3164 
_pdbx_refine_tls.S[2][1]          -0.1291 
_pdbx_refine_tls.S[3][1]          0.0348 
_pdbx_refine_tls.S[3][2]          0.1623 
_pdbx_refine_tls.pdbx_refine_id   'X-RAY DIFFRACTION' 
# 
_pdbx_refine_tls_group.id                  1 
_pdbx_refine_tls_group.refine_tls_id       1 
_pdbx_refine_tls_group.beg_label_asym_id   A 
_pdbx_refine_tls_group.beg_label_seq_id    1 
_pdbx_refine_tls_group.end_label_asym_id   A 
_pdbx_refine_tls_group.end_label_seq_id    145 
_pdbx_refine_tls_group.selection           ? 
_pdbx_refine_tls_group.beg_auth_asym_id    A 
_pdbx_refine_tls_group.beg_auth_seq_id     0 
_pdbx_refine_tls_group.end_auth_asym_id    A 
_pdbx_refine_tls_group.end_auth_seq_id     144 
_pdbx_refine_tls_group.pdbx_refine_id      'X-RAY DIFFRACTION' 
_pdbx_refine_tls_group.selection_details   ? 
# 
loop_
_pdbx_phasing_MAD_set.id 
_pdbx_phasing_MAD_set.d_res_high 
_pdbx_phasing_MAD_set.d_res_low 
_pdbx_phasing_MAD_set.reflns_acentric 
_pdbx_phasing_MAD_set.loc_acentric 
_pdbx_phasing_MAD_set.power_acentric 
_pdbx_phasing_MAD_set.R_cullis_acentric 
_pdbx_phasing_MAD_set.reflns_centric 
_pdbx_phasing_MAD_set.loc_centric 
_pdbx_phasing_MAD_set.power_centric 
_pdbx_phasing_MAD_set.R_cullis_centric 
1 2.49 50.00 5448 0.000 0.000 1.670 492 0.000 0.000 1.000 
2 2.49 50.00 5445 3.400 1.020 0.810 492 4.800 0.890 0.740 
# 
loop_
_pdbx_phasing_MAD_set_shell.id 
_pdbx_phasing_MAD_set_shell.d_res_high 
_pdbx_phasing_MAD_set_shell.d_res_low 
_pdbx_phasing_MAD_set_shell.reflns_acentric 
_pdbx_phasing_MAD_set_shell.loc_acentric 
_pdbx_phasing_MAD_set_shell.power_acentric 
_pdbx_phasing_MAD_set_shell.R_cullis_acentric 
_pdbx_phasing_MAD_set_shell.reflns_centric 
_pdbx_phasing_MAD_set_shell.loc_centric 
_pdbx_phasing_MAD_set_shell.power_centric 
_pdbx_phasing_MAD_set_shell.R_cullis_centric 
1 14.77 50.00 16   0.200 0.000 1.010 10  0.100 0.000 1.000 
1 8.67  14.77 95   0.200 0.000 0.980 28  0.100 0.000 1.000 
1 6.13  8.67  226  0.200 0.000 1.960 41  0.100 0.000 1.000 
1 4.74  6.13  414  0.100 0.000 1.490 55  0.100 0.000 1.000 
1 3.87  4.74  675  0.100 0.000 1.220 69  0.000 0.000 1.000 
1 3.27  3.87  962  0.000 0.000 1.460 81  0.000 0.000 1.000 
1 2.83  3.27  1336 0.000 0.000 7.120 99  0.000 0.000 1.000 
1 2.49  2.83  1724 0.000 0.000 2.690 109 0.000 0.000 1.000 
2 14.77 50.00 16   6.800 1.990 0.520 10  9.700 1.900 0.700 
2 8.67  14.77 95   6.000 2.400 0.610 28  8.500 1.720 0.540 
2 6.13  8.67  226  4.400 2.520 0.530 41  4.500 2.180 0.470 
2 4.74  6.13  414  4.500 1.850 0.610 55  6.200 1.070 0.630 
2 3.87  4.74  675  4.700 1.140 0.780 69  5.800 0.710 0.790 
2 3.27  3.87  962  4.000 0.850 0.860 81  4.900 0.530 0.910 
2 2.83  3.27  1335 3.000 0.650 0.930 99  3.600 0.390 0.980 
2 2.49  2.83  1722 2.300 0.460 0.990 109 3.000 0.300 1.010 
# 
loop_
_pdbx_phasing_MAD_set_site.id 
_pdbx_phasing_MAD_set_site.atom_type_symbol 
_pdbx_phasing_MAD_set_site.fract_x 
_pdbx_phasing_MAD_set_site.fract_y 
_pdbx_phasing_MAD_set_site.fract_z 
_pdbx_phasing_MAD_set_site.b_iso 
_pdbx_phasing_MAD_set_site.occupancy 
1 Se 0.735 0.596 0.048 65.35519  0.000 
2 Se 0.885 0.677 0.274 61.07232  0.000 
3 Se 0.763 0.562 0.338 141.81461 0.000 
4 Se 0.883 0.816 0.094 83.95700  0.000 
5 Se 0.735 0.597 0.057 59.45215  0.157 
6 Se 0.886 0.677 0.277 72.06138  0.149 
7 Se 0.763 0.563 0.341 117.02042 0.164 
8 Se 0.883 0.819 0.093 84.49219  0.120 
# 
loop_
_pdbx_phasing_MAD_shell.d_res_high 
_pdbx_phasing_MAD_shell.d_res_low 
_pdbx_phasing_MAD_shell.reflns 
_pdbx_phasing_MAD_shell.fom 
_pdbx_phasing_MAD_shell.reflns_centric 
_pdbx_phasing_MAD_shell.fom_centric 
_pdbx_phasing_MAD_shell.reflns_acentric 
_pdbx_phasing_MAD_shell.fom_acentric 
14.77 50.00 26   0.781 10  0.737 16   0.808 
8.67  14.77 123  0.805 28  0.723 95   0.828 
6.13  8.67  267  0.818 41  0.634 226  0.851 
4.74  6.13  469  0.773 55  0.599 414  0.797 
3.87  4.74  744  0.634 69  0.396 675  0.658 
3.27  3.87  1043 0.492 81  0.263 962  0.512 
2.83  3.27  1435 0.310 99  0.125 1336 0.324 
2.49  2.83  1833 0.134 109 0.047 1724 0.140 
# 
_pdbx_phasing_dm.entry_id   2QEV 
_pdbx_phasing_dm.method     'Solvent flattening and Histogram matching' 
_pdbx_phasing_dm.reflns     5940 
# 
loop_
_pdbx_phasing_dm_shell.d_res_high 
_pdbx_phasing_dm_shell.d_res_low 
_pdbx_phasing_dm_shell.delta_phi_final 
_pdbx_phasing_dm_shell.delta_phi_initial 
_pdbx_phasing_dm_shell.fom_acentric 
_pdbx_phasing_dm_shell.fom_centric 
_pdbx_phasing_dm_shell.fom 
_pdbx_phasing_dm_shell.reflns_acentric 
_pdbx_phasing_dm_shell.reflns_centric 
_pdbx_phasing_dm_shell.reflns 
5.770 100.000 47.700 ? ? ? 0.887 ? ? 501 
4.560 5.770   38.900 ? ? ? 0.927 ? ? 506 
3.960 4.560   47.200 ? ? ? 0.903 ? ? 505 
3.590 3.960   46.200 ? ? ? 0.902 ? ? 504 
3.330 3.590   50.300 ? ? ? 0.888 ? ? 502 
3.130 3.330   54.300 ? ? ? 0.864 ? ? 502 
2.980 3.130   53.400 ? ? ? 0.886 ? ? 503 
2.840 2.980   60.200 ? ? ? 0.869 ? ? 515 
2.730 2.840   68.700 ? ? ? 0.856 ? ? 502 
2.640 2.730   72.500 ? ? ? 0.827 ? ? 512 
2.490 2.640   76.800 ? ? ? 0.799 ? ? 888 
# 
_phasing.method   MAD 
# 
_phasing_MAD.entry_id               2QEV 
_phasing_MAD.pdbx_d_res_high        2.49 
_phasing_MAD.pdbx_d_res_low         50.00 
_phasing_MAD.pdbx_reflns            5940 
_phasing_MAD.pdbx_fom               0.400 
_phasing_MAD.pdbx_reflns_centric    492 
_phasing_MAD.pdbx_fom_centric       0.310 
_phasing_MAD.pdbx_reflns_acentric   5448 
_phasing_MAD.pdbx_fom_acentric      0.408 
# 
loop_
_chem_comp_atom.comp_id 
_chem_comp_atom.atom_id 
_chem_comp_atom.type_symbol 
_chem_comp_atom.pdbx_aromatic_flag 
_chem_comp_atom.pdbx_stereo_config 
_chem_comp_atom.pdbx_ordinal 
ALA N    N N N 1   
ALA CA   C N S 2   
ALA C    C N N 3   
ALA O    O N N 4   
ALA CB   C N N 5   
ALA OXT  O N N 6   
ALA H    H N N 7   
ALA H2   H N N 8   
ALA HA   H N N 9   
ALA HB1  H N N 10  
ALA HB2  H N N 11  
ALA HB3  H N N 12  
ALA HXT  H N N 13  
ARG N    N N N 14  
ARG CA   C N S 15  
ARG C    C N N 16  
ARG O    O N N 17  
ARG CB   C N N 18  
ARG CG   C N N 19  
ARG CD   C N N 20  
ARG NE   N N N 21  
ARG CZ   C N N 22  
ARG NH1  N N N 23  
ARG NH2  N N N 24  
ARG OXT  O N N 25  
ARG H    H N N 26  
ARG H2   H N N 27  
ARG HA   H N N 28  
ARG HB2  H N N 29  
ARG HB3  H N N 30  
ARG HG2  H N N 31  
ARG HG3  H N N 32  
ARG HD2  H N N 33  
ARG HD3  H N N 34  
ARG HE   H N N 35  
ARG HH11 H N N 36  
ARG HH12 H N N 37  
ARG HH21 H N N 38  
ARG HH22 H N N 39  
ARG HXT  H N N 40  
ASN N    N N N 41  
ASN CA   C N S 42  
ASN C    C N N 43  
ASN O    O N N 44  
ASN CB   C N N 45  
ASN CG   C N N 46  
ASN OD1  O N N 47  
ASN ND2  N N N 48  
ASN OXT  O N N 49  
ASN H    H N N 50  
ASN H2   H N N 51  
ASN HA   H N N 52  
ASN HB2  H N N 53  
ASN HB3  H N N 54  
ASN HD21 H N N 55  
ASN HD22 H N N 56  
ASN HXT  H N N 57  
ASP N    N N N 58  
ASP CA   C N S 59  
ASP C    C N N 60  
ASP O    O N N 61  
ASP CB   C N N 62  
ASP CG   C N N 63  
ASP OD1  O N N 64  
ASP OD2  O N N 65  
ASP OXT  O N N 66  
ASP H    H N N 67  
ASP H2   H N N 68  
ASP HA   H N N 69  
ASP HB2  H N N 70  
ASP HB3  H N N 71  
ASP HD2  H N N 72  
ASP HXT  H N N 73  
CYS N    N N N 74  
CYS CA   C N R 75  
CYS C    C N N 76  
CYS O    O N N 77  
CYS CB   C N N 78  
CYS SG   S N N 79  
CYS OXT  O N N 80  
CYS H    H N N 81  
CYS H2   H N N 82  
CYS HA   H N N 83  
CYS HB2  H N N 84  
CYS HB3  H N N 85  
CYS HG   H N N 86  
CYS HXT  H N N 87  
GLN N    N N N 88  
GLN CA   C N S 89  
GLN C    C N N 90  
GLN O    O N N 91  
GLN CB   C N N 92  
GLN CG   C N N 93  
GLN CD   C N N 94  
GLN OE1  O N N 95  
GLN NE2  N N N 96  
GLN OXT  O N N 97  
GLN H    H N N 98  
GLN H2   H N N 99  
GLN HA   H N N 100 
GLN HB2  H N N 101 
GLN HB3  H N N 102 
GLN HG2  H N N 103 
GLN HG3  H N N 104 
GLN HE21 H N N 105 
GLN HE22 H N N 106 
GLN HXT  H N N 107 
GLU N    N N N 108 
GLU CA   C N S 109 
GLU C    C N N 110 
GLU O    O N N 111 
GLU CB   C N N 112 
GLU CG   C N N 113 
GLU CD   C N N 114 
GLU OE1  O N N 115 
GLU OE2  O N N 116 
GLU OXT  O N N 117 
GLU H    H N N 118 
GLU H2   H N N 119 
GLU HA   H N N 120 
GLU HB2  H N N 121 
GLU HB3  H N N 122 
GLU HG2  H N N 123 
GLU HG3  H N N 124 
GLU HE2  H N N 125 
GLU HXT  H N N 126 
GLY N    N N N 127 
GLY CA   C N N 128 
GLY C    C N N 129 
GLY O    O N N 130 
GLY OXT  O N N 131 
GLY H    H N N 132 
GLY H2   H N N 133 
GLY HA2  H N N 134 
GLY HA3  H N N 135 
GLY HXT  H N N 136 
HIS N    N N N 137 
HIS CA   C N S 138 
HIS C    C N N 139 
HIS O    O N N 140 
HIS CB   C N N 141 
HIS CG   C Y N 142 
HIS ND1  N Y N 143 
HIS CD2  C Y N 144 
HIS CE1  C Y N 145 
HIS NE2  N Y N 146 
HIS OXT  O N N 147 
HIS H    H N N 148 
HIS H2   H N N 149 
HIS HA   H N N 150 
HIS HB2  H N N 151 
HIS HB3  H N N 152 
HIS HD1  H N N 153 
HIS HD2  H N N 154 
HIS HE1  H N N 155 
HIS HE2  H N N 156 
HIS HXT  H N N 157 
HOH O    O N N 158 
HOH H1   H N N 159 
HOH H2   H N N 160 
ILE N    N N N 161 
ILE CA   C N S 162 
ILE C    C N N 163 
ILE O    O N N 164 
ILE CB   C N S 165 
ILE CG1  C N N 166 
ILE CG2  C N N 167 
ILE CD1  C N N 168 
ILE OXT  O N N 169 
ILE H    H N N 170 
ILE H2   H N N 171 
ILE HA   H N N 172 
ILE HB   H N N 173 
ILE HG12 H N N 174 
ILE HG13 H N N 175 
ILE HG21 H N N 176 
ILE HG22 H N N 177 
ILE HG23 H N N 178 
ILE HD11 H N N 179 
ILE HD12 H N N 180 
ILE HD13 H N N 181 
ILE HXT  H N N 182 
LEU N    N N N 183 
LEU CA   C N S 184 
LEU C    C N N 185 
LEU O    O N N 186 
LEU CB   C N N 187 
LEU CG   C N N 188 
LEU CD1  C N N 189 
LEU CD2  C N N 190 
LEU OXT  O N N 191 
LEU H    H N N 192 
LEU H2   H N N 193 
LEU HA   H N N 194 
LEU HB2  H N N 195 
LEU HB3  H N N 196 
LEU HG   H N N 197 
LEU HD11 H N N 198 
LEU HD12 H N N 199 
LEU HD13 H N N 200 
LEU HD21 H N N 201 
LEU HD22 H N N 202 
LEU HD23 H N N 203 
LEU HXT  H N N 204 
LYS N    N N N 205 
LYS CA   C N S 206 
LYS C    C N N 207 
LYS O    O N N 208 
LYS CB   C N N 209 
LYS CG   C N N 210 
LYS CD   C N N 211 
LYS CE   C N N 212 
LYS NZ   N N N 213 
LYS OXT  O N N 214 
LYS H    H N N 215 
LYS H2   H N N 216 
LYS HA   H N N 217 
LYS HB2  H N N 218 
LYS HB3  H N N 219 
LYS HG2  H N N 220 
LYS HG3  H N N 221 
LYS HD2  H N N 222 
LYS HD3  H N N 223 
LYS HE2  H N N 224 
LYS HE3  H N N 225 
LYS HZ1  H N N 226 
LYS HZ2  H N N 227 
LYS HZ3  H N N 228 
LYS HXT  H N N 229 
MET N    N N N 230 
MET CA   C N S 231 
MET C    C N N 232 
MET O    O N N 233 
MET CB   C N N 234 
MET CG   C N N 235 
MET SD   S N N 236 
MET CE   C N N 237 
MET OXT  O N N 238 
MET H    H N N 239 
MET H2   H N N 240 
MET HA   H N N 241 
MET HB2  H N N 242 
MET HB3  H N N 243 
MET HG2  H N N 244 
MET HG3  H N N 245 
MET HE1  H N N 246 
MET HE2  H N N 247 
MET HE3  H N N 248 
MET HXT  H N N 249 
PHE N    N N N 250 
PHE CA   C N S 251 
PHE C    C N N 252 
PHE O    O N N 253 
PHE CB   C N N 254 
PHE CG   C Y N 255 
PHE CD1  C Y N 256 
PHE CD2  C Y N 257 
PHE CE1  C Y N 258 
PHE CE2  C Y N 259 
PHE CZ   C Y N 260 
PHE OXT  O N N 261 
PHE H    H N N 262 
PHE H2   H N N 263 
PHE HA   H N N 264 
PHE HB2  H N N 265 
PHE HB3  H N N 266 
PHE HD1  H N N 267 
PHE HD2  H N N 268 
PHE HE1  H N N 269 
PHE HE2  H N N 270 
PHE HZ   H N N 271 
PHE HXT  H N N 272 
PRO N    N N N 273 
PRO CA   C N S 274 
PRO C    C N N 275 
PRO O    O N N 276 
PRO CB   C N N 277 
PRO CG   C N N 278 
PRO CD   C N N 279 
PRO OXT  O N N 280 
PRO H    H N N 281 
PRO HA   H N N 282 
PRO HB2  H N N 283 
PRO HB3  H N N 284 
PRO HG2  H N N 285 
PRO HG3  H N N 286 
PRO HD2  H N N 287 
PRO HD3  H N N 288 
PRO HXT  H N N 289 
SER N    N N N 290 
SER CA   C N S 291 
SER C    C N N 292 
SER O    O N N 293 
SER CB   C N N 294 
SER OG   O N N 295 
SER OXT  O N N 296 
SER H    H N N 297 
SER H2   H N N 298 
SER HA   H N N 299 
SER HB2  H N N 300 
SER HB3  H N N 301 
SER HG   H N N 302 
SER HXT  H N N 303 
THR N    N N N 304 
THR CA   C N S 305 
THR C    C N N 306 
THR O    O N N 307 
THR CB   C N R 308 
THR OG1  O N N 309 
THR CG2  C N N 310 
THR OXT  O N N 311 
THR H    H N N 312 
THR H2   H N N 313 
THR HA   H N N 314 
THR HB   H N N 315 
THR HG1  H N N 316 
THR HG21 H N N 317 
THR HG22 H N N 318 
THR HG23 H N N 319 
THR HXT  H N N 320 
TYR N    N N N 321 
TYR CA   C N S 322 
TYR C    C N N 323 
TYR O    O N N 324 
TYR CB   C N N 325 
TYR CG   C Y N 326 
TYR CD1  C Y N 327 
TYR CD2  C Y N 328 
TYR CE1  C Y N 329 
TYR CE2  C Y N 330 
TYR CZ   C Y N 331 
TYR OH   O N N 332 
TYR OXT  O N N 333 
TYR H    H N N 334 
TYR H2   H N N 335 
TYR HA   H N N 336 
TYR HB2  H N N 337 
TYR HB3  H N N 338 
TYR HD1  H N N 339 
TYR HD2  H N N 340 
TYR HE1  H N N 341 
TYR HE2  H N N 342 
TYR HH   H N N 343 
TYR HXT  H N N 344 
VAL N    N N N 345 
VAL CA   C N S 346 
VAL C    C N N 347 
VAL O    O N N 348 
VAL CB   C N N 349 
VAL CG1  C N N 350 
VAL CG2  C N N 351 
VAL OXT  O N N 352 
VAL H    H N N 353 
VAL H2   H N N 354 
VAL HA   H N N 355 
VAL HB   H N N 356 
VAL HG11 H N N 357 
VAL HG12 H N N 358 
VAL HG13 H N N 359 
VAL HG21 H N N 360 
VAL HG22 H N N 361 
VAL HG23 H N N 362 
VAL HXT  H N N 363 
# 
loop_
_chem_comp_bond.comp_id 
_chem_comp_bond.atom_id_1 
_chem_comp_bond.atom_id_2 
_chem_comp_bond.value_order 
_chem_comp_bond.pdbx_aromatic_flag 
_chem_comp_bond.pdbx_stereo_config 
_chem_comp_bond.pdbx_ordinal 
ALA N   CA   sing N N 1   
ALA N   H    sing N N 2   
ALA N   H2   sing N N 3   
ALA CA  C    sing N N 4   
ALA CA  CB   sing N N 5   
ALA CA  HA   sing N N 6   
ALA C   O    doub N N 7   
ALA C   OXT  sing N N 8   
ALA CB  HB1  sing N N 9   
ALA CB  HB2  sing N N 10  
ALA CB  HB3  sing N N 11  
ALA OXT HXT  sing N N 12  
ARG N   CA   sing N N 13  
ARG N   H    sing N N 14  
ARG N   H2   sing N N 15  
ARG CA  C    sing N N 16  
ARG CA  CB   sing N N 17  
ARG CA  HA   sing N N 18  
ARG C   O    doub N N 19  
ARG C   OXT  sing N N 20  
ARG CB  CG   sing N N 21  
ARG CB  HB2  sing N N 22  
ARG CB  HB3  sing N N 23  
ARG CG  CD   sing N N 24  
ARG CG  HG2  sing N N 25  
ARG CG  HG3  sing N N 26  
ARG CD  NE   sing N N 27  
ARG CD  HD2  sing N N 28  
ARG CD  HD3  sing N N 29  
ARG NE  CZ   sing N N 30  
ARG NE  HE   sing N N 31  
ARG CZ  NH1  sing N N 32  
ARG CZ  NH2  doub N N 33  
ARG NH1 HH11 sing N N 34  
ARG NH1 HH12 sing N N 35  
ARG NH2 HH21 sing N N 36  
ARG NH2 HH22 sing N N 37  
ARG OXT HXT  sing N N 38  
ASN N   CA   sing N N 39  
ASN N   H    sing N N 40  
ASN N   H2   sing N N 41  
ASN CA  C    sing N N 42  
ASN CA  CB   sing N N 43  
ASN CA  HA   sing N N 44  
ASN C   O    doub N N 45  
ASN C   OXT  sing N N 46  
ASN CB  CG   sing N N 47  
ASN CB  HB2  sing N N 48  
ASN CB  HB3  sing N N 49  
ASN CG  OD1  doub N N 50  
ASN CG  ND2  sing N N 51  
ASN ND2 HD21 sing N N 52  
ASN ND2 HD22 sing N N 53  
ASN OXT HXT  sing N N 54  
ASP N   CA   sing N N 55  
ASP N   H    sing N N 56  
ASP N   H2   sing N N 57  
ASP CA  C    sing N N 58  
ASP CA  CB   sing N N 59  
ASP CA  HA   sing N N 60  
ASP C   O    doub N N 61  
ASP C   OXT  sing N N 62  
ASP CB  CG   sing N N 63  
ASP CB  HB2  sing N N 64  
ASP CB  HB3  sing N N 65  
ASP CG  OD1  doub N N 66  
ASP CG  OD2  sing N N 67  
ASP OD2 HD2  sing N N 68  
ASP OXT HXT  sing N N 69  
CYS N   CA   sing N N 70  
CYS N   H    sing N N 71  
CYS N   H2   sing N N 72  
CYS CA  C    sing N N 73  
CYS CA  CB   sing N N 74  
CYS CA  HA   sing N N 75  
CYS C   O    doub N N 76  
CYS C   OXT  sing N N 77  
CYS CB  SG   sing N N 78  
CYS CB  HB2  sing N N 79  
CYS CB  HB3  sing N N 80  
CYS SG  HG   sing N N 81  
CYS OXT HXT  sing N N 82  
GLN N   CA   sing N N 83  
GLN N   H    sing N N 84  
GLN N   H2   sing N N 85  
GLN CA  C    sing N N 86  
GLN CA  CB   sing N N 87  
GLN CA  HA   sing N N 88  
GLN C   O    doub N N 89  
GLN C   OXT  sing N N 90  
GLN CB  CG   sing N N 91  
GLN CB  HB2  sing N N 92  
GLN CB  HB3  sing N N 93  
GLN CG  CD   sing N N 94  
GLN CG  HG2  sing N N 95  
GLN CG  HG3  sing N N 96  
GLN CD  OE1  doub N N 97  
GLN CD  NE2  sing N N 98  
GLN NE2 HE21 sing N N 99  
GLN NE2 HE22 sing N N 100 
GLN OXT HXT  sing N N 101 
GLU N   CA   sing N N 102 
GLU N   H    sing N N 103 
GLU N   H2   sing N N 104 
GLU CA  C    sing N N 105 
GLU CA  CB   sing N N 106 
GLU CA  HA   sing N N 107 
GLU C   O    doub N N 108 
GLU C   OXT  sing N N 109 
GLU CB  CG   sing N N 110 
GLU CB  HB2  sing N N 111 
GLU CB  HB3  sing N N 112 
GLU CG  CD   sing N N 113 
GLU CG  HG2  sing N N 114 
GLU CG  HG3  sing N N 115 
GLU CD  OE1  doub N N 116 
GLU CD  OE2  sing N N 117 
GLU OE2 HE2  sing N N 118 
GLU OXT HXT  sing N N 119 
GLY N   CA   sing N N 120 
GLY N   H    sing N N 121 
GLY N   H2   sing N N 122 
GLY CA  C    sing N N 123 
GLY CA  HA2  sing N N 124 
GLY CA  HA3  sing N N 125 
GLY C   O    doub N N 126 
GLY C   OXT  sing N N 127 
GLY OXT HXT  sing N N 128 
HIS N   CA   sing N N 129 
HIS N   H    sing N N 130 
HIS N   H2   sing N N 131 
HIS CA  C    sing N N 132 
HIS CA  CB   sing N N 133 
HIS CA  HA   sing N N 134 
HIS C   O    doub N N 135 
HIS C   OXT  sing N N 136 
HIS CB  CG   sing N N 137 
HIS CB  HB2  sing N N 138 
HIS CB  HB3  sing N N 139 
HIS CG  ND1  sing Y N 140 
HIS CG  CD2  doub Y N 141 
HIS ND1 CE1  doub Y N 142 
HIS ND1 HD1  sing N N 143 
HIS CD2 NE2  sing Y N 144 
HIS CD2 HD2  sing N N 145 
HIS CE1 NE2  sing Y N 146 
HIS CE1 HE1  sing N N 147 
HIS NE2 HE2  sing N N 148 
HIS OXT HXT  sing N N 149 
HOH O   H1   sing N N 150 
HOH O   H2   sing N N 151 
ILE N   CA   sing N N 152 
ILE N   H    sing N N 153 
ILE N   H2   sing N N 154 
ILE CA  C    sing N N 155 
ILE CA  CB   sing N N 156 
ILE CA  HA   sing N N 157 
ILE C   O    doub N N 158 
ILE C   OXT  sing N N 159 
ILE CB  CG1  sing N N 160 
ILE CB  CG2  sing N N 161 
ILE CB  HB   sing N N 162 
ILE CG1 CD1  sing N N 163 
ILE CG1 HG12 sing N N 164 
ILE CG1 HG13 sing N N 165 
ILE CG2 HG21 sing N N 166 
ILE CG2 HG22 sing N N 167 
ILE CG2 HG23 sing N N 168 
ILE CD1 HD11 sing N N 169 
ILE CD1 HD12 sing N N 170 
ILE CD1 HD13 sing N N 171 
ILE OXT HXT  sing N N 172 
LEU N   CA   sing N N 173 
LEU N   H    sing N N 174 
LEU N   H2   sing N N 175 
LEU CA  C    sing N N 176 
LEU CA  CB   sing N N 177 
LEU CA  HA   sing N N 178 
LEU C   O    doub N N 179 
LEU C   OXT  sing N N 180 
LEU CB  CG   sing N N 181 
LEU CB  HB2  sing N N 182 
LEU CB  HB3  sing N N 183 
LEU CG  CD1  sing N N 184 
LEU CG  CD2  sing N N 185 
LEU CG  HG   sing N N 186 
LEU CD1 HD11 sing N N 187 
LEU CD1 HD12 sing N N 188 
LEU CD1 HD13 sing N N 189 
LEU CD2 HD21 sing N N 190 
LEU CD2 HD22 sing N N 191 
LEU CD2 HD23 sing N N 192 
LEU OXT HXT  sing N N 193 
LYS N   CA   sing N N 194 
LYS N   H    sing N N 195 
LYS N   H2   sing N N 196 
LYS CA  C    sing N N 197 
LYS CA  CB   sing N N 198 
LYS CA  HA   sing N N 199 
LYS C   O    doub N N 200 
LYS C   OXT  sing N N 201 
LYS CB  CG   sing N N 202 
LYS CB  HB2  sing N N 203 
LYS CB  HB3  sing N N 204 
LYS CG  CD   sing N N 205 
LYS CG  HG2  sing N N 206 
LYS CG  HG3  sing N N 207 
LYS CD  CE   sing N N 208 
LYS CD  HD2  sing N N 209 
LYS CD  HD3  sing N N 210 
LYS CE  NZ   sing N N 211 
LYS CE  HE2  sing N N 212 
LYS CE  HE3  sing N N 213 
LYS NZ  HZ1  sing N N 214 
LYS NZ  HZ2  sing N N 215 
LYS NZ  HZ3  sing N N 216 
LYS OXT HXT  sing N N 217 
MET N   CA   sing N N 218 
MET N   H    sing N N 219 
MET N   H2   sing N N 220 
MET CA  C    sing N N 221 
MET CA  CB   sing N N 222 
MET CA  HA   sing N N 223 
MET C   O    doub N N 224 
MET C   OXT  sing N N 225 
MET CB  CG   sing N N 226 
MET CB  HB2  sing N N 227 
MET CB  HB3  sing N N 228 
MET CG  SD   sing N N 229 
MET CG  HG2  sing N N 230 
MET CG  HG3  sing N N 231 
MET SD  CE   sing N N 232 
MET CE  HE1  sing N N 233 
MET CE  HE2  sing N N 234 
MET CE  HE3  sing N N 235 
MET OXT HXT  sing N N 236 
PHE N   CA   sing N N 237 
PHE N   H    sing N N 238 
PHE N   H2   sing N N 239 
PHE CA  C    sing N N 240 
PHE CA  CB   sing N N 241 
PHE CA  HA   sing N N 242 
PHE C   O    doub N N 243 
PHE C   OXT  sing N N 244 
PHE CB  CG   sing N N 245 
PHE CB  HB2  sing N N 246 
PHE CB  HB3  sing N N 247 
PHE CG  CD1  doub Y N 248 
PHE CG  CD2  sing Y N 249 
PHE CD1 CE1  sing Y N 250 
PHE CD1 HD1  sing N N 251 
PHE CD2 CE2  doub Y N 252 
PHE CD2 HD2  sing N N 253 
PHE CE1 CZ   doub Y N 254 
PHE CE1 HE1  sing N N 255 
PHE CE2 CZ   sing Y N 256 
PHE CE2 HE2  sing N N 257 
PHE CZ  HZ   sing N N 258 
PHE OXT HXT  sing N N 259 
PRO N   CA   sing N N 260 
PRO N   CD   sing N N 261 
PRO N   H    sing N N 262 
PRO CA  C    sing N N 263 
PRO CA  CB   sing N N 264 
PRO CA  HA   sing N N 265 
PRO C   O    doub N N 266 
PRO C   OXT  sing N N 267 
PRO CB  CG   sing N N 268 
PRO CB  HB2  sing N N 269 
PRO CB  HB3  sing N N 270 
PRO CG  CD   sing N N 271 
PRO CG  HG2  sing N N 272 
PRO CG  HG3  sing N N 273 
PRO CD  HD2  sing N N 274 
PRO CD  HD3  sing N N 275 
PRO OXT HXT  sing N N 276 
SER N   CA   sing N N 277 
SER N   H    sing N N 278 
SER N   H2   sing N N 279 
SER CA  C    sing N N 280 
SER CA  CB   sing N N 281 
SER CA  HA   sing N N 282 
SER C   O    doub N N 283 
SER C   OXT  sing N N 284 
SER CB  OG   sing N N 285 
SER CB  HB2  sing N N 286 
SER CB  HB3  sing N N 287 
SER OG  HG   sing N N 288 
SER OXT HXT  sing N N 289 
THR N   CA   sing N N 290 
THR N   H    sing N N 291 
THR N   H2   sing N N 292 
THR CA  C    sing N N 293 
THR CA  CB   sing N N 294 
THR CA  HA   sing N N 295 
THR C   O    doub N N 296 
THR C   OXT  sing N N 297 
THR CB  OG1  sing N N 298 
THR CB  CG2  sing N N 299 
THR CB  HB   sing N N 300 
THR OG1 HG1  sing N N 301 
THR CG2 HG21 sing N N 302 
THR CG2 HG22 sing N N 303 
THR CG2 HG23 sing N N 304 
THR OXT HXT  sing N N 305 
TYR N   CA   sing N N 306 
TYR N   H    sing N N 307 
TYR N   H2   sing N N 308 
TYR CA  C    sing N N 309 
TYR CA  CB   sing N N 310 
TYR CA  HA   sing N N 311 
TYR C   O    doub N N 312 
TYR C   OXT  sing N N 313 
TYR CB  CG   sing N N 314 
TYR CB  HB2  sing N N 315 
TYR CB  HB3  sing N N 316 
TYR CG  CD1  doub Y N 317 
TYR CG  CD2  sing Y N 318 
TYR CD1 CE1  sing Y N 319 
TYR CD1 HD1  sing N N 320 
TYR CD2 CE2  doub Y N 321 
TYR CD2 HD2  sing N N 322 
TYR CE1 CZ   doub Y N 323 
TYR CE1 HE1  sing N N 324 
TYR CE2 CZ   sing Y N 325 
TYR CE2 HE2  sing N N 326 
TYR CZ  OH   sing N N 327 
TYR OH  HH   sing N N 328 
TYR OXT HXT  sing N N 329 
VAL N   CA   sing N N 330 
VAL N   H    sing N N 331 
VAL N   H2   sing N N 332 
VAL CA  C    sing N N 333 
VAL CA  CB   sing N N 334 
VAL CA  HA   sing N N 335 
VAL C   O    doub N N 336 
VAL C   OXT  sing N N 337 
VAL CB  CG1  sing N N 338 
VAL CB  CG2  sing N N 339 
VAL CB  HB   sing N N 340 
VAL CG1 HG11 sing N N 341 
VAL CG1 HG12 sing N N 342 
VAL CG1 HG13 sing N N 343 
VAL CG2 HG21 sing N N 344 
VAL CG2 HG22 sing N N 345 
VAL CG2 HG23 sing N N 346 
VAL OXT HXT  sing N N 347 
# 
_atom_sites.entry_id                    2QEV 
_atom_sites.fract_transf_matrix[1][1]   -0.00492391 
_atom_sites.fract_transf_matrix[1][2]   0.01263048 
_atom_sites.fract_transf_matrix[1][3]   -0.00842493 
_atom_sites.fract_transf_matrix[2][1]   -0.00554957 
_atom_sites.fract_transf_matrix[2][2]   -0.00974132 
_atom_sites.fract_transf_matrix[2][3]   -0.01136056 
_atom_sites.fract_transf_matrix[3][1]   -0.02069982 
_atom_sites.fract_transf_matrix[3][2]   -0.00084279 
_atom_sites.fract_transf_matrix[3][3]   0.01083442 
_atom_sites.fract_transf_vector[1]      0.134852 
_atom_sites.fract_transf_vector[2]      -0.346844 
_atom_sites.fract_transf_vector[3]      0.013841 
# 
loop_
_atom_type.symbol 
C 
N 
O 
S 
# 
loop_
_atom_site.group_PDB 
_atom_site.id 
_atom_site.type_symbol 
_atom_site.label_atom_id 
_atom_site.label_alt_id 
_atom_site.label_comp_id 
_atom_site.label_asym_id 
_atom_site.label_entity_id 
_atom_site.label_seq_id 
_atom_site.pdbx_PDB_ins_code 
_atom_site.Cartn_x 
_atom_site.Cartn_y 
_atom_site.Cartn_z 
_atom_site.occupancy 
_atom_site.B_iso_or_equiv 
_atom_site.pdbx_formal_charge 
_atom_site.auth_seq_id 
_atom_site.auth_comp_id 
_atom_site.auth_asym_id 
_atom_site.auth_atom_id 
_atom_site.pdbx_PDB_model_num 
ATOM   1    N N   . MET A 1 1   ? 3.817   7.381   -12.758 1.00 64.63 ? 0   MET A N   1 
ATOM   2    C CA  . MET A 1 1   ? 3.346   7.037   -14.095 1.00 69.44 ? 0   MET A CA  1 
ATOM   3    C C   . MET A 1 1   ? 1.863   6.682   -14.082 1.00 70.04 ? 0   MET A C   1 
ATOM   4    O O   . MET A 1 1   ? 1.030   7.442   -14.574 1.00 74.14 ? 0   MET A O   1 
ATOM   5    N N   . GLU A 1 2   ? 1.542   5.524   -13.514 1.00 62.76 ? 1   GLU A N   1 
ATOM   6    C CA  . GLU A 1 2   ? 0.168   5.034   -13.499 1.00 60.69 ? 1   GLU A CA  1 
ATOM   7    C C   . GLU A 1 2   ? -0.386  4.993   -12.079 1.00 60.96 ? 1   GLU A C   1 
ATOM   8    O O   . GLU A 1 2   ? 0.146   4.297   -11.214 1.00 62.56 ? 1   GLU A O   1 
ATOM   9    C CB  . GLU A 1 2   ? 0.088   3.645   -14.135 1.00 58.40 ? 1   GLU A CB  1 
ATOM   10   C CG  . GLU A 1 2   ? -1.236  2.933   -13.907 1.00 55.56 ? 1   GLU A CG  1 
ATOM   11   C CD  . GLU A 1 2   ? -1.158  1.449   -14.199 1.00 60.67 ? 1   GLU A CD  1 
ATOM   12   O OE1 . GLU A 1 2   ? -0.143  0.821   -13.829 1.00 56.40 ? 1   GLU A OE1 1 
ATOM   13   O OE2 . GLU A 1 2   ? -2.111  0.907   -14.797 1.00 58.26 ? 1   GLU A OE2 1 
ATOM   14   N N   . THR A 1 3   ? -1.456  5.745   -11.845 1.00 56.28 ? 2   THR A N   1 
ATOM   15   C CA  . THR A 1 3   ? -1.892  6.058   -10.489 1.00 52.58 ? 2   THR A CA  1 
ATOM   16   C C   . THR A 1 3   ? -2.697  4.911   -9.890  1.00 50.87 ? 2   THR A C   1 
ATOM   17   O O   . THR A 1 3   ? -3.263  4.093   -10.614 1.00 54.22 ? 2   THR A O   1 
ATOM   18   C CB  . THR A 1 3   ? -2.740  7.343   -10.451 1.00 49.06 ? 2   THR A CB  1 
ATOM   19   O OG1 . THR A 1 3   ? -3.920  7.163   -11.243 1.00 54.24 ? 2   THR A OG1 1 
ATOM   20   C CG2 . THR A 1 3   ? -1.946  8.522   -10.992 1.00 57.50 ? 2   THR A CG2 1 
ATOM   21   N N   . VAL A 1 4   ? -2.742  4.856   -8.563  1.00 48.63 ? 3   VAL A N   1 
ATOM   22   C CA  . VAL A 1 4   ? -3.626  3.926   -7.862  1.00 39.95 ? 3   VAL A CA  1 
ATOM   23   C C   . VAL A 1 4   ? -5.043  3.969   -8.457  1.00 43.86 ? 3   VAL A C   1 
ATOM   24   O O   . VAL A 1 4   ? -5.695  2.937   -8.592  1.00 38.75 ? 3   VAL A O   1 
ATOM   25   C CB  . VAL A 1 4   ? -3.688  4.227   -6.351  1.00 36.93 ? 3   VAL A CB  1 
ATOM   26   C CG1 . VAL A 1 4   ? -4.864  3.490   -5.696  1.00 39.69 ? 3   VAL A CG1 1 
ATOM   27   C CG2 . VAL A 1 4   ? -2.372  3.862   -5.679  1.00 30.69 ? 3   VAL A CG2 1 
ATOM   28   N N   . GLN A 1 5   ? -5.502  5.170   -8.797  1.00 48.48 ? 4   GLN A N   1 
ATOM   29   C CA  . GLN A 1 5   ? -6.773  5.375   -9.512  1.00 53.89 ? 4   GLN A CA  1 
ATOM   30   C C   . GLN A 1 5   ? -6.849  4.581   -10.817 1.00 53.54 ? 4   GLN A C   1 
ATOM   31   O O   . GLN A 1 5   ? -7.899  4.043   -11.164 1.00 53.06 ? 4   GLN A O   1 
ATOM   32   C CB  . GLN A 1 5   ? -6.963  6.858   -9.820  1.00 51.15 ? 4   GLN A CB  1 
ATOM   33   C CG  . GLN A 1 5   ? -8.413  7.277   -10.077 1.00 60.28 ? 4   GLN A CG  1 
ATOM   34   C CD  . GLN A 1 5   ? -8.637  8.771   -9.851  1.00 72.78 ? 4   GLN A CD  1 
ATOM   35   O OE1 . GLN A 1 5   ? -8.210  9.328   -8.836  1.00 76.03 ? 4   GLN A OE1 1 
ATOM   36   N NE2 . GLN A 1 5   ? -9.310  9.423   -10.797 1.00 75.10 ? 4   GLN A NE2 1 
ATOM   37   N N   . ASP A 1 6   ? -5.730  4.526   -11.539 1.00 53.90 ? 5   ASP A N   1 
ATOM   38   C CA  . ASP A 1 6   ? -5.638  3.768   -12.784 1.00 52.15 ? 5   ASP A CA  1 
ATOM   39   C C   . ASP A 1 6   ? -5.776  2.267   -12.544 1.00 53.56 ? 5   ASP A C   1 
ATOM   40   O O   . ASP A 1 6   ? -6.308  1.546   -13.390 1.00 56.00 ? 5   ASP A O   1 
ATOM   41   C CB  . ASP A 1 6   ? -4.316  4.057   -13.502 1.00 50.08 ? 5   ASP A CB  1 
ATOM   42   C CG  . ASP A 1 6   ? -4.269  5.441   -14.113 1.00 59.25 ? 5   ASP A CG  1 
ATOM   43   O OD1 . ASP A 1 6   ? -5.343  5.976   -14.474 1.00 57.82 ? 5   ASP A OD1 1 
ATOM   44   O OD2 . ASP A 1 6   ? -3.152  5.994   -14.241 1.00 64.15 ? 5   ASP A OD2 1 
ATOM   45   N N   . CYS A 1 7   ? -5.299  1.796   -11.394 1.00 50.38 ? 6   CYS A N   1 
ATOM   46   C CA  . CYS A 1 7   ? -5.409  0.379   -11.054 1.00 49.76 ? 6   CYS A CA  1 
ATOM   47   C C   . CYS A 1 7   ? -6.837  -0.005  -10.672 1.00 49.72 ? 6   CYS A C   1 
ATOM   48   O O   . CYS A 1 7   ? -7.318  -1.086  -11.016 1.00 49.15 ? 6   CYS A O   1 
ATOM   49   C CB  . CYS A 1 7   ? -4.454  0.008   -9.912  1.00 54.60 ? 6   CYS A CB  1 
ATOM   50   S SG  . CYS A 1 7   ? -2.736  0.495   -10.169 1.00 49.11 ? 6   CYS A SG  1 
ATOM   51   N N   . GLU A 1 8   ? -7.496  0.871   -9.930  1.00 46.23 ? 7   GLU A N   1 
ATOM   52   C CA  . GLU A 1 8   ? -8.901  0.669   -9.585  1.00 56.25 ? 7   GLU A CA  1 
ATOM   53   C C   . GLU A 1 8   ? -9.797  0.715   -10.832 1.00 57.39 ? 7   GLU A C   1 
ATOM   54   O O   . GLU A 1 8   ? -10.982 0.372   -10.781 1.00 57.02 ? 7   GLU A O   1 
ATOM   55   C CB  . GLU A 1 8   ? -9.339  1.708   -8.548  1.00 53.43 ? 7   GLU A CB  1 
ATOM   56   C CG  . GLU A 1 8   ? -8.277  1.958   -7.467  1.00 53.51 ? 7   GLU A CG  1 
ATOM   57   C CD  . GLU A 1 8   ? -8.826  2.657   -6.240  1.00 54.08 ? 7   GLU A CD  1 
ATOM   58   O OE1 . GLU A 1 8   ? -9.456  3.728   -6.393  1.00 47.16 ? 7   GLU A OE1 1 
ATOM   59   O OE2 . GLU A 1 8   ? -8.620  2.139   -5.119  1.00 43.45 ? 7   GLU A OE2 1 
ATOM   60   N N   . ASN A 1 9   ? -9.216  1.138   -11.950 1.00 61.70 ? 8   ASN A N   1 
ATOM   61   C CA  . ASN A 1 9   ? -9.945  1.249   -13.210 1.00 65.22 ? 8   ASN A CA  1 
ATOM   62   C C   . ASN A 1 9   ? -9.760  0.009   -14.087 1.00 67.76 ? 8   ASN A C   1 
ATOM   63   O O   . ASN A 1 9   ? -10.304 -0.065  -15.191 1.00 71.57 ? 8   ASN A O   1 
ATOM   64   C CB  . ASN A 1 9   ? -9.492  2.491   -13.984 1.00 64.37 ? 8   ASN A CB  1 
ATOM   65   C CG  . ASN A 1 9   ? -10.039 3.784   -13.405 1.00 50.98 ? 8   ASN A CG  1 
ATOM   66   O OD1 . ASN A 1 9   ? -10.937 3.781   -12.559 1.00 47.29 ? 8   ASN A OD1 1 
ATOM   67   N ND2 . ASN A 1 9   ? -9.495  4.902   -13.864 1.00 39.42 ? 8   ASN A ND2 1 
ATOM   68   N N   . LYS A 1 10  ? -8.993  -0.957  -13.590 1.00 66.56 ? 9   LYS A N   1 
ATOM   69   C CA  . LYS A 1 10  ? -8.866  -2.250  -14.250 1.00 65.21 ? 9   LYS A CA  1 
ATOM   70   C C   . LYS A 1 10  ? -9.579  -3.344  -13.463 1.00 66.74 ? 9   LYS A C   1 
ATOM   71   O O   . LYS A 1 10  ? -9.845  -4.427  -13.985 1.00 71.96 ? 9   LYS A O   1 
ATOM   72   C CB  . LYS A 1 10  ? -7.391  -2.613  -14.437 1.00 66.51 ? 9   LYS A CB  1 
ATOM   73   C CG  . LYS A 1 10  ? -6.518  -1.453  -14.884 1.00 66.57 ? 9   LYS A CG  1 
ATOM   74   C CD  . LYS A 1 10  ? -5.042  -1.782  -14.734 1.00 64.16 ? 9   LYS A CD  1 
ATOM   75   C CE  . LYS A 1 10  ? -4.187  -0.919  -15.648 1.00 70.59 ? 9   LYS A CE  1 
ATOM   76   N NZ  . LYS A 1 10  ? -2.881  -1.563  -15.958 1.00 74.95 ? 9   LYS A NZ  1 
ATOM   77   N N   . LEU A 1 11  ? -9.887  -3.054  -12.202 1.00 67.80 ? 10  LEU A N   1 
ATOM   78   C CA  . LEU A 1 11  ? -10.545 -4.021  -11.333 1.00 68.46 ? 10  LEU A CA  1 
ATOM   79   C C   . LEU A 1 11  ? -11.644 -4.772  -12.075 1.00 71.64 ? 10  LEU A C   1 
ATOM   80   O O   . LEU A 1 11  ? -12.677 -4.197  -12.423 1.00 68.09 ? 10  LEU A O   1 
ATOM   81   C CB  . LEU A 1 11  ? -11.125 -3.325  -10.099 1.00 64.90 ? 10  LEU A CB  1 
ATOM   82   C CG  . LEU A 1 11  ? -10.611 -3.809  -8.743  1.00 62.10 ? 10  LEU A CG  1 
ATOM   83   C CD1 . LEU A 1 11  ? -9.183  -4.319  -8.859  1.00 51.25 ? 10  LEU A CD1 1 
ATOM   84   C CD2 . LEU A 1 11  ? -10.706 -2.701  -7.705  1.00 60.88 ? 10  LEU A CD2 1 
ATOM   85   N N   . PRO A 1 12  ? -11.417 -6.059  -12.316 1.00 75.32 ? 11  PRO A N   1 
ATOM   86   C CA  . PRO A 1 12  ? -12.484 -6.960  -12.761 1.00 78.10 ? 11  PRO A CA  1 
ATOM   87   C C   . PRO A 1 12  ? -13.778 -6.734  -11.984 1.00 78.08 ? 11  PRO A C   1 
ATOM   88   O O   . PRO A 1 12  ? -13.744 -6.574  -10.764 1.00 78.58 ? 11  PRO A O   1 
ATOM   89   C CB  . PRO A 1 12  ? -11.918 -8.346  -12.447 1.00 78.43 ? 11  PRO A CB  1 
ATOM   90   C CG  . PRO A 1 12  ? -10.444 -8.169  -12.525 1.00 78.77 ? 11  PRO A CG  1 
ATOM   91   C CD  . PRO A 1 12  ? -10.168 -6.782  -12.018 1.00 77.63 ? 11  PRO A CD  1 
ATOM   92   N N   . PRO A 1 13  ? -14.903 -6.723  -12.691 1.00 77.11 ? 12  PRO A N   1 
ATOM   93   C CA  . PRO A 1 13  ? -16.205 -6.479  -12.063 1.00 73.96 ? 12  PRO A CA  1 
ATOM   94   C C   . PRO A 1 13  ? -16.384 -7.168  -10.709 1.00 70.29 ? 12  PRO A C   1 
ATOM   95   O O   . PRO A 1 13  ? -17.051 -6.621  -9.815  1.00 66.24 ? 12  PRO A O   1 
ATOM   96   C CB  . PRO A 1 13  ? -17.189 -7.063  -13.078 1.00 75.43 ? 12  PRO A CB  1 
ATOM   97   C CG  . PRO A 1 13  ? -16.503 -6.896  -14.392 1.00 77.52 ? 12  PRO A CG  1 
ATOM   98   C CD  . PRO A 1 13  ? -15.027 -7.027  -14.130 1.00 78.01 ? 12  PRO A CD  1 
ATOM   99   N N   . SER A 1 14  ? -15.800 -8.362  -10.571 1.00 68.88 ? 13  SER A N   1 
ATOM   100  C CA  . SER A 1 14  ? -15.888 -9.127  -9.327  1.00 68.39 ? 13  SER A CA  1 
ATOM   101  C C   . SER A 1 14  ? -15.319 -8.372  -8.123  1.00 68.69 ? 13  SER A C   1 
ATOM   102  O O   . SER A 1 14  ? -15.787 -8.543  -6.992  1.00 68.27 ? 13  SER A O   1 
ATOM   103  C CB  . SER A 1 14  ? -15.177 -10.478 -9.481  1.00 68.71 ? 13  SER A CB  1 
ATOM   104  O OG  . SER A 1 14  ? -13.850 -10.319 -9.963  1.00 66.79 ? 13  SER A OG  1 
ATOM   105  N N   . LEU A 1 15  ? -14.305 -7.544  -8.378  1.00 64.37 ? 14  LEU A N   1 
ATOM   106  C CA  . LEU A 1 15  ? -13.579 -6.836  -7.322  1.00 60.11 ? 14  LEU A CA  1 
ATOM   107  C C   . LEU A 1 15  ? -14.083 -5.406  -7.154  1.00 57.67 ? 14  LEU A C   1 
ATOM   108  O O   . LEU A 1 15  ? -13.998 -4.833  -6.068  1.00 57.12 ? 14  LEU A O   1 
ATOM   109  C CB  . LEU A 1 15  ? -12.082 -6.804  -7.642  1.00 60.70 ? 14  LEU A CB  1 
ATOM   110  C CG  . LEU A 1 15  ? -11.334 -8.137  -7.680  1.00 60.94 ? 14  LEU A CG  1 
ATOM   111  C CD1 . LEU A 1 15  ? -9.880  -7.917  -8.095  1.00 67.29 ? 14  LEU A CD1 1 
ATOM   112  C CD2 . LEU A 1 15  ? -11.417 -8.830  -6.328  1.00 60.63 ? 14  LEU A CD2 1 
ATOM   113  N N   . LYS A 1 16  ? -14.608 -4.830  -8.233  1.00 57.65 ? 15  LYS A N   1 
ATOM   114  C CA  . LYS A 1 16  ? -14.960 -3.415  -8.237  1.00 54.76 ? 15  LYS A CA  1 
ATOM   115  C C   . LYS A 1 16  ? -16.044 -3.111  -7.209  1.00 55.71 ? 15  LYS A C   1 
ATOM   116  O O   . LYS A 1 16  ? -16.150 -1.989  -6.711  1.00 50.57 ? 15  LYS A O   1 
ATOM   117  C CB  . LYS A 1 16  ? -15.386 -2.969  -9.631  1.00 58.14 ? 15  LYS A CB  1 
ATOM   118  C CG  . LYS A 1 16  ? -15.078 -1.503  -9.931  1.00 69.91 ? 15  LYS A CG  1 
ATOM   119  C CD  . LYS A 1 16  ? -15.055 -1.233  -11.432 1.00 84.87 ? 15  LYS A CD  1 
ATOM   120  C CE  . LYS A 1 16  ? -13.942 -2.017  -12.120 1.00 80.36 ? 15  LYS A CE  1 
ATOM   121  N NZ  . LYS A 1 16  ? -14.125 -2.082  -13.601 1.00 78.29 ? 15  LYS A NZ  1 
ATOM   122  N N   . SER A 1 17  ? -16.840 -4.126  -6.886  1.00 54.23 ? 16  SER A N   1 
ATOM   123  C CA  . SER A 1 17  ? -17.924 -3.987  -5.914  1.00 55.94 ? 16  SER A CA  1 
ATOM   124  C C   . SER A 1 17  ? -17.432 -4.121  -4.473  1.00 52.83 ? 16  SER A C   1 
ATOM   125  O O   . SER A 1 17  ? -18.179 -3.865  -3.525  1.00 51.88 ? 16  SER A O   1 
ATOM   126  C CB  . SER A 1 17  ? -19.030 -5.013  -6.192  1.00 58.83 ? 16  SER A CB  1 
ATOM   127  O OG  . SER A 1 17  ? -18.482 -6.311  -6.386  1.00 65.23 ? 16  SER A OG  1 
ATOM   128  N N   . ARG A 1 18  ? -16.172 -4.521  -4.314  1.00 51.08 ? 17  ARG A N   1 
ATOM   129  C CA  . ARG A 1 18  ? -15.555 -4.603  -2.993  1.00 47.91 ? 17  ARG A CA  1 
ATOM   130  C C   . ARG A 1 18  ? -14.411 -3.585  -2.811  1.00 48.43 ? 17  ARG A C   1 
ATOM   131  O O   . ARG A 1 18  ? -13.514 -3.789  -1.993  1.00 44.02 ? 17  ARG A O   1 
ATOM   132  C CB  . ARG A 1 18  ? -15.068 -6.029  -2.717  1.00 50.47 ? 17  ARG A CB  1 
ATOM   133  C CG  . ARG A 1 18  ? -16.096 -7.131  -3.072  1.00 49.22 ? 17  ARG A CG  1 
ATOM   134  C CD  . ARG A 1 18  ? -15.459 -8.510  -2.993  1.00 52.94 ? 17  ARG A CD  1 
ATOM   135  N NE  . ARG A 1 18  ? -15.121 -8.850  -1.613  1.00 55.29 ? 17  ARG A NE  1 
ATOM   136  C CZ  . ARG A 1 18  ? -14.518 -9.971  -1.235  1.00 57.71 ? 17  ARG A CZ  1 
ATOM   137  N NH1 . ARG A 1 18  ? -14.172 -10.884 -2.137  1.00 50.71 ? 17  ARG A NH1 1 
ATOM   138  N NH2 . ARG A 1 18  ? -14.260 -10.175 0.051   1.00 43.71 ? 17  ARG A NH2 1 
ATOM   139  N N   . LEU A 1 19  ? -14.461 -2.486  -3.560  1.00 51.09 ? 18  LEU A N   1 
ATOM   140  C CA  . LEU A 1 19  ? -13.418 -1.448  -3.497  1.00 43.61 ? 18  LEU A CA  1 
ATOM   141  C C   . LEU A 1 19  ? -13.189 -0.932  -2.081  1.00 46.26 ? 18  LEU A C   1 
ATOM   142  O O   . LEU A 1 19  ? -12.050 -0.715  -1.662  1.00 42.21 ? 18  LEU A O   1 
ATOM   143  C CB  . LEU A 1 19  ? -13.774 -0.272  -4.408  1.00 50.94 ? 18  LEU A CB  1 
ATOM   144  C CG  . LEU A 1 19  ? -12.755 0.871   -4.495  1.00 43.44 ? 18  LEU A CG  1 
ATOM   145  C CD1 . LEU A 1 19  ? -11.499 0.424   -5.237  1.00 56.45 ? 18  LEU A CD1 1 
ATOM   146  C CD2 . LEU A 1 19  ? -13.373 2.088   -5.160  1.00 57.40 ? 18  LEU A CD2 1 
ATOM   147  N N   . CYS A 1 20  ? -14.268 -0.709  -1.342  1.00 36.56 ? 19  CYS A N   1 
ATOM   148  C CA  . CYS A 1 20  ? -14.118 -0.173  -0.001  1.00 43.50 ? 19  CYS A CA  1 
ATOM   149  C C   . CYS A 1 20  ? -13.391 -1.116  0.964   1.00 42.15 ? 19  CYS A C   1 
ATOM   150  O O   . CYS A 1 20  ? -12.616 -0.669  1.806   1.00 44.51 ? 19  CYS A O   1 
ATOM   151  C CB  . CYS A 1 20  ? -15.450 0.319   0.551   1.00 41.71 ? 19  CYS A CB  1 
ATOM   152  S SG  . CYS A 1 20  ? -16.274 1.506   -0.559  1.00 45.32 ? 19  CYS A SG  1 
ATOM   153  N N   . GLU A 1 21  ? -13.637 -2.417  0.837   1.00 46.14 ? 20  GLU A N   1 
ATOM   154  C CA  . GLU A 1 21  ? -12.849 -3.416  1.550   1.00 38.49 ? 20  GLU A CA  1 
ATOM   155  C C   . GLU A 1 21  ? -11.351 -3.327  1.252   1.00 40.07 ? 20  GLU A C   1 
ATOM   156  O O   . GLU A 1 21  ? -10.516 -3.367  2.163   1.00 39.86 ? 20  GLU A O   1 
ATOM   157  C CB  . GLU A 1 21  ? -13.378 -4.818  1.242   1.00 49.25 ? 20  GLU A CB  1 
ATOM   158  C CG  . GLU A 1 21  ? -14.882 -4.934  1.437   1.00 46.77 ? 20  GLU A CG  1 
ATOM   159  C CD  . GLU A 1 21  ? -15.457 -6.213  0.849   1.00 63.50 ? 20  GLU A CD  1 
ATOM   160  O OE1 . GLU A 1 21  ? -14.696 -7.200  0.679   1.00 53.24 ? 20  GLU A OE1 1 
ATOM   161  O OE2 . GLU A 1 21  ? -16.673 -6.222  0.560   1.00 56.85 ? 20  GLU A OE2 1 
ATOM   162  N N   . ILE A 1 22  ? -11.007 -3.221  -0.025  1.00 39.55 ? 21  ILE A N   1 
ATOM   163  C CA  . ILE A 1 22  ? -9.603  -3.174  -0.428  1.00 44.30 ? 21  ILE A CA  1 
ATOM   164  C C   . ILE A 1 22  ? -8.933  -1.901  0.134   1.00 40.14 ? 21  ILE A C   1 
ATOM   165  O O   . ILE A 1 22  ? -7.848  -1.945  0.722   1.00 40.91 ? 21  ILE A O   1 
ATOM   166  C CB  . ILE A 1 22  ? -9.496  -3.162  -1.972  1.00 43.31 ? 21  ILE A CB  1 
ATOM   167  C CG1 . ILE A 1 22  ? -10.324 -4.285  -2.585  1.00 45.15 ? 21  ILE A CG1 1 
ATOM   168  C CG2 . ILE A 1 22  ? -8.056  -3.246  -2.421  1.00 50.24 ? 21  ILE A CG2 1 
ATOM   169  C CD1 . ILE A 1 22  ? -9.866  -4.668  -3.995  1.00 42.17 ? 21  ILE A CD1 1 
ATOM   170  N N   . ARG A 1 23  ? -9.599  -0.772  -0.048  1.00 36.91 ? 22  ARG A N   1 
ATOM   171  C CA  . ARG A 1 23  ? -9.049  0.515   0.339   1.00 37.51 ? 22  ARG A CA  1 
ATOM   172  C C   . ARG A 1 23  ? -8.990  0.631   1.857   1.00 42.44 ? 22  ARG A C   1 
ATOM   173  O O   . ARG A 1 23  ? -8.338  1.535   2.405   1.00 37.98 ? 22  ARG A O   1 
ATOM   174  C CB  . ARG A 1 23  ? -9.896  1.632   -0.275  1.00 39.61 ? 22  ARG A CB  1 
ATOM   175  C CG  . ARG A 1 23  ? -9.695  1.800   -1.785  1.00 31.45 ? 22  ARG A CG  1 
ATOM   176  C CD  . ARG A 1 23  ? -10.375 3.096   -2.283  1.00 31.60 ? 22  ARG A CD  1 
ATOM   177  N NE  . ARG A 1 23  ? -9.769  4.268   -1.656  1.00 31.05 ? 22  ARG A NE  1 
ATOM   178  C CZ  . ARG A 1 23  ? -8.625  4.837   -2.030  1.00 38.21 ? 22  ARG A CZ  1 
ATOM   179  N NH1 . ARG A 1 23  ? -7.918  4.370   -3.051  1.00 29.25 ? 22  ARG A NH1 1 
ATOM   180  N NH2 . ARG A 1 23  ? -8.170  5.879   -1.361  1.00 30.27 ? 22  ARG A NH2 1 
ATOM   181  N N   . ARG A 1 24  ? -9.676  -0.294  2.529   1.00 31.72 ? 23  ARG A N   1 
ATOM   182  C CA  . ARG A 1 24  ? -9.666  -0.404  3.991   1.00 38.98 ? 23  ARG A CA  1 
ATOM   183  C C   . ARG A 1 24  ? -8.554  -1.364  4.431   1.00 33.14 ? 23  ARG A C   1 
ATOM   184  O O   . ARG A 1 24  ? -8.377  -1.604  5.625   1.00 35.23 ? 23  ARG A O   1 
ATOM   185  C CB  . ARG A 1 24  ? -11.016 -0.970  4.489   1.00 37.23 ? 23  ARG A CB  1 
ATOM   186  C CG  . ARG A 1 24  ? -12.091 0.070   4.771   1.00 50.43 ? 23  ARG A CG  1 
ATOM   187  C CD  . ARG A 1 24  ? -13.254 -0.574  5.550   1.00 51.05 ? 23  ARG A CD  1 
ATOM   188  N NE  . ARG A 1 24  ? -13.747 -1.799  4.909   1.00 67.96 ? 23  ARG A NE  1 
ATOM   189  C CZ  . ARG A 1 24  ? -15.000 -1.913  4.428   1.00 77.44 ? 23  ARG A CZ  1 
ATOM   190  N NH1 . ARG A 1 24  ? -15.891 -0.875  4.519   1.00 74.23 ? 23  ARG A NH1 1 
ATOM   191  N NH2 . ARG A 1 24  ? -15.365 -3.064  3.857   1.00 70.15 ? 23  ARG A NH2 1 
ATOM   192  N N   . TYR A 1 25  ? -7.813  -1.891  3.455   1.00 30.18 ? 24  TYR A N   1 
ATOM   193  C CA  . TYR A 1 25  ? -6.705  -2.809  3.680   1.00 33.26 ? 24  TYR A CA  1 
ATOM   194  C C   . TYR A 1 25  ? -7.132  -4.232  4.064   1.00 40.57 ? 24  TYR A C   1 
ATOM   195  O O   . TYR A 1 25  ? -6.330  -5.031  4.559   1.00 45.57 ? 24  TYR A O   1 
ATOM   196  C CB  . TYR A 1 25  ? -5.671  -2.229  4.650   1.00 33.55 ? 24  TYR A CB  1 
ATOM   197  C CG  . TYR A 1 25  ? -5.011  -0.975  4.106   1.00 31.97 ? 24  TYR A CG  1 
ATOM   198  C CD1 . TYR A 1 25  ? -3.946  -1.054  3.208   1.00 39.93 ? 24  TYR A CD1 1 
ATOM   199  C CD2 . TYR A 1 25  ? -5.461  0.285   4.478   1.00 32.32 ? 24  TYR A CD2 1 
ATOM   200  C CE1 . TYR A 1 25  ? -3.342  0.088   2.705   1.00 36.58 ? 24  TYR A CE1 1 
ATOM   201  C CE2 . TYR A 1 25  ? -4.859  1.442   3.968   1.00 28.46 ? 24  TYR A CE2 1 
ATOM   202  C CZ  . TYR A 1 25  ? -3.815  1.335   3.089   1.00 33.52 ? 24  TYR A CZ  1 
ATOM   203  O OH  . TYR A 1 25  ? -3.234  2.493   2.605   1.00 41.13 ? 24  TYR A OH  1 
ATOM   204  N N   . GLU A 1 26  ? -8.389  -4.559  3.795   1.00 41.62 ? 25  GLU A N   1 
ATOM   205  C CA  . GLU A 1 26  ? -8.858  -5.925  3.980   1.00 41.69 ? 25  GLU A CA  1 
ATOM   206  C C   . GLU A 1 26  ? -8.299  -6.864  2.929   1.00 37.54 ? 25  GLU A C   1 
ATOM   207  O O   . GLU A 1 26  ? -8.190  -6.509  1.753   1.00 39.98 ? 25  GLU A O   1 
ATOM   208  C CB  . GLU A 1 26  ? -10.381 -5.975  4.027   1.00 41.13 ? 25  GLU A CB  1 
ATOM   209  C CG  . GLU A 1 26  ? -10.942 -5.324  5.270   1.00 46.84 ? 25  GLU A CG  1 
ATOM   210  C CD  . GLU A 1 26  ? -12.388 -4.915  5.088   1.00 58.06 ? 25  GLU A CD  1 
ATOM   211  O OE1 . GLU A 1 26  ? -12.951 -5.268  4.021   1.00 62.53 ? 25  GLU A OE1 1 
ATOM   212  O OE2 . GLU A 1 26  ? -12.954 -4.240  6.000   1.00 63.80 ? 25  GLU A OE2 1 
ATOM   213  N N   . ILE A 1 27  ? -7.928  -8.063  3.369   1.00 45.42 ? 26  ILE A N   1 
ATOM   214  C CA  . ILE A 1 27  ? -7.238  -9.028  2.511   1.00 44.78 ? 26  ILE A CA  1 
ATOM   215  C C   . ILE A 1 27  ? -8.201  -9.908  1.691   1.00 46.29 ? 26  ILE A C   1 
ATOM   216  O O   . ILE A 1 27  ? -9.170  -10.452 2.216   1.00 38.89 ? 26  ILE A O   1 
ATOM   217  C CB  . ILE A 1 27  ? -6.292  -9.941  3.324   1.00 50.10 ? 26  ILE A CB  1 
ATOM   218  C CG1 . ILE A 1 27  ? -5.488  -9.123  4.341   1.00 52.54 ? 26  ILE A CG1 1 
ATOM   219  C CG2 . ILE A 1 27  ? -5.378  -10.718 2.391   1.00 44.29 ? 26  ILE A CG2 1 
ATOM   220  C CD1 . ILE A 1 27  ? -4.442  -8.197  3.715   1.00 51.07 ? 26  ILE A CD1 1 
ATOM   221  N N   . ILE A 1 28  ? -7.900  -10.035 0.402   1.00 46.24 ? 27  ILE A N   1 
ATOM   222  C CA  . ILE A 1 28  ? -8.725  -10.762 -0.553  1.00 49.67 ? 27  ILE A CA  1 
ATOM   223  C C   . ILE A 1 28  ? -7.744  -11.453 -1.498  1.00 52.44 ? 27  ILE A C   1 
ATOM   224  O O   . ILE A 1 28  ? -6.786  -10.834 -1.966  1.00 46.64 ? 27  ILE A O   1 
ATOM   225  C CB  . ILE A 1 28  ? -9.634  -9.791  -1.363  1.00 49.03 ? 27  ILE A CB  1 
ATOM   226  C CG1 . ILE A 1 28  ? -10.409 -8.867  -0.421  1.00 50.60 ? 27  ILE A CG1 1 
ATOM   227  C CG2 . ILE A 1 28  ? -10.597 -10.561 -2.259  1.00 47.51 ? 27  ILE A CG2 1 
ATOM   228  C CD1 . ILE A 1 28  ? -11.313 -7.877  -1.128  1.00 48.89 ? 27  ILE A CD1 1 
ATOM   229  N N   . GLU A 1 29  ? -7.969  -12.740 -1.761  1.00 59.29 ? 28  GLU A N   1 
ATOM   230  C CA  . GLU A 1 29  ? -6.989  -13.560 -2.471  1.00 57.57 ? 28  GLU A CA  1 
ATOM   231  C C   . GLU A 1 29  ? -7.186  -13.572 -3.990  1.00 59.25 ? 28  GLU A C   1 
ATOM   232  O O   . GLU A 1 29  ? -8.292  -13.329 -4.486  1.00 57.44 ? 28  GLU A O   1 
ATOM   233  C CB  . GLU A 1 29  ? -6.957  -14.975 -1.897  1.00 58.86 ? 28  GLU A CB  1 
ATOM   234  C CG  . GLU A 1 29  ? -6.554  -15.022 -0.426  1.00 60.32 ? 28  GLU A CG  1 
ATOM   235  C CD  . GLU A 1 29  ? -5.091  -14.667 -0.208  1.00 62.05 ? 28  GLU A CD  1 
ATOM   236  O OE1 . GLU A 1 29  ? -4.340  -14.609 -1.207  1.00 50.89 ? 28  GLU A OE1 1 
ATOM   237  O OE2 . GLU A 1 29  ? -4.696  -14.445 0.958   1.00 52.47 ? 28  GLU A OE2 1 
ATOM   238  N N   . GLY A 1 30  ? -6.107  -13.851 -4.718  1.00 58.65 ? 29  GLY A N   1 
ATOM   239  C CA  . GLY A 1 30  ? -5.987  -13.447 -6.119  1.00 62.00 ? 29  GLY A CA  1 
ATOM   240  C C   . GLY A 1 30  ? -6.396  -14.520 -7.105  1.00 65.46 ? 29  GLY A C   1 
ATOM   241  O O   . GLY A 1 30  ? -7.343  -15.265 -6.853  1.00 69.94 ? 29  GLY A O   1 
ATOM   242  N N   . PRO A 1 31  ? -5.692  -14.601 -8.250  1.00 65.21 ? 30  PRO A N   1 
ATOM   243  C CA  . PRO A 1 31  ? -4.630  -13.688 -8.661  1.00 64.89 ? 30  PRO A CA  1 
ATOM   244  C C   . PRO A 1 31  ? -5.185  -12.462 -9.382  1.00 63.29 ? 30  PRO A C   1 
ATOM   245  O O   . PRO A 1 31  ? -4.439  -11.735 -10.048 1.00 61.41 ? 30  PRO A O   1 
ATOM   246  C CB  . PRO A 1 31  ? -3.821  -14.535 -9.641  1.00 68.04 ? 30  PRO A CB  1 
ATOM   247  C CG  . PRO A 1 31  ? -4.841  -15.419 -10.282 1.00 64.38 ? 30  PRO A CG  1 
ATOM   248  C CD  . PRO A 1 31  ? -5.923  -15.659 -9.252  1.00 65.71 ? 30  PRO A CD  1 
ATOM   249  N N   . GLU A 1 32  ? -6.492  -12.255 -9.262  1.00 60.28 ? 31  GLU A N   1 
ATOM   250  C CA  . GLU A 1 32  ? -7.099  -10.973 -9.585  1.00 60.05 ? 31  GLU A CA  1 
ATOM   251  C C   . GLU A 1 32  ? -6.559  -9.913  -8.626  1.00 58.73 ? 31  GLU A C   1 
ATOM   252  O O   . GLU A 1 32  ? -6.003  -8.896  -9.051  1.00 57.33 ? 31  GLU A O   1 
ATOM   253  C CB  . GLU A 1 32  ? -8.620  -11.071 -9.446  1.00 58.90 ? 31  GLU A CB  1 
ATOM   254  C CG  . GLU A 1 32  ? -9.258  -12.150 -10.304 1.00 61.76 ? 31  GLU A CG  1 
ATOM   255  C CD  . GLU A 1 32  ? -10.755 -11.929 -10.490 1.00 81.64 ? 31  GLU A CD  1 
ATOM   256  O OE1 . GLU A 1 32  ? -11.471 -11.779 -9.470  1.00 88.30 ? 31  GLU A OE1 1 
ATOM   257  O OE2 . GLU A 1 32  ? -11.217 -11.900 -11.655 1.00 80.28 ? 31  GLU A OE2 1 
ATOM   258  N N   . MET A 1 33  ? -6.729  -10.167 -7.329  1.00 55.11 ? 32  MET A N   1 
ATOM   259  C CA  . MET A 1 33  ? -6.136  -9.342  -6.285  1.00 57.31 ? 32  MET A CA  1 
ATOM   260  C C   . MET A 1 33  ? -4.616  -9.287  -6.367  1.00 57.52 ? 32  MET A C   1 
ATOM   261  O O   . MET A 1 33  ? -4.010  -8.259  -6.049  1.00 59.65 ? 32  MET A O   1 
ATOM   262  C CB  . MET A 1 33  ? -6.570  -9.828  -4.900  1.00 56.37 ? 32  MET A CB  1 
ATOM   263  C CG  . MET A 1 33  ? -7.922  -9.286  -4.444  1.00 55.30 ? 32  MET A CG  1 
ATOM   264  S SD  . MET A 1 33  ? -7.988  -7.480  -4.465  1.00 58.14 ? 32  MET A SD  1 
ATOM   265  C CE  . MET A 1 33  ? -7.160  -7.072  -2.925  1.00 48.97 ? 32  MET A CE  1 
ATOM   266  N N   . ASP A 1 34  ? -4.006  -10.388 -6.791  1.00 56.91 ? 33  ASP A N   1 
ATOM   267  C CA  . ASP A 1 34  ? -2.552  -10.499 -6.815  1.00 56.81 ? 33  ASP A CA  1 
ATOM   268  C C   . ASP A 1 34  ? -1.933  -9.435  -7.716  1.00 57.39 ? 33  ASP A C   1 
ATOM   269  O O   . ASP A 1 34  ? -0.774  -9.060  -7.544  1.00 61.84 ? 33  ASP A O   1 
ATOM   270  C CB  . ASP A 1 34  ? -2.128  -11.893 -7.279  1.00 60.60 ? 33  ASP A CB  1 
ATOM   271  C CG  . ASP A 1 34  ? -2.244  -12.933 -6.182  1.00 53.38 ? 33  ASP A CG  1 
ATOM   272  O OD1 . ASP A 1 34  ? -1.823  -12.646 -5.043  1.00 56.81 ? 33  ASP A OD1 1 
ATOM   273  O OD2 . ASP A 1 34  ? -2.755  -14.038 -6.460  1.00 68.65 ? 33  ASP A OD2 1 
ATOM   274  N N   . LYS A 1 35  ? -2.715  -8.954  -8.678  1.00 60.43 ? 34  LYS A N   1 
ATOM   275  C CA  . LYS A 1 35  ? -2.174  -8.180  -9.788  1.00 63.22 ? 34  LYS A CA  1 
ATOM   276  C C   . LYS A 1 35  ? -2.723  -6.756  -9.785  1.00 59.88 ? 34  LYS A C   1 
ATOM   277  O O   . LYS A 1 35  ? -2.186  -5.872  -10.454 1.00 59.10 ? 34  LYS A O   1 
ATOM   278  C CB  . LYS A 1 35  ? -2.490  -8.861  -11.121 1.00 64.26 ? 34  LYS A CB  1 
ATOM   279  C CG  . LYS A 1 35  ? -1.363  -8.786  -12.138 1.00 70.44 ? 34  LYS A CG  1 
ATOM   280  C CD  . LYS A 1 35  ? -0.036  -9.203  -11.525 1.00 67.33 ? 34  LYS A CD  1 
ATOM   281  C CE  . LYS A 1 35  ? 1.137   -8.698  -12.350 1.00 70.31 ? 34  LYS A CE  1 
ATOM   282  N NZ  . LYS A 1 35  ? 2.378   -9.476  -12.087 1.00 70.27 ? 34  LYS A NZ  1 
ATOM   283  N N   . HIS A 1 36  ? -3.794  -6.542  -9.028  1.00 55.54 ? 35  HIS A N   1 
ATOM   284  C CA  . HIS A 1 36  ? -4.227  -5.194  -8.679  1.00 54.43 ? 35  HIS A CA  1 
ATOM   285  C C   . HIS A 1 36  ? -3.286  -4.611  -7.632  1.00 53.26 ? 35  HIS A C   1 
ATOM   286  O O   . HIS A 1 36  ? -2.891  -3.447  -7.720  1.00 55.55 ? 35  HIS A O   1 
ATOM   287  C CB  . HIS A 1 36  ? -5.671  -5.179  -8.176  1.00 52.21 ? 35  HIS A CB  1 
ATOM   288  C CG  . HIS A 1 36  ? -6.059  -3.903  -7.494  1.00 42.29 ? 35  HIS A CG  1 
ATOM   289  N ND1 . HIS A 1 36  ? -6.128  -2.695  -8.156  1.00 42.35 ? 35  HIS A ND1 1 
ATOM   290  C CD2 . HIS A 1 36  ? -6.392  -3.647  -6.206  1.00 43.35 ? 35  HIS A CD2 1 
ATOM   291  C CE1 . HIS A 1 36  ? -6.487  -1.748  -7.306  1.00 45.27 ? 35  HIS A CE1 1 
ATOM   292  N NE2 . HIS A 1 36  ? -6.653  -2.299  -6.116  1.00 46.66 ? 35  HIS A NE2 1 
ATOM   293  N N   . ILE A 1 37  ? -2.931  -5.424  -6.643  1.00 46.46 ? 36  ILE A N   1 
ATOM   294  C CA  . ILE A 1 37  ? -2.075  -4.974  -5.550  1.00 47.55 ? 36  ILE A CA  1 
ATOM   295  C C   . ILE A 1 37  ? -0.649  -4.729  -6.032  1.00 47.59 ? 36  ILE A C   1 
ATOM   296  O O   . ILE A 1 37  ? 0.050   -3.860  -5.511  1.00 50.35 ? 36  ILE A O   1 
ATOM   297  C CB  . ILE A 1 37  ? -2.049  -5.995  -4.397  1.00 41.06 ? 36  ILE A CB  1 
ATOM   298  C CG1 . ILE A 1 37  ? -3.349  -5.923  -3.593  1.00 40.14 ? 36  ILE A CG1 1 
ATOM   299  C CG2 . ILE A 1 37  ? -0.847  -5.752  -3.498  1.00 42.52 ? 36  ILE A CG2 1 
ATOM   300  C CD1 . ILE A 1 37  ? -3.735  -4.520  -3.180  1.00 39.67 ? 36  ILE A CD1 1 
ATOM   301  N N   . HIS A 1 38  ? -0.224  -5.498  -7.028  1.00 40.55 ? 37  HIS A N   1 
ATOM   302  C CA  . HIS A 1 38  ? 1.027   -5.228  -7.725  1.00 49.69 ? 37  HIS A CA  1 
ATOM   303  C C   . HIS A 1 38  ? 0.950   -3.923  -8.509  1.00 52.15 ? 37  HIS A C   1 
ATOM   304  O O   . HIS A 1 38  ? 1.945   -3.211  -8.649  1.00 51.86 ? 37  HIS A O   1 
ATOM   305  C CB  . HIS A 1 38  ? 1.379   -6.385  -8.662  1.00 45.09 ? 37  HIS A CB  1 
ATOM   306  C CG  . HIS A 1 38  ? 2.727   -6.257  -9.300  1.00 42.67 ? 37  HIS A CG  1 
ATOM   307  N ND1 . HIS A 1 38  ? 2.988   -5.364  -10.317 1.00 46.57 ? 37  HIS A ND1 1 
ATOM   308  C CD2 . HIS A 1 38  ? 3.891   -6.908  -9.065  1.00 39.04 ? 37  HIS A CD2 1 
ATOM   309  C CE1 . HIS A 1 38  ? 4.252   -5.471  -10.682 1.00 42.96 ? 37  HIS A CE1 1 
ATOM   310  N NE2 . HIS A 1 38  ? 4.823   -6.401  -9.937  1.00 43.40 ? 37  HIS A NE2 1 
ATOM   311  N N   . CYS A 1 39  ? -0.237  -3.615  -9.021  1.00 52.84 ? 38  CYS A N   1 
ATOM   312  C CA  . CYS A 1 39  ? -0.476  -2.343  -9.693  1.00 50.77 ? 38  CYS A CA  1 
ATOM   313  C C   . CYS A 1 39  ? -0.323  -1.173  -8.727  1.00 44.69 ? 38  CYS A C   1 
ATOM   314  O O   . CYS A 1 39  ? 0.343   -0.184  -9.035  1.00 49.18 ? 38  CYS A O   1 
ATOM   315  C CB  . CYS A 1 39  ? -1.868  -2.324  -10.327 1.00 50.45 ? 38  CYS A CB  1 
ATOM   316  S SG  . CYS A 1 39  ? -2.147  -0.958  -11.477 1.00 60.84 ? 38  CYS A SG  1 
ATOM   317  N N   . VAL A 1 40  ? -0.946  -1.291  -7.559  1.00 46.69 ? 39  VAL A N   1 
ATOM   318  C CA  . VAL A 1 40  ? -0.948  -0.206  -6.575  1.00 47.22 ? 39  VAL A CA  1 
ATOM   319  C C   . VAL A 1 40  ? 0.411   -0.092  -5.866  1.00 42.62 ? 39  VAL A C   1 
ATOM   320  O O   . VAL A 1 40  ? 0.969   0.992   -5.754  1.00 41.43 ? 39  VAL A O   1 
ATOM   321  C CB  . VAL A 1 40  ? -2.101  -0.330  -5.530  1.00 40.03 ? 39  VAL A CB  1 
ATOM   322  C CG1 . VAL A 1 40  ? -3.466  -0.370  -6.208  1.00 45.70 ? 39  VAL A CG1 1 
ATOM   323  C CG2 . VAL A 1 40  ? -1.899  -1.531  -4.647  1.00 42.25 ? 39  VAL A CG2 1 
ATOM   324  N N   . MET A 1 41  ? 0.950   -1.215  -5.408  1.00 47.93 ? 40  MET A N   1 
ATOM   325  C CA  . MET A 1 41  ? 2.321   -1.230  -4.877  1.00 45.98 ? 40  MET A CA  1 
ATOM   326  C C   . MET A 1 41  ? 3.377   -0.693  -5.847  1.00 44.20 ? 40  MET A C   1 
ATOM   327  O O   . MET A 1 41  ? 4.388   -0.129  -5.431  1.00 46.21 ? 40  MET A O   1 
ATOM   328  C CB  . MET A 1 41  ? 2.697   -2.630  -4.402  1.00 49.76 ? 40  MET A CB  1 
ATOM   329  C CG  . MET A 1 41  ? 1.926   -3.092  -3.183  1.00 41.37 ? 40  MET A CG  1 
ATOM   330  S SD  . MET A 1 41  ? 2.172   -2.064  -1.725  1.00 39.45 ? 40  MET A SD  1 
ATOM   331  C CE  . MET A 1 41  ? 3.740   -2.675  -1.087  1.00 42.31 ? 40  MET A CE  1 
ATOM   332  N N   . ARG A 1 42  ? 3.148   -0.872  -7.146  1.00 49.47 ? 41  ARG A N   1 
ATOM   333  C CA  . ARG A 1 42  ? 4.039   -0.310  -8.163  1.00 45.43 ? 41  ARG A CA  1 
ATOM   334  C C   . ARG A 1 42  ? 3.787   1.182   -8.389  1.00 40.14 ? 41  ARG A C   1 
ATOM   335  O O   . ARG A 1 42  ? 4.716   1.968   -8.608  1.00 36.30 ? 41  ARG A O   1 
ATOM   336  C CB  . ARG A 1 42  ? 3.892   -1.077  -9.480  1.00 52.22 ? 41  ARG A CB  1 
ATOM   337  C CG  . ARG A 1 42  ? 4.661   -2.394  -9.528  1.00 55.19 ? 41  ARG A CG  1 
ATOM   338  C CD  . ARG A 1 42  ? 6.167   -2.162  -9.520  1.00 54.37 ? 41  ARG A CD  1 
ATOM   339  N NE  . ARG A 1 42  ? 6.653   -1.631  -10.792 1.00 55.17 ? 41  ARG A NE  1 
ATOM   340  C CZ  . ARG A 1 42  ? 7.703   -0.823  -10.914 1.00 53.06 ? 41  ARG A CZ  1 
ATOM   341  N NH1 . ARG A 1 42  ? 8.379   -0.439  -9.839  1.00 52.34 ? 41  ARG A NH1 1 
ATOM   342  N NH2 . ARG A 1 42  ? 8.071   -0.393  -12.111 1.00 61.43 ? 41  ARG A NH2 1 
ATOM   343  N N   . ALA A 1 43  ? 2.516   1.561   -8.329  1.00 43.72 ? 42  ALA A N   1 
ATOM   344  C CA  . ALA A 1 43  ? 2.098   2.949   -8.494  1.00 39.63 ? 42  ALA A CA  1 
ATOM   345  C C   . ALA A 1 43  ? 2.624   3.870   -7.395  1.00 47.26 ? 42  ALA A C   1 
ATOM   346  O O   . ALA A 1 43  ? 2.885   5.050   -7.651  1.00 42.85 ? 42  ALA A O   1 
ATOM   347  C CB  . ALA A 1 43  ? 0.600   3.030   -8.546  1.00 38.15 ? 42  ALA A CB  1 
ATOM   348  N N   . LEU A 1 44  ? 2.739   3.342   -6.169  1.00 46.50 ? 43  LEU A N   1 
ATOM   349  C CA  . LEU A 1 44  ? 3.197   4.129   -5.015  1.00 42.78 ? 43  LEU A CA  1 
ATOM   350  C C   . LEU A 1 44  ? 4.683   3.948   -4.802  1.00 43.06 ? 43  LEU A C   1 
ATOM   351  O O   . LEU A 1 44  ? 5.258   4.461   -3.835  1.00 41.27 ? 43  LEU A O   1 
ATOM   352  C CB  . LEU A 1 44  ? 2.438   3.749   -3.745  1.00 41.93 ? 43  LEU A CB  1 
ATOM   353  C CG  . LEU A 1 44  ? 0.950   4.093   -3.835  1.00 46.44 ? 43  LEU A CG  1 
ATOM   354  C CD1 . LEU A 1 44  ? 0.203   3.849   -2.547  1.00 47.02 ? 43  LEU A CD1 1 
ATOM   355  C CD2 . LEU A 1 44  ? 0.789   5.529   -4.283  1.00 49.18 ? 43  LEU A CD2 1 
ATOM   356  N N   . ASP A 1 45  ? 5.298   3.204   -5.715  1.00 40.26 ? 44  ASP A N   1 
ATOM   357  C CA  . ASP A 1 45  ? 6.746   3.032   -5.731  1.00 44.30 ? 44  ASP A CA  1 
ATOM   358  C C   . ASP A 1 45  ? 7.327   2.212   -4.566  1.00 44.03 ? 44  ASP A C   1 
ATOM   359  O O   . ASP A 1 45  ? 8.463   2.436   -4.133  1.00 38.77 ? 44  ASP A O   1 
ATOM   360  C CB  . ASP A 1 45  ? 7.431   4.387   -5.843  1.00 51.29 ? 44  ASP A CB  1 
ATOM   361  C CG  . ASP A 1 45  ? 8.475   4.412   -6.931  1.00 64.33 ? 44  ASP A CG  1 
ATOM   362  O OD1 . ASP A 1 45  ? 9.437   3.615   -6.854  1.00 70.78 ? 44  ASP A OD1 1 
ATOM   363  O OD2 . ASP A 1 45  ? 8.327   5.229   -7.865  1.00 82.22 ? 44  ASP A OD2 1 
ATOM   364  N N   . PHE A 1 46  ? 6.560   1.237   -4.090  1.00 38.81 ? 45  PHE A N   1 
ATOM   365  C CA  . PHE A 1 46  ? 6.966   0.434   -2.949  1.00 42.40 ? 45  PHE A CA  1 
ATOM   366  C C   . PHE A 1 46  ? 7.657   -0.868  -3.327  1.00 43.52 ? 45  PHE A C   1 
ATOM   367  O O   . PHE A 1 46  ? 8.301   -1.487  -2.481  1.00 41.40 ? 45  PHE A O   1 
ATOM   368  C CB  . PHE A 1 46  ? 5.767   0.118   -2.055  1.00 38.83 ? 45  PHE A CB  1 
ATOM   369  C CG  . PHE A 1 46  ? 5.219   1.310   -1.314  1.00 36.84 ? 45  PHE A CG  1 
ATOM   370  C CD1 . PHE A 1 46  ? 6.068   2.288   -0.829  1.00 32.67 ? 45  PHE A CD1 1 
ATOM   371  C CD2 . PHE A 1 46  ? 3.843   1.439   -1.092  1.00 26.50 ? 45  PHE A CD2 1 
ATOM   372  C CE1 . PHE A 1 46  ? 5.572   3.395   -0.159  1.00 37.99 ? 45  PHE A CE1 1 
ATOM   373  C CE2 . PHE A 1 46  ? 3.340   2.536   -0.388  1.00 30.20 ? 45  PHE A CE2 1 
ATOM   374  C CZ  . PHE A 1 46  ? 4.206   3.508   0.081   1.00 29.99 ? 45  PHE A CZ  1 
ATOM   375  N N   . VAL A 1 47  ? 7.504   -1.298  -4.583  1.00 44.40 ? 46  VAL A N   1 
ATOM   376  C CA  . VAL A 1 47  ? 8.086   -2.570  -5.039  1.00 40.27 ? 46  VAL A CA  1 
ATOM   377  C C   . VAL A 1 47  ? 8.873   -2.454  -6.342  1.00 45.95 ? 46  VAL A C   1 
ATOM   378  O O   . VAL A 1 47  ? 8.710   -1.495  -7.094  1.00 44.11 ? 46  VAL A O   1 
ATOM   379  C CB  . VAL A 1 47  ? 7.036   -3.694  -5.185  1.00 40.69 ? 46  VAL A CB  1 
ATOM   380  C CG1 . VAL A 1 47  ? 6.307   -3.926  -3.880  1.00 40.05 ? 46  VAL A CG1 1 
ATOM   381  C CG2 . VAL A 1 47  ? 6.060   -3.380  -6.312  1.00 38.22 ? 46  VAL A CG2 1 
ATOM   382  N N   . TYR A 1 48  ? 9.737   -3.436  -6.594  1.00 50.38 ? 47  TYR A N   1 
ATOM   383  C CA  . TYR A 1 48  ? 10.426  -3.540  -7.879  1.00 50.05 ? 47  TYR A CA  1 
ATOM   384  C C   . TYR A 1 48  ? 9.508   -4.153  -8.938  1.00 56.15 ? 47  TYR A C   1 
ATOM   385  O O   . TYR A 1 48  ? 8.358   -4.513  -8.652  1.00 54.14 ? 47  TYR A O   1 
ATOM   386  C CB  . TYR A 1 48  ? 11.709  -4.359  -7.732  1.00 55.74 ? 47  TYR A CB  1 
ATOM   387  C CG  . TYR A 1 48  ? 12.805  -3.641  -6.969  1.00 50.81 ? 47  TYR A CG  1 
ATOM   388  C CD1 . TYR A 1 48  ? 12.912  -3.754  -5.587  1.00 53.55 ? 47  TYR A CD1 1 
ATOM   389  C CD2 . TYR A 1 48  ? 13.721  -2.841  -7.630  1.00 52.71 ? 47  TYR A CD2 1 
ATOM   390  C CE1 . TYR A 1 48  ? 13.907  -3.096  -4.890  1.00 50.82 ? 47  TYR A CE1 1 
ATOM   391  C CE2 . TYR A 1 48  ? 14.716  -2.178  -6.943  1.00 68.53 ? 47  TYR A CE2 1 
ATOM   392  C CZ  . TYR A 1 48  ? 14.807  -2.306  -5.573  1.00 60.35 ? 47  TYR A CZ  1 
ATOM   393  O OH  . TYR A 1 48  ? 15.805  -1.637  -4.896  1.00 59.94 ? 47  TYR A OH  1 
ATOM   394  N N   . GLU A 1 49  ? 10.015  -4.262  -10.163 1.00 63.81 ? 48  GLU A N   1 
ATOM   395  C CA  . GLU A 1 49  ? 9.222   -4.784  -11.278 1.00 64.52 ? 48  GLU A CA  1 
ATOM   396  C C   . GLU A 1 49  ? 8.674   -6.172  -10.962 1.00 63.81 ? 48  GLU A C   1 
ATOM   397  O O   . GLU A 1 49  ? 7.507   -6.465  -11.220 1.00 62.98 ? 48  GLU A O   1 
ATOM   398  C CB  . GLU A 1 49  ? 10.063  -4.837  -12.552 1.00 65.97 ? 48  GLU A CB  1 
ATOM   399  C CG  . GLU A 1 49  ? 10.405  -3.476  -13.135 1.00 70.53 ? 48  GLU A CG  1 
ATOM   400  C CD  . GLU A 1 49  ? 11.094  -3.588  -14.480 1.00 83.11 ? 48  GLU A CD  1 
ATOM   401  O OE1 . GLU A 1 49  ? 12.090  -4.340  -14.576 1.00 77.79 ? 48  GLU A OE1 1 
ATOM   402  O OE2 . GLU A 1 49  ? 10.639  -2.930  -15.441 1.00 85.54 ? 48  GLU A OE2 1 
ATOM   403  N N   . ASP A 1 50  ? 9.532   -7.024  -10.408 1.00 62.95 ? 49  ASP A N   1 
ATOM   404  C CA  . ASP A 1 50  ? 9.147   -8.385  -10.058 1.00 64.38 ? 49  ASP A CA  1 
ATOM   405  C C   . ASP A 1 50  ? 8.213   -8.405  -8.851  1.00 60.71 ? 49  ASP A C   1 
ATOM   406  O O   . ASP A 1 50  ? 7.676   -9.449  -8.488  1.00 62.64 ? 49  ASP A O   1 
ATOM   407  C CB  . ASP A 1 50  ? 10.385  -9.259  -9.809  1.00 66.28 ? 49  ASP A CB  1 
ATOM   408  C CG  . ASP A 1 50  ? 11.142  -8.870  -8.547  1.00 73.02 ? 49  ASP A CG  1 
ATOM   409  O OD1 . ASP A 1 50  ? 11.350  -7.656  -8.323  1.00 75.38 ? 49  ASP A OD1 1 
ATOM   410  O OD2 . ASP A 1 50  ? 11.535  -9.781  -7.782  1.00 76.33 ? 49  ASP A OD2 1 
ATOM   411  N N   . GLY A 1 51  ? 8.021   -7.242  -8.236  1.00 58.35 ? 50  GLY A N   1 
ATOM   412  C CA  . GLY A 1 51  ? 7.074   -7.107  -7.140  1.00 49.96 ? 50  GLY A CA  1 
ATOM   413  C C   . GLY A 1 51  ? 7.686   -7.336  -5.773  1.00 49.24 ? 50  GLY A C   1 
ATOM   414  O O   . GLY A 1 51  ? 6.971   -7.459  -4.776  1.00 50.43 ? 50  GLY A O   1 
ATOM   415  N N   . ARG A 1 52  ? 9.012   -7.393  -5.710  1.00 45.52 ? 51  ARG A N   1 
ATOM   416  C CA  . ARG A 1 52  ? 9.667   -7.493  -4.417  1.00 46.28 ? 51  ARG A CA  1 
ATOM   417  C C   . ARG A 1 52  ? 9.654   -6.156  -3.685  1.00 42.07 ? 51  ARG A C   1 
ATOM   418  O O   . ARG A 1 52  ? 9.868   -5.105  -4.287  1.00 39.57 ? 51  ARG A O   1 
ATOM   419  C CB  . ARG A 1 52  ? 11.103  -8.000  -4.554  1.00 47.23 ? 51  ARG A CB  1 
ATOM   420  C CG  . ARG A 1 52  ? 11.806  -8.216  -3.223  1.00 48.75 ? 51  ARG A CG  1 
ATOM   421  C CD  . ARG A 1 52  ? 13.199  -8.775  -3.409  1.00 59.32 ? 51  ARG A CD  1 
ATOM   422  N NE  . ARG A 1 52  ? 13.953  -8.023  -4.408  1.00 68.23 ? 51  ARG A NE  1 
ATOM   423  C CZ  . ARG A 1 52  ? 14.823  -7.063  -4.116  1.00 75.42 ? 51  ARG A CZ  1 
ATOM   424  N NH1 . ARG A 1 52  ? 15.054  -6.735  -2.848  1.00 82.08 ? 51  ARG A NH1 1 
ATOM   425  N NH2 . ARG A 1 52  ? 15.464  -6.432  -5.091  1.00 62.25 ? 51  ARG A NH2 1 
ATOM   426  N N   . GLY A 1 53  ? 9.441   -6.213  -2.376  1.00 44.58 ? 52  GLY A N   1 
ATOM   427  C CA  . GLY A 1 53  ? 9.445   -5.012  -1.547  1.00 39.59 ? 52  GLY A CA  1 
ATOM   428  C C   . GLY A 1 53  ? 10.771  -4.281  -1.606  1.00 40.30 ? 52  GLY A C   1 
ATOM   429  O O   . GLY A 1 53  ? 11.821  -4.909  -1.635  1.00 36.93 ? 52  GLY A O   1 
ATOM   430  N N   . ASP A 1 54  ? 10.710  -2.950  -1.630  1.00 35.32 ? 53  ASP A N   1 
ATOM   431  C CA  . ASP A 1 54  ? 11.890  -2.096  -1.565  1.00 38.70 ? 53  ASP A CA  1 
ATOM   432  C C   . ASP A 1 54  ? 12.076  -1.601  -0.144  1.00 34.88 ? 53  ASP A C   1 
ATOM   433  O O   . ASP A 1 54  ? 11.397  -0.679  0.299   1.00 38.45 ? 53  ASP A O   1 
ATOM   434  C CB  . ASP A 1 54  ? 11.746  -0.900  -2.514  1.00 40.41 ? 53  ASP A CB  1 
ATOM   435  C CG  . ASP A 1 54  ? 13.036  -0.073  -2.635  1.00 48.95 ? 53  ASP A CG  1 
ATOM   436  O OD1 . ASP A 1 54  ? 13.789  0.052   -1.646  1.00 47.33 ? 53  ASP A OD1 1 
ATOM   437  O OD2 . ASP A 1 54  ? 13.293  0.469   -3.728  1.00 45.41 ? 53  ASP A OD2 1 
ATOM   438  N N   . TYR A 1 55  ? 13.018  -2.215  0.559   1.00 35.39 ? 54  TYR A N   1 
ATOM   439  C CA  . TYR A 1 55  ? 13.310  -1.873  1.945   1.00 31.68 ? 54  TYR A CA  1 
ATOM   440  C C   . TYR A 1 55  ? 13.454  -0.369  2.107   1.00 31.53 ? 54  TYR A C   1 
ATOM   441  O O   . TYR A 1 55  ? 13.002  0.220   3.091   1.00 27.32 ? 54  TYR A O   1 
ATOM   442  C CB  . TYR A 1 55  ? 14.617  -2.563  2.344   1.00 33.80 ? 54  TYR A CB  1 
ATOM   443  C CG  . TYR A 1 55  ? 15.033  -2.352  3.770   1.00 29.76 ? 54  TYR A CG  1 
ATOM   444  C CD1 . TYR A 1 55  ? 15.658  -1.177  4.165   1.00 25.23 ? 54  TYR A CD1 1 
ATOM   445  C CD2 . TYR A 1 55  ? 14.803  -3.335  4.735   1.00 39.93 ? 54  TYR A CD2 1 
ATOM   446  C CE1 . TYR A 1 55  ? 16.058  -0.992  5.509   1.00 24.42 ? 54  TYR A CE1 1 
ATOM   447  C CE2 . TYR A 1 55  ? 15.182  -3.159  6.048   1.00 29.39 ? 54  TYR A CE2 1 
ATOM   448  C CZ  . TYR A 1 55  ? 15.814  -1.993  6.429   1.00 35.31 ? 54  TYR A CZ  1 
ATOM   449  O OH  . TYR A 1 55  ? 16.195  -1.832  7.753   1.00 36.00 ? 54  TYR A OH  1 
ATOM   450  N N   . HIS A 1 56  ? 14.095  0.255   1.126   1.00 31.88 ? 55  HIS A N   1 
ATOM   451  C CA  . HIS A 1 56  ? 14.575  1.617   1.274   1.00 34.08 ? 55  HIS A CA  1 
ATOM   452  C C   . HIS A 1 56  ? 13.481  2.665   0.988   1.00 31.57 ? 55  HIS A C   1 
ATOM   453  O O   . HIS A 1 56  ? 13.560  3.813   1.440   1.00 35.12 ? 55  HIS A O   1 
ATOM   454  C CB  . HIS A 1 56  ? 15.819  1.821   0.396   1.00 34.13 ? 55  HIS A CB  1 
ATOM   455  C CG  . HIS A 1 56  ? 16.975  0.957   0.808   1.00 29.73 ? 55  HIS A CG  1 
ATOM   456  N ND1 . HIS A 1 56  ? 17.688  1.176   1.965   1.00 31.19 ? 55  HIS A ND1 1 
ATOM   457  C CD2 . HIS A 1 56  ? 17.534  -0.134  0.223   1.00 35.05 ? 55  HIS A CD2 1 
ATOM   458  C CE1 . HIS A 1 56  ? 18.635  0.260   2.081   1.00 39.06 ? 55  HIS A CE1 1 
ATOM   459  N NE2 . HIS A 1 56  ? 18.562  -0.549  1.037   1.00 46.97 ? 55  HIS A NE2 1 
ATOM   460  N N   . LYS A 1 57  ? 12.448  2.245   0.268   1.00 35.68 ? 56  LYS A N   1 
ATOM   461  C CA  . LYS A 1 57  ? 11.239  3.056   0.091   1.00 32.02 ? 56  LYS A CA  1 
ATOM   462  C C   . LYS A 1 57  ? 10.377  3.150   1.361   1.00 32.99 ? 56  LYS A C   1 
ATOM   463  O O   . LYS A 1 57  ? 9.531   4.043   1.482   1.00 32.41 ? 56  LYS A O   1 
ATOM   464  C CB  . LYS A 1 57  ? 10.406  2.493   -1.067  1.00 38.07 ? 56  LYS A CB  1 
ATOM   465  C CG  . LYS A 1 57  ? 11.041  2.685   -2.448  1.00 48.83 ? 56  LYS A CG  1 
ATOM   466  C CD  . LYS A 1 57  ? 11.093  4.171   -2.834  1.00 51.26 ? 56  LYS A CD  1 
ATOM   467  C CE  . LYS A 1 57  ? 12.152  4.463   -3.913  1.00 63.64 ? 56  LYS A CE  1 
ATOM   468  N NZ  . LYS A 1 57  ? 11.659  4.235   -5.311  1.00 51.27 ? 56  LYS A NZ  1 
ATOM   469  N N   . LEU A 1 58  ? 10.577  2.234   2.306   1.00 27.55 ? 57  LEU A N   1 
ATOM   470  C CA  . LEU A 1 58  ? 9.702   2.176   3.487   1.00 29.40 ? 57  LEU A CA  1 
ATOM   471  C C   . LEU A 1 58  ? 10.365  2.476   4.836   1.00 33.38 ? 57  LEU A C   1 
ATOM   472  O O   . LEU A 1 58  ? 9.745   3.055   5.738   1.00 29.16 ? 57  LEU A O   1 
ATOM   473  C CB  . LEU A 1 58  ? 8.975   0.839   3.518   1.00 31.63 ? 57  LEU A CB  1 
ATOM   474  C CG  . LEU A 1 58  ? 7.808   0.724   2.535   1.00 34.13 ? 57  LEU A CG  1 
ATOM   475  C CD1 . LEU A 1 58  ? 7.395   -0.751  2.392   1.00 30.43 ? 57  LEU A CD1 1 
ATOM   476  C CD2 . LEU A 1 58  ? 6.613   1.605   3.004   1.00 33.89 ? 57  LEU A CD2 1 
ATOM   477  N N   . TYR A 1 59  ? 11.628  2.093   4.987   1.00 29.61 ? 58  TYR A N   1 
ATOM   478  C CA  . TYR A 1 59  ? 12.303  2.247   6.259   1.00 30.12 ? 58  TYR A CA  1 
ATOM   479  C C   . TYR A 1 59  ? 12.202  3.662   6.832   1.00 31.59 ? 58  TYR A C   1 
ATOM   480  O O   . TYR A 1 59  ? 11.718  3.855   7.931   1.00 28.86 ? 58  TYR A O   1 
ATOM   481  C CB  . TYR A 1 59  ? 13.762  1.800   6.159   1.00 30.64 ? 58  TYR A CB  1 
ATOM   482  C CG  . TYR A 1 59  ? 14.510  1.923   7.454   1.00 33.43 ? 58  TYR A CG  1 
ATOM   483  C CD1 . TYR A 1 59  ? 14.534  0.877   8.364   1.00 36.69 ? 58  TYR A CD1 1 
ATOM   484  C CD2 . TYR A 1 59  ? 15.194  3.090   7.777   1.00 29.55 ? 58  TYR A CD2 1 
ATOM   485  C CE1 . TYR A 1 59  ? 15.233  0.986   9.567   1.00 32.80 ? 58  TYR A CE1 1 
ATOM   486  C CE2 . TYR A 1 59  ? 15.891  3.206   8.964   1.00 39.10 ? 58  TYR A CE2 1 
ATOM   487  C CZ  . TYR A 1 59  ? 15.908  2.156   9.861   1.00 39.11 ? 58  TYR A CZ  1 
ATOM   488  O OH  . TYR A 1 59  ? 16.611  2.269   11.053  1.00 33.35 ? 58  TYR A OH  1 
ATOM   489  N N   . ASP A 1 60  ? 12.656  4.660   6.085   1.00 30.60 ? 59  ASP A N   1 
ATOM   490  C CA  . ASP A 1 60  ? 12.647  6.012   6.613   1.00 26.83 ? 59  ASP A CA  1 
ATOM   491  C C   . ASP A 1 60  ? 11.232  6.553   6.842   1.00 26.91 ? 59  ASP A C   1 
ATOM   492  O O   . ASP A 1 60  ? 10.951  7.066   7.915   1.00 26.70 ? 59  ASP A O   1 
ATOM   493  C CB  . ASP A 1 60  ? 13.429  6.968   5.707   1.00 27.52 ? 59  ASP A CB  1 
ATOM   494  C CG  . ASP A 1 60  ? 14.925  6.934   5.982   1.00 45.42 ? 59  ASP A CG  1 
ATOM   495  O OD1 . ASP A 1 60  ? 15.338  6.404   7.038   1.00 41.59 ? 59  ASP A OD1 1 
ATOM   496  O OD2 . ASP A 1 60  ? 15.681  7.456   5.146   1.00 44.73 ? 59  ASP A OD2 1 
ATOM   497  N N   . PRO A 1 61  ? 10.342  6.434   5.841   1.00 25.94 ? 60  PRO A N   1 
ATOM   498  C CA  . PRO A 1 61  ? 8.916   6.824   6.002   1.00 30.38 ? 60  PRO A CA  1 
ATOM   499  C C   . PRO A 1 61  ? 8.185   6.214   7.203   1.00 31.79 ? 60  PRO A C   1 
ATOM   500  O O   . PRO A 1 61  ? 7.534   6.950   7.949   1.00 30.77 ? 60  PRO A O   1 
ATOM   501  C CB  . PRO A 1 61  ? 8.272   6.381   4.684   1.00 28.35 ? 60  PRO A CB  1 
ATOM   502  C CG  . PRO A 1 61  ? 9.395   6.452   3.691   1.00 34.91 ? 60  PRO A CG  1 
ATOM   503  C CD  . PRO A 1 61  ? 10.624  5.979   4.472   1.00 30.07 ? 60  PRO A CD  1 
ATOM   504  N N   . LEU A 1 62  ? 8.299   4.895   7.398   1.00 28.97 ? 61  LEU A N   1 
ATOM   505  C CA  . LEU A 1 62  ? 7.776   4.224   8.578   1.00 23.96 ? 61  LEU A CA  1 
ATOM   506  C C   . LEU A 1 62  ? 8.319   4.822   9.863   1.00 27.62 ? 61  LEU A C   1 
ATOM   507  O O   . LEU A 1 62  ? 7.571   5.165   10.768  1.00 29.62 ? 61  LEU A O   1 
ATOM   508  C CB  . LEU A 1 62  ? 8.090   2.706   8.516   1.00 21.89 ? 61  LEU A CB  1 
ATOM   509  C CG  . LEU A 1 62  ? 7.434   1.895   7.405   1.00 26.30 ? 61  LEU A CG  1 
ATOM   510  C CD1 . LEU A 1 62  ? 8.001   0.502   7.390   1.00 20.71 ? 61  LEU A CD1 1 
ATOM   511  C CD2 . LEU A 1 62  ? 5.917   1.827   7.671   1.00 28.90 ? 61  LEU A CD2 1 
ATOM   512  N N   . ASN A 1 63  ? 9.633   4.963   9.935   1.00 24.14 ? 62  ASN A N   1 
ATOM   513  C CA  . ASN A 1 63  ? 10.278  5.465   11.146  1.00 23.73 ? 62  ASN A CA  1 
ATOM   514  C C   . ASN A 1 63  ? 10.027  6.927   11.498  1.00 29.71 ? 62  ASN A C   1 
ATOM   515  O O   . ASN A 1 63  ? 10.016  7.272   12.680  1.00 33.71 ? 62  ASN A O   1 
ATOM   516  C CB  . ASN A 1 63  ? 11.808  5.168   11.099  1.00 27.78 ? 62  ASN A CB  1 
ATOM   517  C CG  . ASN A 1 63  ? 12.117  3.765   11.594  1.00 27.35 ? 62  ASN A CG  1 
ATOM   518  O OD1 . ASN A 1 63  ? 11.924  3.479   12.758  1.00 36.42 ? 62  ASN A OD1 1 
ATOM   519  N ND2 . ASN A 1 63  ? 12.535  2.888   10.704  1.00 27.81 ? 62  ASN A ND2 1 
ATOM   520  N N   . ILE A 1 64  ? 9.844   7.775   10.483  1.00 29.60 ? 63  ILE A N   1 
ATOM   521  C CA  . ILE A 1 64  ? 9.429   9.163   10.695  1.00 32.30 ? 63  ILE A CA  1 
ATOM   522  C C   . ILE A 1 64  ? 8.040   9.285   11.333  1.00 37.78 ? 63  ILE A C   1 
ATOM   523  O O   . ILE A 1 64  ? 7.813   10.128  12.208  1.00 44.73 ? 63  ILE A O   1 
ATOM   524  C CB  . ILE A 1 64  ? 9.499   9.978   9.384   1.00 36.20 ? 63  ILE A CB  1 
ATOM   525  C CG1 . ILE A 1 64  ? 10.954  10.134  8.940   1.00 33.05 ? 63  ILE A CG1 1 
ATOM   526  C CG2 . ILE A 1 64  ? 8.865   11.375  9.541   1.00 39.80 ? 63  ILE A CG2 1 
ATOM   527  C CD1 . ILE A 1 64  ? 11.076  10.487  7.439   1.00 41.25 ? 63  ILE A CD1 1 
ATOM   528  N N   . ILE A 1 65  ? 7.113   8.440   10.909  1.00 32.25 ? 64  ILE A N   1 
ATOM   529  C CA  . ILE A 1 65  ? 5.789   8.431   11.514  1.00 40.13 ? 64  ILE A CA  1 
ATOM   530  C C   . ILE A 1 65  ? 5.743   7.720   12.868  1.00 42.45 ? 64  ILE A C   1 
ATOM   531  O O   . ILE A 1 65  ? 5.076   8.182   13.792  1.00 46.87 ? 64  ILE A O   1 
ATOM   532  C CB  . ILE A 1 65  ? 4.741   7.840   10.570  1.00 40.24 ? 64  ILE A CB  1 
ATOM   533  C CG1 . ILE A 1 65  ? 4.701   8.626   9.258   1.00 41.27 ? 64  ILE A CG1 1 
ATOM   534  C CG2 . ILE A 1 65  ? 3.374   7.823   11.226  1.00 47.35 ? 64  ILE A CG2 1 
ATOM   535  C CD1 . ILE A 1 65  ? 3.701   8.091   8.280   1.00 35.23 ? 64  ILE A CD1 1 
ATOM   536  N N   . GLU A 1 66  ? 6.441   6.593   12.994  1.00 38.18 ? 65  GLU A N   1 
ATOM   537  C CA  . GLU A 1 66  ? 6.512   5.905   14.280  1.00 38.80 ? 65  GLU A CA  1 
ATOM   538  C C   . GLU A 1 66  ? 7.889   5.297   14.481  1.00 33.21 ? 65  GLU A C   1 
ATOM   539  O O   . GLU A 1 66  ? 8.223   4.282   13.872  1.00 33.65 ? 65  GLU A O   1 
ATOM   540  C CB  . GLU A 1 66  ? 5.460   4.796   14.346  1.00 41.25 ? 65  GLU A CB  1 
ATOM   541  C CG  . GLU A 1 66  ? 5.016   4.466   15.760  1.00 51.82 ? 65  GLU A CG  1 
ATOM   542  C CD  . GLU A 1 66  ? 4.106   5.546   16.347  1.00 71.12 ? 65  GLU A CD  1 
ATOM   543  O OE1 . GLU A 1 66  ? 3.146   5.958   15.647  1.00 57.80 ? 65  GLU A OE1 1 
ATOM   544  O OE2 . GLU A 1 66  ? 4.353   5.979   17.504  1.00 60.88 ? 65  GLU A OE2 1 
ATOM   545  N N   . LEU A 1 67  ? 8.703   5.902   15.323  1.00 37.66 ? 66  LEU A N   1 
ATOM   546  C CA  . LEU A 1 67  ? 10.068  5.413   15.433  1.00 34.36 ? 66  LEU A CA  1 
ATOM   547  C C   . LEU A 1 67  ? 10.078  4.072   16.158  1.00 35.95 ? 66  LEU A C   1 
ATOM   548  O O   . LEU A 1 67  ? 9.743   4.004   17.329  1.00 39.01 ? 66  LEU A O   1 
ATOM   549  C CB  . LEU A 1 67  ? 10.944  6.412   16.190  1.00 38.86 ? 66  LEU A CB  1 
ATOM   550  C CG  . LEU A 1 67  ? 12.384  5.994   16.493  1.00 38.54 ? 66  LEU A CG  1 
ATOM   551  C CD1 . LEU A 1 67  ? 13.188  5.844   15.207  1.00 38.78 ? 66  LEU A CD1 1 
ATOM   552  C CD2 . LEU A 1 67  ? 13.018  7.013   17.420  1.00 45.61 ? 66  LEU A CD2 1 
ATOM   553  N N   . ASP A 1 68  ? 10.463  3.006   15.457  1.00 35.30 ? 67  ASP A N   1 
ATOM   554  C CA  . ASP A 1 68  ? 10.367  1.668   16.016  1.00 35.02 ? 67  ASP A CA  1 
ATOM   555  C C   . ASP A 1 68  ? 11.325  0.696   15.366  1.00 35.64 ? 67  ASP A C   1 
ATOM   556  O O   . ASP A 1 68  ? 11.312  0.508   14.151  1.00 30.84 ? 67  ASP A O   1 
ATOM   557  C CB  . ASP A 1 68  ? 8.942   1.166   15.817  1.00 38.22 ? 67  ASP A CB  1 
ATOM   558  C CG  . ASP A 1 68  ? 8.586   0.026   16.762  1.00 46.42 ? 67  ASP A CG  1 
ATOM   559  O OD1 . ASP A 1 68  ? 9.369   -0.962  16.866  1.00 32.89 ? 67  ASP A OD1 1 
ATOM   560  O OD2 . ASP A 1 68  ? 7.511   0.128   17.393  1.00 49.08 ? 67  ASP A OD2 1 
ATOM   561  N N   . LYS A 1 69  ? 12.162  0.083   16.195  1.00 35.77 ? 68  LYS A N   1 
ATOM   562  C CA  . LYS A 1 69  ? 13.131  -0.890  15.735  1.00 31.03 ? 68  LYS A CA  1 
ATOM   563  C C   . LYS A 1 69  ? 12.445  -2.029  15.002  1.00 32.38 ? 68  LYS A C   1 
ATOM   564  O O   . LYS A 1 69  ? 13.053  -2.666  14.155  1.00 31.08 ? 68  LYS A O   1 
ATOM   565  C CB  . LYS A 1 69  ? 13.959  -1.430  16.900  1.00 36.47 ? 68  LYS A CB  1 
ATOM   566  C CG  . LYS A 1 69  ? 13.269  -2.545  17.681  1.00 38.25 ? 68  LYS A CG  1 
ATOM   567  C CD  . LYS A 1 69  ? 13.965  -2.810  19.014  1.00 47.37 ? 68  LYS A CD  1 
ATOM   568  C CE  . LYS A 1 69  ? 13.114  -3.699  19.911  1.00 63.89 ? 68  LYS A CE  1 
ATOM   569  N NZ  . LYS A 1 69  ? 13.954  -4.449  20.894  1.00 76.37 ? 68  LYS A NZ  1 
ATOM   570  N N   . ARG A 1 70  ? 11.161  -2.252  15.288  1.00 30.96 ? 69  ARG A N   1 
ATOM   571  C CA  . ARG A 1 70  ? 10.408  -3.293  14.596  1.00 29.55 ? 69  ARG A CA  1 
ATOM   572  C C   . ARG A 1 70  ? 10.250  -3.145  13.068  1.00 25.54 ? 69  ARG A C   1 
ATOM   573  O O   . ARG A 1 70  ? 10.094  -4.141  12.348  1.00 26.12 ? 69  ARG A O   1 
ATOM   574  C CB  . ARG A 1 70  ? 9.076   -3.555  15.305  1.00 36.40 ? 69  ARG A CB  1 
ATOM   575  C CG  . ARG A 1 70  ? 9.274   -4.320  16.615  1.00 47.98 ? 69  ARG A CG  1 
ATOM   576  C CD  . ARG A 1 70  ? 7.987   -4.445  17.417  1.00 50.81 ? 69  ARG A CD  1 
ATOM   577  N NE  . ARG A 1 70  ? 7.414   -3.142  17.736  1.00 66.43 ? 69  ARG A NE  1 
ATOM   578  C CZ  . ARG A 1 70  ? 6.444   -2.957  18.623  1.00 59.26 ? 69  ARG A CZ  1 
ATOM   579  N NH1 . ARG A 1 70  ? 5.949   -3.999  19.282  1.00 40.14 ? 69  ARG A NH1 1 
ATOM   580  N NH2 . ARG A 1 70  ? 5.982   -1.735  18.857  1.00 38.18 ? 69  ARG A NH2 1 
ATOM   581  N N   . HIS A 1 71  ? 10.301  -1.919  12.550  1.00 27.57 ? 70  HIS A N   1 
ATOM   582  C CA  . HIS A 1 71  ? 10.147  -1.752  11.106  1.00 27.62 ? 70  HIS A CA  1 
ATOM   583  C C   . HIS A 1 71  ? 11.246  -2.513  10.347  1.00 24.03 ? 70  HIS A C   1 
ATOM   584  O O   . HIS A 1 71  ? 10.973  -3.266  9.405   1.00 26.99 ? 70  HIS A O   1 
ATOM   585  C CB  . HIS A 1 71  ? 10.078  -0.257  10.723  1.00 29.74 ? 70  HIS A CB  1 
ATOM   586  C CG  . HIS A 1 71  ? 8.920   0.456   11.363  1.00 26.92 ? 70  HIS A CG  1 
ATOM   587  N ND1 . HIS A 1 71  ? 7.643   -0.071  11.367  1.00 30.00 ? 70  HIS A ND1 1 
ATOM   588  C CD2 . HIS A 1 71  ? 8.854   1.615   12.065  1.00 28.80 ? 70  HIS A CD2 1 
ATOM   589  C CE1 . HIS A 1 71  ? 6.834   0.749   12.017  1.00 28.05 ? 70  HIS A CE1 1 
ATOM   590  N NE2 . HIS A 1 71  ? 7.546   1.773   12.462  1.00 27.97 ? 70  HIS A NE2 1 
ATOM   591  N N   . ASP A 1 72  ? 12.477  -2.337  10.779  1.00 25.38 ? 71  ASP A N   1 
ATOM   592  C CA  . ASP A 1 72  ? 13.594  -3.092  10.180  1.00 28.85 ? 71  ASP A CA  1 
ATOM   593  C C   . ASP A 1 72  ? 13.310  -4.604  10.131  1.00 28.53 ? 71  ASP A C   1 
ATOM   594  O O   . ASP A 1 72  ? 13.342  -5.223  9.059   1.00 28.05 ? 71  ASP A O   1 
ATOM   595  C CB  . ASP A 1 72  ? 14.863  -2.808  10.957  1.00 29.60 ? 71  ASP A CB  1 
ATOM   596  C CG  . ASP A 1 72  ? 15.971  -3.806  10.639  1.00 41.68 ? 71  ASP A CG  1 
ATOM   597  O OD1 . ASP A 1 72  ? 16.423  -3.853  9.480   1.00 33.95 ? 71  ASP A OD1 1 
ATOM   598  O OD2 . ASP A 1 72  ? 16.370  -4.555  11.546  1.00 36.49 ? 71  ASP A OD2 1 
ATOM   599  N N   . VAL A 1 73  ? 12.990  -5.173  11.289  1.00 33.49 ? 72  VAL A N   1 
ATOM   600  C CA  . VAL A 1 73  ? 12.678  -6.601  11.416  1.00 29.76 ? 72  VAL A CA  1 
ATOM   601  C C   . VAL A 1 73  ? 11.569  -7.037  10.462  1.00 29.69 ? 72  VAL A C   1 
ATOM   602  O O   . VAL A 1 73  ? 11.721  -8.020  9.732   1.00 27.80 ? 72  VAL A O   1 
ATOM   603  C CB  . VAL A 1 73  ? 12.294  -6.962  12.877  1.00 34.26 ? 72  VAL A CB  1 
ATOM   604  C CG1 . VAL A 1 73  ? 12.148  -8.466  13.061  1.00 39.81 ? 72  VAL A CG1 1 
ATOM   605  C CG2 . VAL A 1 73  ? 13.301  -6.402  13.859  1.00 32.37 ? 72  VAL A CG2 1 
ATOM   606  N N   . ASN A 1 74  ? 10.455  -6.304  10.467  1.00 26.45 ? 73  ASN A N   1 
ATOM   607  C CA  . ASN A 1 74  ? 9.299   -6.635  9.652   1.00 28.75 ? 73  ASN A CA  1 
ATOM   608  C C   . ASN A 1 74  ? 9.558   -6.559  8.163   1.00 28.43 ? 73  ASN A C   1 
ATOM   609  O O   . ASN A 1 74  ? 9.092   -7.399  7.391   1.00 35.51 ? 73  ASN A O   1 
ATOM   610  C CB  . ASN A 1 74  ? 8.110   -5.749  10.036  1.00 29.18 ? 73  ASN A CB  1 
ATOM   611  C CG  . ASN A 1 74  ? 7.584   -6.071  11.428  1.00 35.71 ? 73  ASN A CG  1 
ATOM   612  O OD1 . ASN A 1 74  ? 7.732   -7.193  11.893  1.00 35.50 ? 73  ASN A OD1 1 
ATOM   613  N ND2 . ASN A 1 74  ? 6.996   -5.090  12.099  1.00 28.88 ? 73  ASN A ND2 1 
ATOM   614  N N   . LEU A 1 75  ? 10.288  -5.529  7.765   1.00 24.13 ? 74  LEU A N   1 
ATOM   615  C CA  . LEU A 1 75  ? 10.699  -5.357  6.381   1.00 33.62 ? 74  LEU A CA  1 
ATOM   616  C C   . LEU A 1 75  ? 11.572  -6.534  5.930   1.00 29.99 ? 74  LEU A C   1 
ATOM   617  O O   . LEU A 1 75  ? 11.352  -7.105  4.860   1.00 35.59 ? 74  LEU A O   1 
ATOM   618  C CB  . LEU A 1 75  ? 11.465  -4.027  6.218   1.00 31.39 ? 74  LEU A CB  1 
ATOM   619  C CG  . LEU A 1 75  ? 10.594  -2.755  6.157   1.00 27.06 ? 74  LEU A CG  1 
ATOM   620  C CD1 . LEU A 1 75  ? 11.447  -1.482  6.277   1.00 26.40 ? 74  LEU A CD1 1 
ATOM   621  C CD2 . LEU A 1 75  ? 9.764   -2.727  4.874   1.00 23.94 ? 74  LEU A CD2 1 
ATOM   622  N N   . GLU A 1 76  ? 12.548  -6.902  6.745   1.00 32.11 ? 75  GLU A N   1 
ATOM   623  C CA  . GLU A 1 76  ? 13.414  -8.041  6.395   1.00 31.55 ? 75  GLU A CA  1 
ATOM   624  C C   . GLU A 1 76  ? 12.585  -9.328  6.283   1.00 35.18 ? 75  GLU A C   1 
ATOM   625  O O   . GLU A 1 76  ? 12.660  -10.045 5.276   1.00 38.59 ? 75  GLU A O   1 
ATOM   626  C CB  . GLU A 1 76  ? 14.515  -8.213  7.428   1.00 27.47 ? 75  GLU A CB  1 
ATOM   627  C CG  . GLU A 1 76  ? 15.495  -7.043  7.549   1.00 27.73 ? 75  GLU A CG  1 
ATOM   628  C CD  . GLU A 1 76  ? 16.477  -6.924  6.374   1.00 45.39 ? 75  GLU A CD  1 
ATOM   629  O OE1 . GLU A 1 76  ? 16.298  -7.611  5.334   1.00 36.66 ? 75  GLU A OE1 1 
ATOM   630  O OE2 . GLU A 1 76  ? 17.443  -6.138  6.506   1.00 33.00 ? 75  GLU A OE2 1 
ATOM   631  N N   . LYS A 1 77  ? 11.777  -9.598  7.309   1.00 35.72 ? 76  LYS A N   1 
ATOM   632  C CA  . LYS A 1 77  ? 10.864  -10.729 7.299   1.00 35.47 ? 76  LYS A CA  1 
ATOM   633  C C   . LYS A 1 77  ? 9.984   -10.795 6.063   1.00 39.63 ? 76  LYS A C   1 
ATOM   634  O O   . LYS A 1 77  ? 9.881   -11.840 5.421   1.00 33.97 ? 76  LYS A O   1 
ATOM   635  C CB  . LYS A 1 77  ? 10.004  -10.744 8.561   1.00 37.08 ? 76  LYS A CB  1 
ATOM   636  C CG  . LYS A 1 77  ? 8.864   -11.743 8.531   1.00 48.30 ? 76  LYS A CG  1 
ATOM   637  C CD  . LYS A 1 77  ? 8.084   -11.734 9.852   1.00 59.85 ? 76  LYS A CD  1 
ATOM   638  C CE  . LYS A 1 77  ? 6.631   -12.148 9.660   1.00 65.10 ? 76  LYS A CE  1 
ATOM   639  N NZ  . LYS A 1 77  ? 6.456   -13.629 9.668   1.00 67.82 ? 76  LYS A NZ  1 
ATOM   640  N N   . CYS A 1 78  ? 9.332   -9.684  5.725   1.00 40.06 ? 77  CYS A N   1 
ATOM   641  C CA  . CYS A 1 78  ? 8.338   -9.710  4.664   1.00 35.70 ? 77  CYS A CA  1 
ATOM   642  C C   . CYS A 1 78  ? 8.933   -9.745  3.267   1.00 33.20 ? 77  CYS A C   1 
ATOM   643  O O   . CYS A 1 78  ? 8.363   -10.357 2.360   1.00 38.03 ? 77  CYS A O   1 
ATOM   644  C CB  . CYS A 1 78  ? 7.324   -8.562  4.818   1.00 38.31 ? 77  CYS A CB  1 
ATOM   645  S SG  . CYS A 1 78  ? 6.315   -8.726  6.310   1.00 41.06 ? 77  CYS A SG  1 
ATOM   646  N N   . ILE A 1 79  ? 10.065  -9.078  3.088   1.00 33.30 ? 78  ILE A N   1 
ATOM   647  C CA  . ILE A 1 79  ? 10.821  -9.202  1.847   1.00 42.27 ? 78  ILE A CA  1 
ATOM   648  C C   . ILE A 1 79  ? 11.287  -10.650 1.654   1.00 43.16 ? 78  ILE A C   1 
ATOM   649  O O   . ILE A 1 79  ? 11.255  -11.186 0.537   1.00 41.88 ? 78  ILE A O   1 
ATOM   650  C CB  . ILE A 1 79  ? 12.035  -8.251  1.813   1.00 41.24 ? 78  ILE A CB  1 
ATOM   651  C CG1 . ILE A 1 79  ? 11.573  -6.786  1.750   1.00 43.80 ? 78  ILE A CG1 1 
ATOM   652  C CG2 . ILE A 1 79  ? 12.942  -8.592  0.628   1.00 42.17 ? 78  ILE A CG2 1 
ATOM   653  C CD1 . ILE A 1 79  ? 12.671  -5.780  2.071   1.00 34.50 ? 78  ILE A CD1 1 
ATOM   654  N N   . GLY A 1 80  ? 11.706  -11.275 2.750   1.00 39.99 ? 79  GLY A N   1 
ATOM   655  C CA  . GLY A 1 80  ? 12.094  -12.686 2.732   1.00 42.80 ? 79  GLY A CA  1 
ATOM   656  C C   . GLY A 1 80  ? 10.987  -13.527 2.126   1.00 49.18 ? 79  GLY A C   1 
ATOM   657  O O   . GLY A 1 80  ? 11.222  -14.281 1.181   1.00 51.95 ? 79  GLY A O   1 
ATOM   658  N N   . GLU A 1 81  ? 9.770   -13.381 2.647   1.00 46.34 ? 80  GLU A N   1 
ATOM   659  C CA  . GLU A 1 81  ? 8.643   -14.181 2.178   1.00 47.65 ? 80  GLU A CA  1 
ATOM   660  C C   . GLU A 1 81  ? 8.251   -13.886 0.728   1.00 49.89 ? 80  GLU A C   1 
ATOM   661  O O   . GLU A 1 81  ? 7.925   -14.793 -0.031  1.00 57.82 ? 80  GLU A O   1 
ATOM   662  C CB  . GLU A 1 81  ? 7.432   -14.022 3.097   1.00 48.36 ? 80  GLU A CB  1 
ATOM   663  C CG  . GLU A 1 81  ? 7.765   -13.984 4.574   1.00 47.97 ? 80  GLU A CG  1 
ATOM   664  C CD  . GLU A 1 81  ? 6.523   -13.979 5.449   1.00 53.62 ? 80  GLU A CD  1 
ATOM   665  O OE1 . GLU A 1 81  ? 5.398   -13.822 4.911   1.00 53.19 ? 80  GLU A OE1 1 
ATOM   666  O OE2 . GLU A 1 81  ? 6.672   -14.128 6.682   1.00 60.14 ? 80  GLU A OE2 1 
ATOM   667  N N   . CYS A 1 82  ? 8.270   -12.620 0.343   1.00 52.08 ? 81  CYS A N   1 
ATOM   668  C CA  . CYS A 1 82  ? 7.867   -12.248 -1.003  1.00 52.42 ? 81  CYS A CA  1 
ATOM   669  C C   . CYS A 1 82  ? 8.869   -12.767 -2.037  1.00 53.56 ? 81  CYS A C   1 
ATOM   670  O O   . CYS A 1 82  ? 8.580   -12.823 -3.234  1.00 54.45 ? 81  CYS A O   1 
ATOM   671  C CB  . CYS A 1 82  ? 7.689   -10.733 -1.116  1.00 45.11 ? 81  CYS A CB  1 
ATOM   672  S SG  . CYS A 1 82  ? 9.175   -9.809  -1.558  1.00 50.49 ? 81  CYS A SG  1 
ATOM   673  N N   . VAL A 1 83  ? 10.043  -13.159 -1.562  1.00 58.49 ? 82  VAL A N   1 
ATOM   674  C CA  . VAL A 1 83  ? 11.088  -13.683 -2.439  1.00 62.10 ? 82  VAL A CA  1 
ATOM   675  C C   . VAL A 1 83  ? 10.920  -15.169 -2.747  1.00 63.88 ? 82  VAL A C   1 
ATOM   676  O O   . VAL A 1 83  ? 11.362  -15.655 -3.788  1.00 67.05 ? 82  VAL A O   1 
ATOM   677  C CB  . VAL A 1 83  ? 12.478  -13.445 -1.845  1.00 58.48 ? 82  VAL A CB  1 
ATOM   678  C CG1 . VAL A 1 83  ? 13.486  -14.370 -2.497  1.00 64.57 ? 82  VAL A CG1 1 
ATOM   679  C CG2 . VAL A 1 83  ? 12.874  -11.989 -2.026  1.00 52.39 ? 82  VAL A CG2 1 
ATOM   680  N N   . GLN A 1 84  ? 10.278  -15.885 -1.833  1.00 65.05 ? 83  GLN A N   1 
ATOM   681  C CA  . GLN A 1 84  ? 10.092  -17.316 -1.973  1.00 64.71 ? 83  GLN A CA  1 
ATOM   682  C C   . GLN A 1 84  ? 8.762   -17.645 -2.643  1.00 67.13 ? 83  GLN A C   1 
ATOM   683  O O   . GLN A 1 84  ? 8.347   -18.808 -2.670  1.00 68.59 ? 83  GLN A O   1 
ATOM   684  C CB  . GLN A 1 84  ? 10.167  -17.988 -0.603  1.00 64.33 ? 83  GLN A CB  1 
ATOM   685  C CG  . GLN A 1 84  ? 11.316  -17.489 0.249   1.00 66.73 ? 83  GLN A CG  1 
ATOM   686  C CD  . GLN A 1 84  ? 11.509  -18.311 1.506   1.00 76.36 ? 83  GLN A CD  1 
ATOM   687  O OE1 . GLN A 1 84  ? 10.710  -18.239 2.442   1.00 71.98 ? 83  GLN A OE1 1 
ATOM   688  N NE2 . GLN A 1 84  ? 12.579  -19.099 1.536   1.00 74.77 ? 83  GLN A NE2 1 
ATOM   689  N N   . VAL A 1 85  ? 8.091   -16.621 -3.175  1.00 63.51 ? 84  VAL A N   1 
ATOM   690  C CA  . VAL A 1 85  ? 6.893   -16.843 -3.982  1.00 61.28 ? 84  VAL A CA  1 
ATOM   691  C C   . VAL A 1 85  ? 7.073   -16.325 -5.406  1.00 62.23 ? 84  VAL A C   1 
ATOM   692  O O   . VAL A 1 85  ? 8.003   -15.565 -5.682  1.00 61.09 ? 84  VAL A O   1 
ATOM   693  C CB  . VAL A 1 85  ? 5.621   -16.239 -3.337  1.00 64.21 ? 84  VAL A CB  1 
ATOM   694  C CG1 . VAL A 1 85  ? 5.487   -16.696 -1.887  1.00 64.25 ? 84  VAL A CG1 1 
ATOM   695  C CG2 . VAL A 1 85  ? 5.630   -14.716 -3.437  1.00 59.17 ? 84  VAL A CG2 1 
ATOM   696  N N   . PRO A 1 86  ? 6.191   -16.755 -6.320  1.00 63.48 ? 85  PRO A N   1 
ATOM   697  C CA  . PRO A 1 86  ? 6.271   -16.408 -7.740  1.00 65.98 ? 85  PRO A CA  1 
ATOM   698  C C   . PRO A 1 86  ? 5.982   -14.928 -8.008  1.00 68.27 ? 85  PRO A C   1 
ATOM   699  O O   . PRO A 1 86  ? 5.295   -14.277 -7.217  1.00 67.72 ? 85  PRO A O   1 
ATOM   700  C CB  . PRO A 1 86  ? 5.189   -17.291 -8.383  1.00 66.55 ? 85  PRO A CB  1 
ATOM   701  C CG  . PRO A 1 86  ? 4.832   -18.316 -7.338  1.00 64.18 ? 85  PRO A CG  1 
ATOM   702  C CD  . PRO A 1 86  ? 5.046   -17.634 -6.033  1.00 62.34 ? 85  PRO A CD  1 
ATOM   703  N N   . THR A 1 87  ? 6.493   -14.419 -9.128  1.00 69.01 ? 86  THR A N   1 
ATOM   704  C CA  . THR A 1 87  ? 6.537   -12.981 -9.397  1.00 67.30 ? 86  THR A CA  1 
ATOM   705  C C   . THR A 1 87  ? 5.177   -12.348 -9.675  1.00 68.99 ? 86  THR A C   1 
ATOM   706  O O   . THR A 1 87  ? 5.072   -11.128 -9.805  1.00 69.54 ? 86  THR A O   1 
ATOM   707  C CB  . THR A 1 87  ? 7.491   -12.654 -10.563 1.00 68.71 ? 86  THR A CB  1 
ATOM   708  O OG1 . THR A 1 87  ? 7.336   -11.281 -10.948 1.00 65.17 ? 86  THR A OG1 1 
ATOM   709  C CG2 . THR A 1 87  ? 7.196   -13.547 -11.762 1.00 73.39 ? 86  THR A CG2 1 
ATOM   710  N N   . SER A 1 88  ? 4.144   -13.180 -9.764  1.00 70.37 ? 87  SER A N   1 
ATOM   711  C CA  . SER A 1 88  ? 2.782   -12.694 -9.941  1.00 70.01 ? 87  SER A CA  1 
ATOM   712  C C   . SER A 1 88  ? 2.073   -12.536 -8.599  1.00 66.25 ? 87  SER A C   1 
ATOM   713  O O   . SER A 1 88  ? 1.079   -11.820 -8.491  1.00 60.24 ? 87  SER A O   1 
ATOM   714  C CB  . SER A 1 88  ? 1.987   -13.639 -10.845 1.00 73.25 ? 87  SER A CB  1 
ATOM   715  O OG  . SER A 1 88  ? 1.551   -14.782 -10.130 1.00 79.62 ? 87  SER A OG  1 
ATOM   716  N N   . GLU A 1 89  ? 2.627   -13.187 -7.598  1.00 63.12 ? 88  GLU A N   1 
ATOM   717  C CA  . GLU A 1 89  ? 2.079   -13.167 -6.273  1.00 59.66 ? 88  GLU A CA  1 
ATOM   718  C C   . GLU A 1 89  ? 2.859   -12.285 -5.281  1.00 55.52 ? 88  GLU A C   1 
ATOM   719  O O   . GLU A 1 89  ? 2.439   -12.079 -4.160  1.00 52.80 ? 88  GLU A O   1 
ATOM   720  C CB  . GLU A 1 89  ? 2.019   -14.585 -5.770  1.00 59.06 ? 88  GLU A CB  1 
ATOM   721  C CG  . GLU A 1 89  ? 1.068   -14.772 -4.654  1.00 66.93 ? 88  GLU A CG  1 
ATOM   722  C CD  . GLU A 1 89  ? 0.977   -16.181 -4.269  1.00 64.70 ? 88  GLU A CD  1 
ATOM   723  O OE1 . GLU A 1 89  ? 0.880   -17.004 -5.169  1.00 73.06 ? 88  GLU A OE1 1 
ATOM   724  O OE2 . GLU A 1 89  ? 1.010   -16.469 -3.079  1.00 71.05 ? 88  GLU A OE2 1 
ATOM   725  N N   . ARG A 1 90  ? 3.997   -11.781 -5.714  1.00 44.76 ? 89  ARG A N   1 
ATOM   726  C CA  . ARG A 1 90  ? 5.057   -11.341 -4.829  1.00 45.08 ? 89  ARG A CA  1 
ATOM   727  C C   . ARG A 1 90  ? 4.751   -10.008 -4.190  1.00 47.78 ? 89  ARG A C   1 
ATOM   728  O O   . ARG A 1 90  ? 4.827   -9.859  -2.991  1.00 48.10 ? 89  ARG A O   1 
ATOM   729  C CB  . ARG A 1 90  ? 6.328   -11.180 -5.626  1.00 31.74 ? 89  ARG A CB  1 
ATOM   730  C CG  . ARG A 1 90  ? 7.503   -10.750 -4.829  1.00 40.04 ? 89  ARG A CG  1 
ATOM   731  C CD  . ARG A 1 90  ? 8.690   -10.639 -5.728  1.00 41.31 ? 89  ARG A CD  1 
ATOM   732  N NE  . ARG A 1 90  ? 8.612   -11.715 -6.689  1.00 59.51 ? 89  ARG A NE  1 
ATOM   733  C CZ  . ARG A 1 90  ? 9.564   -12.597 -6.902  1.00 68.98 ? 89  ARG A CZ  1 
ATOM   734  N NH1 . ARG A 1 90  ? 10.530  -12.320 -7.756  1.00 62.72 ? 89  ARG A NH1 1 
ATOM   735  N NH2 . ARG A 1 90  ? 9.538   -13.757 -6.243  1.00 82.12 ? 89  ARG A NH2 1 
ATOM   736  N N   . ALA A 1 91  ? 4.430   -9.034  -5.022  1.00 49.67 ? 90  ALA A N   1 
ATOM   737  C CA  . ALA A 1 91  ? 4.001   -7.732  -4.526  1.00 48.24 ? 90  ALA A CA  1 
ATOM   738  C C   . ALA A 1 91  ? 2.849   -7.872  -3.536  1.00 46.59 ? 90  ALA A C   1 
ATOM   739  O O   . ALA A 1 91  ? 2.783   -7.153  -2.539  1.00 47.14 ? 90  ALA A O   1 
ATOM   740  C CB  . ALA A 1 91  ? 3.603   -6.829  -5.682  1.00 47.65 ? 90  ALA A CB  1 
ATOM   741  N N   . HIS A 1 92  ? 1.942   -8.802  -3.819  1.00 47.84 ? 91  HIS A N   1 
ATOM   742  C CA  . HIS A 1 92  ? 0.762   -8.998  -2.987  1.00 46.13 ? 91  HIS A CA  1 
ATOM   743  C C   . HIS A 1 92  ? 1.124   -9.658  -1.661  1.00 44.32 ? 91  HIS A C   1 
ATOM   744  O O   . HIS A 1 92  ? 0.522   -9.369  -0.627  1.00 45.43 ? 91  HIS A O   1 
ATOM   745  C CB  . HIS A 1 92  ? -0.281  -9.841  -3.726  1.00 46.04 ? 91  HIS A CB  1 
ATOM   746  C CG  . HIS A 1 92  ? -1.624  -9.858  -3.064  1.00 47.76 ? 91  HIS A CG  1 
ATOM   747  N ND1 . HIS A 1 92  ? -2.636  -10.705 -3.457  1.00 44.40 ? 91  HIS A ND1 1 
ATOM   748  C CD2 . HIS A 1 92  ? -2.120  -9.131  -2.034  1.00 41.72 ? 91  HIS A CD2 1 
ATOM   749  C CE1 . HIS A 1 92  ? -3.700  -10.499 -2.700  1.00 45.01 ? 91  HIS A CE1 1 
ATOM   750  N NE2 . HIS A 1 92  ? -3.412  -9.550  -1.828  1.00 49.64 ? 91  HIS A NE2 1 
ATOM   751  N N   . VAL A 1 93  ? 2.112   -10.546 -1.698  1.00 51.38 ? 92  VAL A N   1 
ATOM   752  C CA  . VAL A 1 93  ? 2.576   -11.233 -0.490  1.00 45.50 ? 92  VAL A CA  1 
ATOM   753  C C   . VAL A 1 93  ? 3.357   -10.318 0.471   1.00 43.35 ? 92  VAL A C   1 
ATOM   754  O O   . VAL A 1 93  ? 3.167   -10.369 1.687   1.00 47.10 ? 92  VAL A O   1 
ATOM   755  C CB  . VAL A 1 93  ? 3.372   -12.516 -0.831  1.00 48.77 ? 92  VAL A CB  1 
ATOM   756  C CG1 . VAL A 1 93  ? 4.061   -13.082 0.422   1.00 40.92 ? 92  VAL A CG1 1 
ATOM   757  C CG2 . VAL A 1 93  ? 2.438   -13.557 -1.467  1.00 46.62 ? 92  VAL A CG2 1 
ATOM   758  N N   . PHE A 1 94  ? 4.234   -9.484  -0.076  1.00 46.61 ? 93  PHE A N   1 
ATOM   759  C CA  . PHE A 1 94  ? 4.887   -8.432  0.699   1.00 41.26 ? 93  PHE A CA  1 
ATOM   760  C C   . PHE A 1 94  ? 3.879   -7.463  1.358   1.00 43.88 ? 93  PHE A C   1 
ATOM   761  O O   . PHE A 1 94  ? 3.980   -7.125  2.542   1.00 39.57 ? 93  PHE A O   1 
ATOM   762  C CB  . PHE A 1 94  ? 5.768   -7.617  -0.243  1.00 43.83 ? 93  PHE A CB  1 
ATOM   763  C CG  . PHE A 1 94  ? 6.488   -6.476  0.418   1.00 43.95 ? 93  PHE A CG  1 
ATOM   764  C CD1 . PHE A 1 94  ? 7.386   -6.706  1.445   1.00 43.60 ? 93  PHE A CD1 1 
ATOM   765  C CD2 . PHE A 1 94  ? 6.275   -5.168  -0.006  1.00 45.20 ? 93  PHE A CD2 1 
ATOM   766  C CE1 . PHE A 1 94  ? 8.058   -5.653  2.051   1.00 42.61 ? 93  PHE A CE1 1 
ATOM   767  C CE2 . PHE A 1 94  ? 6.941   -4.108  0.590   1.00 43.62 ? 93  PHE A CE2 1 
ATOM   768  C CZ  . PHE A 1 94  ? 7.836   -4.346  1.620   1.00 43.90 ? 93  PHE A CZ  1 
ATOM   769  N N   . TYR A 1 95  ? 2.897   -7.038  0.574   1.00 41.25 ? 94  TYR A N   1 
ATOM   770  C CA  . TYR A 1 95  ? 1.786   -6.227  1.063   1.00 36.20 ? 94  TYR A CA  1 
ATOM   771  C C   . TYR A 1 95  ? 1.118   -6.917  2.254   1.00 39.04 ? 94  TYR A C   1 
ATOM   772  O O   . TYR A 1 95  ? 1.106   -6.386  3.371   1.00 35.73 ? 94  TYR A O   1 
ATOM   773  C CB  . TYR A 1 95  ? 0.805   -6.065  -0.103  1.00 40.58 ? 94  TYR A CB  1 
ATOM   774  C CG  . TYR A 1 95  ? -0.497  -5.344  0.169   1.00 36.78 ? 94  TYR A CG  1 
ATOM   775  C CD1 . TYR A 1 95  ? -0.548  -3.960  0.265   1.00 45.52 ? 94  TYR A CD1 1 
ATOM   776  C CD2 . TYR A 1 95  ? -1.684  -6.051  0.268   1.00 38.17 ? 94  TYR A CD2 1 
ATOM   777  C CE1 . TYR A 1 95  ? -1.748  -3.303  0.483   1.00 45.30 ? 94  TYR A CE1 1 
ATOM   778  C CE2 . TYR A 1 95  ? -2.874  -5.415  0.482   1.00 50.63 ? 94  TYR A CE2 1 
ATOM   779  C CZ  . TYR A 1 95  ? -2.905  -4.043  0.589   1.00 46.46 ? 94  TYR A CZ  1 
ATOM   780  O OH  . TYR A 1 95  ? -4.117  -3.431  0.791   1.00 40.38 ? 94  TYR A OH  1 
ATOM   781  N N   . LYS A 1 96  ? 0.556   -8.102  2.005   1.00 47.96 ? 95  LYS A N   1 
ATOM   782  C CA  . LYS A 1 96  ? -0.132  -8.900  3.026   1.00 46.28 ? 95  LYS A CA  1 
ATOM   783  C C   . LYS A 1 96  ? 0.700   -9.089  4.305   1.00 40.19 ? 95  LYS A C   1 
ATOM   784  O O   . LYS A 1 96  ? 0.198   -8.949  5.431   1.00 33.33 ? 95  LYS A O   1 
ATOM   785  C CB  . LYS A 1 96  ? -0.498  -10.282 2.454   1.00 50.68 ? 95  LYS A CB  1 
ATOM   786  C CG  . LYS A 1 96  ? -1.681  -10.304 1.477   1.00 57.98 ? 95  LYS A CG  1 
ATOM   787  C CD  . LYS A 1 96  ? -2.025  -11.747 1.022   1.00 49.77 ? 95  LYS A CD  1 
ATOM   788  C CE  . LYS A 1 96  ? -1.329  -12.118 -0.292  1.00 51.42 ? 95  LYS A CE  1 
ATOM   789  N NZ  . LYS A 1 96  ? -1.427  -13.582 -0.654  1.00 51.54 ? 95  LYS A NZ  1 
ATOM   790  N N   . CYS A 1 97  ? 1.969   -9.426  4.130   1.00 39.03 ? 96  CYS A N   1 
ATOM   791  C CA  . CYS A 1 97  ? 2.821   -9.736  5.267   1.00 40.79 ? 96  CYS A CA  1 
ATOM   792  C C   . CYS A 1 97  ? 2.997   -8.490  6.140   1.00 35.42 ? 96  CYS A C   1 
ATOM   793  O O   . CYS A 1 97  ? 2.988   -8.563  7.369   1.00 34.27 ? 96  CYS A O   1 
ATOM   794  C CB  . CYS A 1 97  ? 4.183   -10.277 4.785   1.00 35.88 ? 96  CYS A CB  1 
ATOM   795  S SG  . CYS A 1 97  ? 5.421   -10.548 6.103   1.00 45.72 ? 96  CYS A SG  1 
ATOM   796  N N   . LEU A 1 98  ? 3.163   -7.344  5.487   1.00 37.37 ? 97  LEU A N   1 
ATOM   797  C CA  . LEU A 1 98  ? 3.423   -6.097  6.191   1.00 35.05 ? 97  LEU A CA  1 
ATOM   798  C C   . LEU A 1 98  ? 2.206   -5.768  7.033   1.00 32.62 ? 97  LEU A C   1 
ATOM   799  O O   . LEU A 1 98  ? 2.331   -5.360  8.186   1.00 29.72 ? 97  LEU A O   1 
ATOM   800  C CB  . LEU A 1 98  ? 3.676   -4.958  5.189   1.00 37.13 ? 97  LEU A CB  1 
ATOM   801  C CG  . LEU A 1 98  ? 5.127   -4.787  4.719   1.00 49.63 ? 97  LEU A CG  1 
ATOM   802  C CD1 . LEU A 1 98  ? 5.253   -3.568  3.818   1.00 40.03 ? 97  LEU A CD1 1 
ATOM   803  C CD2 . LEU A 1 98  ? 6.121   -4.715  5.898   1.00 39.16 ? 97  LEU A CD2 1 
ATOM   804  N N   . LEU A 1 99  ? 1.027   -5.952  6.445   1.00 31.55 ? 98  LEU A N   1 
ATOM   805  C CA  . LEU A 1 99  ? -0.202  -5.542  7.102   1.00 32.93 ? 98  LEU A CA  1 
ATOM   806  C C   . LEU A 1 99  ? -0.471  -6.384  8.335   1.00 36.87 ? 98  LEU A C   1 
ATOM   807  O O   . LEU A 1 99  ? -0.972  -5.871  9.328   1.00 38.69 ? 98  LEU A O   1 
ATOM   808  C CB  . LEU A 1 99  ? -1.396  -5.501  6.133   1.00 38.29 ? 98  LEU A CB  1 
ATOM   809  C CG  . LEU A 1 99  ? -1.405  -4.340  5.115   1.00 38.75 ? 98  LEU A CG  1 
ATOM   810  C CD1 . LEU A 1 99  ? -2.124  -4.718  3.826   1.00 35.69 ? 98  LEU A CD1 1 
ATOM   811  C CD2 . LEU A 1 99  ? -2.020  -3.086  5.714   1.00 28.70 ? 98  LEU A CD2 1 
ATOM   812  N N   . LYS A 1 100 ? -0.091  -7.660  8.277   1.00 42.82 ? 99  LYS A N   1 
ATOM   813  C CA  . LYS A 1 100 ? -0.163  -8.565  9.432   1.00 48.35 ? 99  LYS A CA  1 
ATOM   814  C C   . LYS A 1 100 ? 0.835   -8.242  10.541  1.00 42.61 ? 99  LYS A C   1 
ATOM   815  O O   . LYS A 1 100 ? 0.568   -8.497  11.713  1.00 46.87 ? 99  LYS A O   1 
ATOM   816  C CB  . LYS A 1 100 ? 0.019   -10.023 8.998   1.00 49.03 ? 99  LYS A CB  1 
ATOM   817  C CG  . LYS A 1 100 ? -1.069  -10.546 8.061   1.00 59.39 ? 99  LYS A CG  1 
ATOM   818  C CD  . LYS A 1 100 ? -0.706  -11.941 7.514   1.00 62.39 ? 99  LYS A CD  1 
ATOM   819  C CE  . LYS A 1 100 ? -1.667  -12.369 6.400   1.00 78.72 ? 99  LYS A CE  1 
ATOM   820  N NZ  . LYS A 1 100 ? -1.703  -13.849 6.200   1.00 84.59 ? 99  LYS A NZ  1 
ATOM   821  N N   . SER A 1 101 ? 1.984   -7.684  10.176  1.00 38.82 ? 100 SER A N   1 
ATOM   822  C CA  . SER A 1 101 ? 3.011   -7.397  11.150  1.00 28.19 ? 100 SER A CA  1 
ATOM   823  C C   . SER A 1 101 ? 2.627   -6.192  11.973  1.00 32.73 ? 100 SER A C   1 
ATOM   824  O O   . SER A 1 101 ? 1.653   -5.514  11.689  1.00 35.66 ? 100 SER A O   1 
ATOM   825  C CB  . SER A 1 101 ? 4.357   -7.134  10.470  1.00 32.04 ? 100 SER A CB  1 
ATOM   826  O OG  . SER A 1 101 ? 4.379   -5.878  9.805   1.00 30.57 ? 100 SER A OG  1 
ATOM   827  N N   . THR A 1 102 ? 3.422   -5.915  12.991  1.00 29.06 ? 101 THR A N   1 
ATOM   828  C CA  . THR A 1 102 ? 3.240   -4.715  13.782  1.00 31.18 ? 101 THR A CA  1 
ATOM   829  C C   . THR A 1 102 ? 3.535   -3.430  12.980  1.00 31.22 ? 101 THR A C   1 
ATOM   830  O O   . THR A 1 102 ? 3.160   -2.326  13.408  1.00 32.18 ? 101 THR A O   1 
ATOM   831  C CB  . THR A 1 102 ? 4.113   -4.769  15.045  1.00 31.13 ? 101 THR A CB  1 
ATOM   832  O OG1 . THR A 1 102 ? 5.497   -4.838  14.677  1.00 33.85 ? 101 THR A OG1 1 
ATOM   833  C CG2 . THR A 1 102 ? 3.772   -5.998  15.889  1.00 31.32 ? 101 THR A CG2 1 
ATOM   834  N N   . THR A 1 103 ? 4.212   -3.564  11.831  1.00 28.67 ? 102 THR A N   1 
ATOM   835  C CA  . THR A 1 103 ? 4.385   -2.428  10.902  1.00 23.87 ? 102 THR A CA  1 
ATOM   836  C C   . THR A 1 103 ? 3.105   -2.072  10.133  1.00 29.83 ? 102 THR A C   1 
ATOM   837  O O   . THR A 1 103 ? 3.009   -1.009  9.535   1.00 31.04 ? 102 THR A O   1 
ATOM   838  C CB  . THR A 1 103 ? 5.568   -2.664  9.943   1.00 23.74 ? 102 THR A CB  1 
ATOM   839  O OG1 . THR A 1 103 ? 6.761   -2.766  10.727  1.00 28.64 ? 102 THR A OG1 1 
ATOM   840  C CG2 . THR A 1 103 ? 5.709   -1.524  8.947   1.00 27.64 ? 102 THR A CG2 1 
ATOM   841  N N   . GLY A 1 104 ? 2.100   -2.940  10.202  1.00 27.51 ? 103 GLY A N   1 
ATOM   842  C CA  . GLY A 1 104 ? 0.842   -2.715  9.517   1.00 31.40 ? 103 GLY A CA  1 
ATOM   843  C C   . GLY A 1 104 ? 0.262   -1.360  9.860   1.00 28.78 ? 103 GLY A C   1 
ATOM   844  O O   . GLY A 1 104 ? -0.145  -0.605  8.970   1.00 30.29 ? 103 GLY A O   1 
ATOM   845  N N   . ARG A 1 105 ? 0.245   -1.035  11.153  1.00 25.42 ? 104 ARG A N   1 
ATOM   846  C CA  . ARG A 1 105 ? -0.398  0.205   11.611  1.00 29.62 ? 104 ARG A CA  1 
ATOM   847  C C   . ARG A 1 105 ? 0.163   1.380   10.806  1.00 30.10 ? 104 ARG A C   1 
ATOM   848  O O   . ARG A 1 105 ? -0.567  2.235   10.262  1.00 23.28 ? 104 ARG A O   1 
ATOM   849  C CB  . ARG A 1 105 ? -0.058  0.423   13.085  1.00 26.41 ? 104 ARG A CB  1 
ATOM   850  C CG  . ARG A 1 105 ? -0.515  1.743   13.673  1.00 25.23 ? 104 ARG A CG  1 
ATOM   851  C CD  . ARG A 1 105 ? 0.055   1.946   15.091  1.00 25.96 ? 104 ARG A CD  1 
ATOM   852  N NE  . ARG A 1 105 ? -0.410  3.183   15.711  1.00 30.56 ? 104 ARG A NE  1 
ATOM   853  C CZ  . ARG A 1 105 ? 0.217   3.773   16.721  1.00 37.45 ? 104 ARG A CZ  1 
ATOM   854  N NH1 . ARG A 1 105 ? 1.343   3.248   17.200  1.00 33.97 ? 104 ARG A NH1 1 
ATOM   855  N NH2 . ARG A 1 105 ? -0.276  4.883   17.253  1.00 33.66 ? 104 ARG A NH2 1 
ATOM   856  N N   . THR A 1 106 ? 1.482   1.437   10.769  1.00 26.47 ? 105 THR A N   1 
ATOM   857  C CA  . THR A 1 106 ? 2.177   2.572   10.186  1.00 30.24 ? 105 THR A CA  1 
ATOM   858  C C   . THR A 1 106 ? 2.286   2.463   8.657   1.00 26.37 ? 105 THR A C   1 
ATOM   859  O O   . THR A 1 106 ? 2.269   3.479   7.939   1.00 27.32 ? 105 THR A O   1 
ATOM   860  C CB  . THR A 1 106 ? 3.548   2.723   10.856  1.00 33.18 ? 105 THR A CB  1 
ATOM   861  O OG1 . THR A 1 106 ? 3.343   2.933   12.260  1.00 31.20 ? 105 THR A OG1 1 
ATOM   862  C CG2 . THR A 1 106 ? 4.320   3.908   10.293  1.00 27.28 ? 105 THR A CG2 1 
ATOM   863  N N   . PHE A 1 107 ? 2.421   1.241   8.148   1.00 23.67 ? 106 PHE A N   1 
ATOM   864  C CA  . PHE A 1 107 ? 2.440   1.042   6.703   1.00 26.58 ? 106 PHE A CA  1 
ATOM   865  C C   . PHE A 1 107 ? 1.191   1.633   6.054   1.00 31.07 ? 106 PHE A C   1 
ATOM   866  O O   . PHE A 1 107 ? 1.289   2.290   5.021   1.00 24.56 ? 106 PHE A O   1 
ATOM   867  C CB  . PHE A 1 107 ? 2.556   -0.444  6.340   1.00 26.48 ? 106 PHE A CB  1 
ATOM   868  C CG  . PHE A 1 107 ? 2.391   -0.734  4.861   1.00 27.89 ? 106 PHE A CG  1 
ATOM   869  C CD1 . PHE A 1 107 ? 3.244   -0.170  3.925   1.00 25.84 ? 106 PHE A CD1 1 
ATOM   870  C CD2 . PHE A 1 107 ? 1.434   -1.626  4.424   1.00 24.72 ? 106 PHE A CD2 1 
ATOM   871  C CE1 . PHE A 1 107 ? 3.106   -0.444  2.564   1.00 28.74 ? 106 PHE A CE1 1 
ATOM   872  C CE2 . PHE A 1 107 ? 1.291   -1.915  3.069   1.00 32.62 ? 106 PHE A CE2 1 
ATOM   873  C CZ  . PHE A 1 107 ? 2.135   -1.322  2.137   1.00 29.45 ? 106 PHE A CZ  1 
ATOM   874  N N   . LYS A 1 108 ? 0.017   1.364   6.631   1.00 27.29 ? 107 LYS A N   1 
ATOM   875  C CA  . LYS A 1 108 ? -1.229  1.978   6.156   1.00 28.91 ? 107 LYS A CA  1 
ATOM   876  C C   . LYS A 1 108 ? -1.178  3.508   6.069   1.00 21.25 ? 107 LYS A C   1 
ATOM   877  O O   . LYS A 1 108 ? -1.691  4.084   5.140   1.00 26.42 ? 107 LYS A O   1 
ATOM   878  C CB  . LYS A 1 108 ? -2.431  1.560   7.025   1.00 32.41 ? 107 LYS A CB  1 
ATOM   879  C CG  . LYS A 1 108 ? -2.802  0.084   6.895   1.00 38.11 ? 107 LYS A CG  1 
ATOM   880  C CD  . LYS A 1 108 ? -3.992  -0.298  7.803   1.00 35.70 ? 107 LYS A CD  1 
ATOM   881  C CE  . LYS A 1 108 ? -3.496  -0.763  9.167   1.00 42.35 ? 107 LYS A CE  1 
ATOM   882  N NZ  . LYS A 1 108 ? -4.556  -1.412  9.991   1.00 51.72 ? 107 LYS A NZ  1 
ATOM   883  N N   . LYS A 1 109 ? -0.548  4.157   7.045   1.00 23.44 ? 108 LYS A N   1 
ATOM   884  C CA  . LYS A 1 109 ? -0.428  5.597   7.034   1.00 26.42 ? 108 LYS A CA  1 
ATOM   885  C C   . LYS A 1 109 ? 0.511   6.055   5.915   1.00 29.52 ? 108 LYS A C   1 
ATOM   886  O O   . LYS A 1 109 ? 0.198   6.978   5.195   1.00 23.88 ? 108 LYS A O   1 
ATOM   887  C CB  . LYS A 1 109 ? 0.092   6.080   8.393   1.00 29.57 ? 108 LYS A CB  1 
ATOM   888  C CG  . LYS A 1 109 ? -0.835  5.669   9.541   1.00 23.18 ? 108 LYS A CG  1 
ATOM   889  C CD  . LYS A 1 109 ? -0.279  6.124   10.896  1.00 26.69 ? 108 LYS A CD  1 
ATOM   890  C CE  . LYS A 1 109 ? -1.177  5.591   12.044  1.00 29.53 ? 108 LYS A CE  1 
ATOM   891  N NZ  . LYS A 1 109 ? -0.605  6.059   13.327  1.00 26.78 ? 108 LYS A NZ  1 
ATOM   892  N N   . VAL A 1 110 ? 1.661   5.401   5.788   1.00 28.00 ? 109 VAL A N   1 
ATOM   893  C CA  . VAL A 1 110 ? 2.646   5.722   4.754   1.00 32.56 ? 109 VAL A CA  1 
ATOM   894  C C   . VAL A 1 110 ? 2.056   5.518   3.369   1.00 30.28 ? 109 VAL A C   1 
ATOM   895  O O   . VAL A 1 110 ? 2.259   6.318   2.466   1.00 25.65 ? 109 VAL A O   1 
ATOM   896  C CB  . VAL A 1 110 ? 3.909   4.838   4.902   1.00 29.77 ? 109 VAL A CB  1 
ATOM   897  C CG1 . VAL A 1 110 ? 4.820   5.004   3.660   1.00 30.39 ? 109 VAL A CG1 1 
ATOM   898  C CG2 . VAL A 1 110 ? 4.675   5.281   6.147   1.00 26.45 ? 109 VAL A CG2 1 
ATOM   899  N N   . PHE A 1 111 ? 1.326   4.425   3.223   1.00 27.80 ? 110 PHE A N   1 
ATOM   900  C CA  . PHE A 1 111 ? 0.595   4.119   1.993   1.00 30.35 ? 110 PHE A CA  1 
ATOM   901  C C   . PHE A 1 111 ? -0.432  5.221   1.654   1.00 29.29 ? 110 PHE A C   1 
ATOM   902  O O   . PHE A 1 111 ? -0.374  5.779   0.578   1.00 30.65 ? 110 PHE A O   1 
ATOM   903  C CB  . PHE A 1 111 ? -0.095  2.756   2.112   1.00 31.61 ? 110 PHE A CB  1 
ATOM   904  C CG  . PHE A 1 111 ? -0.579  2.196   0.797   1.00 29.94 ? 110 PHE A CG  1 
ATOM   905  C CD1 . PHE A 1 111 ? -1.610  2.818   0.100   1.00 43.33 ? 110 PHE A CD1 1 
ATOM   906  C CD2 . PHE A 1 111 ? -0.025  1.050   0.270   1.00 35.50 ? 110 PHE A CD2 1 
ATOM   907  C CE1 . PHE A 1 111 ? -2.066  2.304   -1.102  1.00 49.26 ? 110 PHE A CE1 1 
ATOM   908  C CE2 . PHE A 1 111 ? -0.472  0.536   -0.933  1.00 40.35 ? 110 PHE A CE2 1 
ATOM   909  C CZ  . PHE A 1 111 ? -1.492  1.160   -1.617  1.00 46.41 ? 110 PHE A CZ  1 
ATOM   910  N N   . ASP A 1 112 ? -1.354  5.525   2.570   1.00 26.83 ? 111 ASP A N   1 
ATOM   911  C CA  . ASP A 1 112 ? -2.289  6.654   2.386   1.00 28.40 ? 111 ASP A CA  1 
ATOM   912  C C   . ASP A 1 112 ? -1.600  7.963   1.978   1.00 28.59 ? 111 ASP A C   1 
ATOM   913  O O   . ASP A 1 112 ? -2.049  8.669   1.045   1.00 23.46 ? 111 ASP A O   1 
ATOM   914  C CB  . ASP A 1 112 ? -3.113  6.906   3.654   1.00 26.08 ? 111 ASP A CB  1 
ATOM   915  C CG  . ASP A 1 112 ? -4.208  5.848   3.891   1.00 33.46 ? 111 ASP A CG  1 
ATOM   916  O OD1 . ASP A 1 112 ? -4.399  4.940   3.061   1.00 28.85 ? 111 ASP A OD1 1 
ATOM   917  O OD2 . ASP A 1 112 ? -4.886  5.942   4.929   1.00 33.68 ? 111 ASP A OD2 1 
ATOM   918  N N   . LEU A 1 113 ? -0.539  8.318   2.703   1.00 22.37 ? 112 LEU A N   1 
ATOM   919  C CA  . LEU A 1 113 ? 0.187   9.554   2.447   1.00 22.05 ? 112 LEU A CA  1 
ATOM   920  C C   . LEU A 1 113 ? 0.779   9.547   1.046   1.00 25.07 ? 112 LEU A C   1 
ATOM   921  O O   . LEU A 1 113 ? 0.660   10.530  0.307   1.00 27.04 ? 112 LEU A O   1 
ATOM   922  C CB  . LEU A 1 113 ? 1.296   9.765   3.502   1.00 27.22 ? 112 LEU A CB  1 
ATOM   923  C CG  . LEU A 1 113 ? 0.767   10.303  4.852   1.00 27.88 ? 112 LEU A CG  1 
ATOM   924  C CD1 . LEU A 1 113 ? 1.821   10.054  5.949   1.00 28.94 ? 112 LEU A CD1 1 
ATOM   925  C CD2 . LEU A 1 113 ? 0.559   11.827  4.682   1.00 25.65 ? 112 LEU A CD2 1 
ATOM   926  N N   . MET A 1 114 ? 1.381   8.433   0.666   1.00 25.56 ? 113 MET A N   1 
ATOM   927  C CA  . MET A 1 114 ? 2.045   8.402   -0.619  1.00 29.39 ? 113 MET A CA  1 
ATOM   928  C C   . MET A 1 114 ? 1.058   8.439   -1.773  1.00 31.27 ? 113 MET A C   1 
ATOM   929  O O   . MET A 1 114 ? 1.359   8.972   -2.843  1.00 30.10 ? 113 MET A O   1 
ATOM   930  C CB  . MET A 1 114 ? 2.920   7.176   -0.777  1.00 28.23 ? 113 MET A CB  1 
ATOM   931  C CG  . MET A 1 114 ? 3.532   7.132   -2.176  1.00 37.84 ? 113 MET A CG  1 
ATOM   932  S SD  . MET A 1 114 ? 4.626   8.553   -2.419  1.00 46.02 ? 113 MET A SD  1 
ATOM   933  C CE  . MET A 1 114 ? 5.679   8.250   -0.976  1.00 41.04 ? 113 MET A CE  1 
ATOM   934  N N   . GLU A 1 115 ? -0.102  7.835   -1.562  1.00 27.33 ? 114 GLU A N   1 
ATOM   935  C CA  . GLU A 1 115 ? -1.191  7.891   -2.527  1.00 29.76 ? 114 GLU A CA  1 
ATOM   936  C C   . GLU A 1 115 ? -1.686  9.295   -2.820  1.00 25.63 ? 114 GLU A C   1 
ATOM   937  O O   . GLU A 1 115 ? -1.811  9.698   -3.986  1.00 28.92 ? 114 GLU A O   1 
ATOM   938  C CB  . GLU A 1 115 ? -2.363  7.011   -2.069  1.00 33.57 ? 114 GLU A CB  1 
ATOM   939  C CG  . GLU A 1 115 ? -3.505  7.049   -3.050  1.00 35.22 ? 114 GLU A CG  1 
ATOM   940  C CD  . GLU A 1 115 ? -4.660  6.148   -2.661  1.00 48.49 ? 114 GLU A CD  1 
ATOM   941  O OE1 . GLU A 1 115 ? -4.646  5.590   -1.534  1.00 52.15 ? 114 GLU A OE1 1 
ATOM   942  O OE2 . GLU A 1 115 ? -5.588  6.010   -3.493  1.00 44.29 ? 114 GLU A OE2 1 
ATOM   943  N N   . LEU A 1 116 ? -1.966  10.050  -1.766  1.00 26.80 ? 115 LEU A N   1 
ATOM   944  C CA  . LEU A 1 116 ? -2.403  11.428  -1.907  1.00 25.32 ? 115 LEU A CA  1 
ATOM   945  C C   . LEU A 1 116 ? -1.298  12.389  -2.308  1.00 29.45 ? 115 LEU A C   1 
ATOM   946  O O   . LEU A 1 116 ? -1.523  13.350  -3.063  1.00 27.89 ? 115 LEU A O   1 
ATOM   947  C CB  . LEU A 1 116 ? -3.079  11.894  -0.627  1.00 29.55 ? 115 LEU A CB  1 
ATOM   948  C CG  . LEU A 1 116 ? -4.341  11.075  -0.303  1.00 38.15 ? 115 LEU A CG  1 
ATOM   949  C CD1 . LEU A 1 116 ? -5.273  11.852  0.594   1.00 34.73 ? 115 LEU A CD1 1 
ATOM   950  C CD2 . LEU A 1 116 ? -5.060  10.624  -1.571  1.00 43.02 ? 115 LEU A CD2 1 
ATOM   951  N N   . LYS A 1 117 ? -0.086  12.151  -1.825  1.00 25.76 ? 116 LYS A N   1 
ATOM   952  C CA  . LYS A 1 117 ? 1.053   12.908  -2.369  1.00 30.34 ? 116 LYS A CA  1 
ATOM   953  C C   . LYS A 1 117 ? 1.191   12.753  -3.886  1.00 34.57 ? 116 LYS A C   1 
ATOM   954  O O   . LYS A 1 117 ? 1.365   13.743  -4.618  1.00 37.64 ? 116 LYS A O   1 
ATOM   955  C CB  . LYS A 1 117 ? 2.360   12.508  -1.673  1.00 25.93 ? 116 LYS A CB  1 
ATOM   956  C CG  . LYS A 1 117 ? 2.456   13.089  -0.294  1.00 30.45 ? 116 LYS A CG  1 
ATOM   957  C CD  . LYS A 1 117 ? 3.722   12.644  0.429   1.00 39.08 ? 116 LYS A CD  1 
ATOM   958  C CE  . LYS A 1 117 ? 3.518   12.813  1.921   1.00 46.41 ? 116 LYS A CE  1 
ATOM   959  N NZ  . LYS A 1 117 ? 4.806   12.878  2.648   1.00 49.11 ? 116 LYS A NZ  1 
ATOM   960  N N   . LYS A 1 118 ? 1.143   11.513  -4.366  1.00 33.46 ? 117 LYS A N   1 
ATOM   961  C CA  . LYS A 1 118 ? 1.349   11.261  -5.789  1.00 36.49 ? 117 LYS A CA  1 
ATOM   962  C C   . LYS A 1 118 ? 0.190   11.822  -6.611  1.00 40.24 ? 117 LYS A C   1 
ATOM   963  O O   . LYS A 1 118 ? 0.358   12.194  -7.773  1.00 40.65 ? 117 LYS A O   1 
ATOM   964  C CB  . LYS A 1 118 ? 1.526   9.775   -6.073  1.00 38.04 ? 117 LYS A CB  1 
ATOM   965  C CG  . LYS A 1 118 ? 2.793   9.195   -5.503  1.00 46.45 ? 117 LYS A CG  1 
ATOM   966  C CD  . LYS A 1 118 ? 3.124   7.855   -6.147  1.00 60.93 ? 117 LYS A CD  1 
ATOM   967  C CE  . LYS A 1 118 ? 4.616   7.530   -6.018  1.00 64.52 ? 117 LYS A CE  1 
ATOM   968  N NZ  . LYS A 1 118 ? 5.435   8.291   -7.005  1.00 53.86 ? 117 LYS A NZ  1 
ATOM   969  N N   . ALA A 1 119 ? -0.981  11.893  -5.992  1.00 35.26 ? 118 ALA A N   1 
ATOM   970  C CA  . ALA A 1 119 ? -2.177  12.396  -6.664  1.00 43.62 ? 118 ALA A CA  1 
ATOM   971  C C   . ALA A 1 119 ? -2.181  13.928  -6.651  1.00 40.02 ? 118 ALA A C   1 
ATOM   972  O O   . ALA A 1 119 ? -2.927  14.566  -7.384  1.00 34.15 ? 118 ALA A O   1 
ATOM   973  C CB  . ALA A 1 119 ? -3.429  11.839  -6.003  1.00 31.65 ? 118 ALA A CB  1 
ATOM   974  N N   . GLY A 1 120 ? -1.323  14.511  -5.820  1.00 38.09 ? 119 GLY A N   1 
ATOM   975  C CA  . GLY A 1 120 ? -1.138  15.957  -5.806  1.00 34.07 ? 119 GLY A CA  1 
ATOM   976  C C   . GLY A 1 120 ? -2.179  16.628  -4.948  1.00 36.66 ? 119 GLY A C   1 
ATOM   977  O O   . GLY A 1 120 ? -2.453  17.818  -5.113  1.00 41.82 ? 119 GLY A O   1 
ATOM   978  N N   . LYS A 1 121 ? -2.754  15.854  -4.024  1.00 35.06 ? 120 LYS A N   1 
ATOM   979  C CA  . LYS A 1 121 ? -3.828  16.308  -3.141  1.00 32.63 ? 120 LYS A CA  1 
ATOM   980  C C   . LYS A 1 121 ? -3.312  16.878  -1.841  1.00 35.88 ? 120 LYS A C   1 
ATOM   981  O O   . LYS A 1 121 ? -4.057  17.520  -1.087  1.00 35.50 ? 120 LYS A O   1 
ATOM   982  C CB  . LYS A 1 121 ? -4.737  15.111  -2.795  1.00 38.52 ? 120 LYS A CB  1 
ATOM   983  C CG  . LYS A 1 121 ? -5.392  14.426  -3.984  1.00 41.91 ? 120 LYS A CG  1 
ATOM   984  C CD  . LYS A 1 121 ? -6.027  15.443  -4.918  1.00 47.57 ? 120 LYS A CD  1 
ATOM   985  C CE  . LYS A 1 121 ? -6.801  14.756  -6.043  1.00 54.27 ? 120 LYS A CE  1 
ATOM   986  N NZ  . LYS A 1 121 ? -7.567  15.735  -6.877  1.00 69.28 ? 120 LYS A NZ  1 
ATOM   987  N N   . VAL A 1 122 ? -2.042  16.588  -1.548  1.00 30.87 ? 121 VAL A N   1 
ATOM   988  C CA  . VAL A 1 122 ? -1.421  16.994  -0.305  1.00 32.09 ? 121 VAL A CA  1 
ATOM   989  C C   . VAL A 1 122 ? 0.059   17.268  -0.653  1.00 37.28 ? 121 VAL A C   1 
ATOM   990  O O   . VAL A 1 122 ? 0.570   16.671  -1.612  1.00 30.85 ? 121 VAL A O   1 
ATOM   991  C CB  . VAL A 1 122 ? -1.655  15.867  0.749   1.00 40.47 ? 121 VAL A CB  1 
ATOM   992  C CG1 . VAL A 1 122 ? -0.609  14.768  0.676   1.00 27.62 ? 121 VAL A CG1 1 
ATOM   993  C CG2 . VAL A 1 122 ? -1.814  16.423  2.113   1.00 48.75 ? 121 VAL A CG2 1 
ATOM   994  N N   . PRO A 1 123 ? 0.735   18.196  0.074   1.00 32.95 ? 122 PRO A N   1 
ATOM   995  C CA  . PRO A 1 123 ? 2.119   18.493  -0.315  1.00 38.13 ? 122 PRO A CA  1 
ATOM   996  C C   . PRO A 1 123 ? 3.074   17.377  0.076   1.00 37.18 ? 122 PRO A C   1 
ATOM   997  O O   . PRO A 1 123 ? 2.731   16.517  0.898   1.00 37.19 ? 122 PRO A O   1 
ATOM   998  C CB  . PRO A 1 123 ? 2.448   19.777  0.462   1.00 43.16 ? 122 PRO A CB  1 
ATOM   999  C CG  . PRO A 1 123 ? 1.540   19.751  1.649   1.00 42.31 ? 122 PRO A CG  1 
ATOM   1000 C CD  . PRO A 1 123 ? 0.301   18.982  1.247   1.00 32.79 ? 122 PRO A CD  1 
ATOM   1001 N N   . GLN A 1 124 ? 4.275   17.406  -0.500  1.00 38.67 ? 123 GLN A N   1 
ATOM   1002 C CA  . GLN A 1 124 ? 5.224   16.317  -0.355  1.00 35.63 ? 123 GLN A CA  1 
ATOM   1003 C C   . GLN A 1 124 ? 5.680   16.083  1.073   1.00 33.14 ? 123 GLN A C   1 
ATOM   1004 O O   . GLN A 1 124 ? 6.051   14.967  1.420   1.00 30.06 ? 123 GLN A O   1 
ATOM   1005 C CB  . GLN A 1 124 ? 6.441   16.528  -1.262  1.00 32.35 ? 123 GLN A CB  1 
ATOM   1006 C CG  . GLN A 1 124 ? 6.095   16.516  -2.750  1.00 48.71 ? 123 GLN A CG  1 
ATOM   1007 C CD  . GLN A 1 124 ? 5.492   15.194  -3.234  1.00 53.49 ? 123 GLN A CD  1 
ATOM   1008 O OE1 . GLN A 1 124 ? 5.990   14.106  -2.923  1.00 53.77 ? 123 GLN A OE1 1 
ATOM   1009 N NE2 . GLN A 1 124 ? 4.429   15.294  -4.022  1.00 62.19 ? 123 GLN A NE2 1 
ATOM   1010 N N   . HIS A 1 125 ? 5.680   17.124  1.905   1.00 36.32 ? 124 HIS A N   1 
ATOM   1011 C CA  . HIS A 1 125 ? 6.178   16.946  3.289   1.00 33.82 ? 124 HIS A CA  1 
ATOM   1012 C C   . HIS A 1 125 ? 5.014   16.734  4.242   1.00 34.12 ? 124 HIS A C   1 
ATOM   1013 O O   . HIS A 1 125 ? 5.197   16.700  5.462   1.00 32.56 ? 124 HIS A O   1 
ATOM   1014 C CB  . HIS A 1 125 ? 6.935   18.186  3.746   1.00 35.73 ? 124 HIS A CB  1 
ATOM   1015 C CG  . HIS A 1 125 ? 6.052   19.378  3.906   1.00 31.64 ? 124 HIS A CG  1 
ATOM   1016 N ND1 . HIS A 1 125 ? 5.350   19.925  2.854   1.00 32.84 ? 124 HIS A ND1 1 
ATOM   1017 C CD2 . HIS A 1 125 ? 5.731   20.113  4.998   1.00 27.45 ? 124 HIS A CD2 1 
ATOM   1018 C CE1 . HIS A 1 125 ? 4.663   20.970  3.282   1.00 35.85 ? 124 HIS A CE1 1 
ATOM   1019 N NE2 . HIS A 1 125 ? 4.868   21.097  4.583   1.00 31.06 ? 124 HIS A NE2 1 
ATOM   1020 N N   . GLN A 1 126 ? 3.818   16.581  3.682   1.00 38.37 ? 125 GLN A N   1 
ATOM   1021 C CA  . GLN A 1 126 ? 2.641   16.236  4.483   1.00 36.13 ? 125 GLN A CA  1 
ATOM   1022 C C   . GLN A 1 126 ? 2.850   15.133  5.520   1.00 32.91 ? 125 GLN A C   1 
ATOM   1023 O O   . GLN A 1 126 ? 3.291   14.030  5.207   1.00 38.38 ? 125 GLN A O   1 
ATOM   1024 C CB  . GLN A 1 126 ? 1.447   15.868  3.589   1.00 28.20 ? 125 GLN A CB  1 
ATOM   1025 C CG  . GLN A 1 126 ? 0.194   15.495  4.413   1.00 27.81 ? 125 GLN A CG  1 
ATOM   1026 C CD  . GLN A 1 126 ? -0.472  16.708  5.023   1.00 26.34 ? 125 GLN A CD  1 
ATOM   1027 O OE1 . GLN A 1 126 ? -0.646  17.722  4.361   1.00 29.53 ? 125 GLN A OE1 1 
ATOM   1028 N NE2 . GLN A 1 126 ? -0.840  16.617  6.301   1.00 29.39 ? 125 GLN A NE2 1 
ATOM   1029 N N   . ARG A 1 127 ? 2.452   15.413  6.759   1.00 37.76 ? 126 ARG A N   1 
ATOM   1030 C CA  . ARG A 1 127 ? 2.527   14.438  7.827   1.00 34.43 ? 126 ARG A CA  1 
ATOM   1031 C C   . ARG A 1 127 ? 1.161   13.796  8.146   1.00 36.61 ? 126 ARG A C   1 
ATOM   1032 O O   . ARG A 1 127 ? 0.134   14.288  7.713   1.00 28.67 ? 126 ARG A O   1 
ATOM   1033 C CB  . ARG A 1 127 ? 3.062   15.121  9.073   1.00 32.77 ? 126 ARG A CB  1 
ATOM   1034 C CG  . ARG A 1 127 ? 4.467   15.640  8.936   1.00 42.81 ? 126 ARG A CG  1 
ATOM   1035 C CD  . ARG A 1 127 ? 4.942   16.200  10.253  1.00 45.85 ? 126 ARG A CD  1 
ATOM   1036 N NE  . ARG A 1 127 ? 5.854   15.276  10.923  1.00 89.08 ? 126 ARG A NE  1 
ATOM   1037 C CZ  . ARG A 1 127 ? 7.029   14.891  10.425  1.00 91.51 ? 126 ARG A CZ  1 
ATOM   1038 N NH1 . ARG A 1 127 ? 7.441   15.345  9.244   1.00 89.37 ? 126 ARG A NH1 1 
ATOM   1039 N NH2 . ARG A 1 127 ? 7.791   14.044  11.109  1.00 86.34 ? 126 ARG A NH2 1 
ATOM   1040 N N   . TYR A 1 128 ? 1.155   12.704  8.912   1.00 32.39 ? 127 TYR A N   1 
ATOM   1041 C CA  . TYR A 1 128 ? -0.087  12.023  9.228   1.00 32.17 ? 127 TYR A CA  1 
ATOM   1042 C C   . TYR A 1 128 ? -0.836  12.711  10.342  1.00 35.53 ? 127 TYR A C   1 
ATOM   1043 O O   . TYR A 1 128 ? -0.784  12.287  11.496  1.00 36.73 ? 127 TYR A O   1 
ATOM   1044 C CB  . TYR A 1 128 ? 0.123   10.542  9.553   1.00 28.77 ? 127 TYR A CB  1 
ATOM   1045 C CG  . TYR A 1 128 ? -1.136  9.717   9.375   1.00 30.58 ? 127 TYR A CG  1 
ATOM   1046 C CD1 . TYR A 1 128 ? -1.528  9.282   8.122   1.00 32.69 ? 127 TYR A CD1 1 
ATOM   1047 C CD2 . TYR A 1 128 ? -1.958  9.416   10.457  1.00 34.60 ? 127 TYR A CD2 1 
ATOM   1048 C CE1 . TYR A 1 128 ? -2.691  8.537   7.958   1.00 27.32 ? 127 TYR A CE1 1 
ATOM   1049 C CE2 . TYR A 1 128 ? -3.123  8.668   10.301  1.00 32.07 ? 127 TYR A CE2 1 
ATOM   1050 C CZ  . TYR A 1 128 ? -3.477  8.230   9.039   1.00 38.63 ? 127 TYR A CZ  1 
ATOM   1051 O OH  . TYR A 1 128 ? -4.631  7.495   8.839   1.00 40.22 ? 127 TYR A OH  1 
ATOM   1052 N N   . THR A 1 129 ? -1.567  13.761  9.989   1.00 29.34 ? 128 THR A N   1 
ATOM   1053 C CA  . THR A 1 129 ? -2.196  14.617  10.981  1.00 28.62 ? 128 THR A CA  1 
ATOM   1054 C C   . THR A 1 129 ? -3.698  14.346  11.063  1.00 26.97 ? 128 THR A C   1 
ATOM   1055 O O   . THR A 1 129 ? -4.230  13.586  10.261  1.00 30.44 ? 128 THR A O   1 
ATOM   1056 C CB  . THR A 1 129 ? -1.940  16.091  10.639  1.00 24.05 ? 128 THR A CB  1 
ATOM   1057 O OG1 . THR A 1 129 ? -2.586  16.416  9.401   1.00 29.27 ? 128 THR A OG1 1 
ATOM   1058 C CG2 . THR A 1 129 ? -0.422  16.331  10.449  1.00 29.52 ? 128 THR A CG2 1 
ATOM   1059 N N   . ALA A 1 130 ? -4.358  14.953  12.049  1.00 26.71 ? 129 ALA A N   1 
ATOM   1060 C CA  . ALA A 1 130 ? -5.802  14.931  12.138  1.00 29.57 ? 129 ALA A CA  1 
ATOM   1061 C C   . ALA A 1 130 ? -6.432  15.495  10.862  1.00 33.70 ? 129 ALA A C   1 
ATOM   1062 O O   . ALA A 1 130 ? -7.388  14.918  10.328  1.00 32.09 ? 129 ALA A O   1 
ATOM   1063 C CB  . ALA A 1 130 ? -6.265  15.706  13.359  1.00 35.28 ? 129 ALA A CB  1 
ATOM   1064 N N   . GLU A 1 131 ? -5.887  16.603  10.348  1.00 27.99 ? 130 GLU A N   1 
ATOM   1065 C CA  . GLU A 1 131 ? -6.366  17.124  9.061   1.00 25.78 ? 130 GLU A CA  1 
ATOM   1066 C C   . GLU A 1 131 ? -6.224  16.084  7.949   1.00 26.91 ? 130 GLU A C   1 
ATOM   1067 O O   . GLU A 1 131 ? -7.139  15.915  7.115   1.00 26.25 ? 130 GLU A O   1 
ATOM   1068 C CB  . GLU A 1 131 ? -5.629  18.421  8.659   1.00 31.70 ? 130 GLU A CB  1 
ATOM   1069 C CG  . GLU A 1 131 ? -6.104  18.944  7.318   1.00 32.10 ? 130 GLU A CG  1 
ATOM   1070 C CD  . GLU A 1 131 ? -5.173  19.986  6.710   1.00 39.02 ? 130 GLU A CD  1 
ATOM   1071 O OE1 . GLU A 1 131 ? -3.953  19.868  6.891   1.00 33.66 ? 130 GLU A OE1 1 
ATOM   1072 O OE2 . GLU A 1 131 ? -5.677  20.908  6.041   1.00 40.72 ? 130 GLU A OE2 1 
ATOM   1073 N N   . PHE A 1 132 ? -5.074  15.420  7.901   1.00 25.95 ? 131 PHE A N   1 
ATOM   1074 C CA  . PHE A 1 132 ? -4.834  14.460  6.838   1.00 24.30 ? 131 PHE A CA  1 
ATOM   1075 C C   . PHE A 1 132 ? -5.871  13.328  6.896   1.00 24.88 ? 131 PHE A C   1 
ATOM   1076 O O   . PHE A 1 132 ? -6.355  12.860  5.865   1.00 30.39 ? 131 PHE A O   1 
ATOM   1077 C CB  . PHE A 1 132 ? -3.422  13.857  6.836   1.00 24.93 ? 131 PHE A CB  1 
ATOM   1078 C CG  . PHE A 1 132 ? -3.232  12.831  5.720   1.00 24.74 ? 131 PHE A CG  1 
ATOM   1079 C CD1 . PHE A 1 132 ? -3.084  13.248  4.393   1.00 24.39 ? 131 PHE A CD1 1 
ATOM   1080 C CD2 . PHE A 1 132 ? -3.279  11.467  5.984   1.00 26.86 ? 131 PHE A CD2 1 
ATOM   1081 C CE1 . PHE A 1 132 ? -2.959  12.321  3.340   1.00 26.35 ? 131 PHE A CE1 1 
ATOM   1082 C CE2 . PHE A 1 132 ? -3.167  10.534  4.953   1.00 31.88 ? 131 PHE A CE2 1 
ATOM   1083 C CZ  . PHE A 1 132 ? -3.013  10.954  3.629   1.00 31.30 ? 131 PHE A CZ  1 
ATOM   1084 N N   . VAL A 1 133 ? -6.203  12.881  8.096   1.00 29.31 ? 132 VAL A N   1 
ATOM   1085 C CA  . VAL A 1 133 ? -7.206  11.806  8.245   1.00 30.92 ? 132 VAL A CA  1 
ATOM   1086 C C   . VAL A 1 133 ? -8.545  12.196  7.584   1.00 31.08 ? 132 VAL A C   1 
ATOM   1087 O O   . VAL A 1 133 ? -9.136  11.428  6.819   1.00 33.57 ? 132 VAL A O   1 
ATOM   1088 C CB  . VAL A 1 133 ? -7.357  11.414  9.738   1.00 30.88 ? 132 VAL A CB  1 
ATOM   1089 C CG1 . VAL A 1 133 ? -8.572  10.487  9.971   1.00 32.64 ? 132 VAL A CG1 1 
ATOM   1090 C CG2 . VAL A 1 133 ? -6.056  10.752  10.237  1.00 27.22 ? 132 VAL A CG2 1 
ATOM   1091 N N   . GLN A 1 134 ? -8.993  13.412  7.854   1.00 33.47 ? 133 GLN A N   1 
ATOM   1092 C CA  . GLN A 1 134 ? -10.214 13.953  7.249   1.00 31.63 ? 133 GLN A CA  1 
ATOM   1093 C C   . GLN A 1 134 ? -10.079 14.109  5.733   1.00 37.59 ? 133 GLN A C   1 
ATOM   1094 O O   . GLN A 1 134 ? -11.017 13.850  4.978   1.00 32.10 ? 133 GLN A O   1 
ATOM   1095 C CB  . GLN A 1 134 ? -10.509 15.319  7.855   1.00 32.99 ? 133 GLN A CB  1 
ATOM   1096 C CG  . GLN A 1 134 ? -11.879 15.896  7.462   1.00 40.40 ? 133 GLN A CG  1 
ATOM   1097 C CD  . GLN A 1 134 ? -13.012 14.986  7.889   1.00 38.35 ? 133 GLN A CD  1 
ATOM   1098 O OE1 . GLN A 1 134 ? -13.055 14.542  9.030   1.00 42.85 ? 133 GLN A OE1 1 
ATOM   1099 N NE2 . GLN A 1 134 ? -13.936 14.698  6.969   1.00 48.31 ? 133 GLN A NE2 1 
ATOM   1100 N N   . ILE A 1 135 ? -8.899  14.537  5.296   1.00 30.42 ? 134 ILE A N   1 
ATOM   1101 C CA  . ILE A 1 135 ? -8.607  14.660  3.872   1.00 25.84 ? 134 ILE A CA  1 
ATOM   1102 C C   . ILE A 1 135 ? -8.776  13.323  3.158   1.00 27.15 ? 134 ILE A C   1 
ATOM   1103 O O   . ILE A 1 135 ? -9.299  13.264  2.044   1.00 30.40 ? 134 ILE A O   1 
ATOM   1104 C CB  . ILE A 1 135 ? -7.180  15.183  3.631   1.00 29.82 ? 134 ILE A CB  1 
ATOM   1105 C CG1 . ILE A 1 135 ? -7.102  16.680  3.937   1.00 27.40 ? 134 ILE A CG1 1 
ATOM   1106 C CG2 . ILE A 1 135 ? -6.744  14.903  2.201   1.00 25.91 ? 134 ILE A CG2 1 
ATOM   1107 C CD1 . ILE A 1 135 ? -5.701  17.246  3.869   1.00 28.10 ? 134 ILE A CD1 1 
ATOM   1108 N N   . MET A 1 136 ? -8.330  12.251  3.804   1.00 30.70 ? 135 MET A N   1 
ATOM   1109 C CA  . MET A 1 136 ? -8.450  10.911  3.241   1.00 32.86 ? 135 MET A CA  1 
ATOM   1110 C C   . MET A 1 136 ? -9.890  10.416  3.296   1.00 27.67 ? 135 MET A C   1 
ATOM   1111 O O   . MET A 1 136 ? -10.369 9.765   2.367   1.00 35.15 ? 135 MET A O   1 
ATOM   1112 C CB  . MET A 1 136 ? -7.530  9.936   3.979   1.00 35.89 ? 135 MET A CB  1 
ATOM   1113 C CG  . MET A 1 136 ? -7.606  8.505   3.470   1.00 52.47 ? 135 MET A CG  1 
ATOM   1114 S SD  . MET A 1 136 ? -7.190  8.366   1.721   1.00 51.96 ? 135 MET A SD  1 
ATOM   1115 C CE  . MET A 1 136 ? -5.404  8.500   1.788   1.00 64.53 ? 135 MET A CE  1 
ATOM   1116 N N   . LYS A 1 137 ? -10.577 10.729  4.390   1.00 29.36 ? 136 LYS A N   1 
ATOM   1117 C CA  . LYS A 1 137 ? -11.969 10.330  4.561   1.00 34.84 ? 136 LYS A CA  1 
ATOM   1118 C C   . LYS A 1 137 ? -12.849 10.913  3.460   1.00 29.71 ? 136 LYS A C   1 
ATOM   1119 O O   . LYS A 1 137 ? -13.733 10.236  2.935   1.00 34.81 ? 136 LYS A O   1 
ATOM   1120 C CB  . LYS A 1 137 ? -12.486 10.766  5.933   1.00 30.38 ? 136 LYS A CB  1 
ATOM   1121 C CG  . LYS A 1 137 ? -12.129 9.813   7.062   1.00 42.41 ? 136 LYS A CG  1 
ATOM   1122 C CD  . LYS A 1 137 ? -12.646 10.321  8.399   1.00 38.43 ? 136 LYS A CD  1 
ATOM   1123 C CE  . LYS A 1 137 ? -12.039 9.544   9.557   1.00 39.61 ? 136 LYS A CE  1 
ATOM   1124 N NZ  . LYS A 1 137 ? -12.596 9.977   10.868  1.00 54.16 ? 136 LYS A NZ  1 
ATOM   1125 N N   . ASP A 1 138 ? -12.602 12.172  3.116   1.00 32.15 ? 137 ASP A N   1 
ATOM   1126 C CA  . ASP A 1 138 ? -13.370 12.848  2.073   1.00 36.38 ? 137 ASP A CA  1 
ATOM   1127 C C   . ASP A 1 138 ? -12.993 12.287  0.712   1.00 35.54 ? 137 ASP A C   1 
ATOM   1128 O O   . ASP A 1 138 ? -13.840 12.113  -0.169  1.00 27.20 ? 137 ASP A O   1 
ATOM   1129 C CB  . ASP A 1 138 ? -13.138 14.364  2.134   1.00 36.96 ? 137 ASP A CB  1 
ATOM   1130 C CG  . ASP A 1 138 ? -13.708 14.972  3.394   1.00 42.05 ? 137 ASP A CG  1 
ATOM   1131 O OD1 . ASP A 1 138 ? -14.503 14.278  4.054   1.00 43.68 ? 137 ASP A OD1 1 
ATOM   1132 O OD2 . ASP A 1 138 ? -13.372 16.122  3.733   1.00 38.62 ? 137 ASP A OD2 1 
ATOM   1133 N N   . TYR A 1 139 ? -11.708 11.989  0.558   1.00 29.85 ? 138 TYR A N   1 
ATOM   1134 C CA  . TYR A 1 139 ? -11.192 11.372  -0.648  1.00 29.82 ? 138 TYR A CA  1 
ATOM   1135 C C   . TYR A 1 139 ? -11.888 10.048  -0.919  1.00 32.91 ? 138 TYR A C   1 
ATOM   1136 O O   . TYR A 1 139 ? -12.373 9.809   -2.038  1.00 29.64 ? 138 TYR A O   1 
ATOM   1137 C CB  . TYR A 1 139 ? -9.666  11.137  -0.524  1.00 29.52 ? 138 TYR A CB  1 
ATOM   1138 C CG  . TYR A 1 139 ? -9.032  10.728  -1.819  1.00 32.56 ? 138 TYR A CG  1 
ATOM   1139 C CD1 . TYR A 1 139 ? -8.877  9.390   -2.139  1.00 30.61 ? 138 TYR A CD1 1 
ATOM   1140 C CD2 . TYR A 1 139 ? -8.613  11.688  -2.745  1.00 26.68 ? 138 TYR A CD2 1 
ATOM   1141 C CE1 . TYR A 1 139 ? -8.320  9.014   -3.331  1.00 30.60 ? 138 TYR A CE1 1 
ATOM   1142 C CE2 . TYR A 1 139 ? -8.046  11.316  -3.935  1.00 31.89 ? 138 TYR A CE2 1 
ATOM   1143 C CZ  . TYR A 1 139 ? -7.883  9.979   -4.215  1.00 30.91 ? 138 TYR A CZ  1 
ATOM   1144 O OH  . TYR A 1 139 ? -7.314  9.590   -5.411  1.00 39.12 ? 138 TYR A OH  1 
ATOM   1145 N N   . ASP A 1 140 ? -11.937 9.205   0.110   1.00 27.30 ? 139 ASP A N   1 
ATOM   1146 C CA  . ASP A 1 140 ? -12.603 7.903   0.050   1.00 28.03 ? 139 ASP A CA  1 
ATOM   1147 C C   . ASP A 1 140 ? -14.111 8.075   -0.218  1.00 24.82 ? 139 ASP A C   1 
ATOM   1148 O O   . ASP A 1 140 ? -14.714 7.284   -0.949  1.00 30.27 ? 139 ASP A O   1 
ATOM   1149 C CB  . ASP A 1 140 ? -12.409 7.147   1.378   1.00 27.21 ? 139 ASP A CB  1 
ATOM   1150 C CG  . ASP A 1 140 ? -11.079 6.351   1.443   1.00 40.01 ? 139 ASP A CG  1 
ATOM   1151 O OD1 . ASP A 1 140 ? -10.421 6.157   0.406   1.00 35.35 ? 139 ASP A OD1 1 
ATOM   1152 O OD2 . ASP A 1 140 ? -10.699 5.912   2.550   1.00 45.47 ? 139 ASP A OD2 1 
ATOM   1153 N N   . LYS A 1 141 ? -14.716 9.079   0.394   1.00 31.16 ? 140 LYS A N   1 
ATOM   1154 C CA  . LYS A 1 141 ? -16.164 9.284   0.259   1.00 33.49 ? 140 LYS A CA  1 
ATOM   1155 C C   . LYS A 1 141 ? -16.579 9.668   -1.171  1.00 34.23 ? 140 LYS A C   1 
ATOM   1156 O O   . LYS A 1 141 ? -17.689 9.334   -1.631  1.00 32.46 ? 140 LYS A O   1 
ATOM   1157 C CB  . LYS A 1 141 ? -16.646 10.328  1.264   1.00 31.27 ? 140 LYS A CB  1 
ATOM   1158 C CG  . LYS A 1 141 ? -18.144 10.637  1.167   1.00 32.71 ? 140 LYS A CG  1 
ATOM   1159 C CD  . LYS A 1 141 ? -18.455 12.004  1.753   1.00 46.55 ? 140 LYS A CD  1 
ATOM   1160 C CE  . LYS A 1 141 ? -17.851 13.120  0.897   1.00 53.36 ? 140 LYS A CE  1 
ATOM   1161 N NZ  . LYS A 1 141 ? -17.891 14.464  1.547   1.00 50.62 ? 140 LYS A NZ  1 
ATOM   1162 N N   . ALA A 1 142 ? -15.697 10.379  -1.873  1.00 31.39 ? 141 ALA A N   1 
ATOM   1163 C CA  . ALA A 1 142 ? -15.912 10.665  -3.289  1.00 31.45 ? 141 ALA A CA  1 
ATOM   1164 C C   . ALA A 1 142 ? -15.862 9.405   -4.172  1.00 35.19 ? 141 ALA A C   1 
ATOM   1165 O O   . ALA A 1 142 ? -16.341 9.413   -5.297  1.00 32.80 ? 141 ALA A O   1 
ATOM   1166 C CB  . ALA A 1 142 ? -14.933 11.730  -3.778  1.00 30.83 ? 141 ALA A CB  1 
ATOM   1167 N N   . LEU A 1 143 ? -15.296 8.329   -3.634  1.00 32.04 ? 142 LEU A N   1 
ATOM   1168 C CA  . LEU A 1 143 ? -15.216 7.013   -4.295  1.00 31.23 ? 142 LEU A CA  1 
ATOM   1169 C C   . LEU A 1 143 ? -16.285 6.054   -3.760  1.00 30.66 ? 142 LEU A C   1 
ATOM   1170 O O   . LEU A 1 143 ? -16.226 4.840   -3.983  1.00 37.48 ? 142 LEU A O   1 
ATOM   1171 C CB  . LEU A 1 143 ? -13.834 6.383   -4.009  1.00 33.40 ? 142 LEU A CB  1 
ATOM   1172 C CG  . LEU A 1 143 ? -12.650 7.136   -4.602  1.00 33.94 ? 142 LEU A CG  1 
ATOM   1173 C CD1 . LEU A 1 143 ? -11.287 6.611   -4.069  1.00 36.29 ? 142 LEU A CD1 1 
ATOM   1174 C CD2 . LEU A 1 143 ? -12.720 7.056   -6.122  1.00 47.98 ? 142 LEU A CD2 1 
ATOM   1175 N N   . ASN A 1 144 ? -17.229 6.582   -3.006  1.00 36.84 ? 143 ASN A N   1 
ATOM   1176 C CA  . ASN A 1 144 ? -18.295 5.750   -2.456  1.00 38.92 ? 143 ASN A CA  1 
ATOM   1177 C C   . ASN A 1 144 ? -17.880 4.892   -1.261  1.00 44.22 ? 143 ASN A C   1 
ATOM   1178 O O   . ASN A 1 144 ? -18.502 3.862   -0.973  1.00 41.31 ? 143 ASN A O   1 
ATOM   1179 C CB  . ASN A 1 144 ? -18.911 4.876   -3.540  1.00 36.66 ? 143 ASN A CB  1 
ATOM   1180 C CG  . ASN A 1 144 ? -20.374 4.633   -3.302  1.00 36.45 ? 143 ASN A CG  1 
ATOM   1181 O OD1 . ASN A 1 144 ? -21.014 5.404   -2.600  1.00 33.01 ? 143 ASN A OD1 1 
ATOM   1182 N ND2 . ASN A 1 144 ? -20.912 3.546   -3.864  1.00 36.78 ? 143 ASN A ND2 1 
ATOM   1183 N N   . CYS A 1 145 ? -16.832 5.329   -0.566  1.00 37.38 ? 144 CYS A N   1 
ATOM   1184 C CA  . CYS A 1 145 ? -16.294 4.596   0.565   1.00 42.04 ? 144 CYS A CA  1 
ATOM   1185 C C   . CYS A 1 145 ? -16.275 5.443   1.828   1.00 46.62 ? 144 CYS A C   1 
ATOM   1186 O O   . CYS A 1 145 ? -15.537 5.148   2.769   1.00 50.68 ? 144 CYS A O   1 
ATOM   1187 C CB  . CYS A 1 145 ? -14.888 4.094   0.249   1.00 42.21 ? 144 CYS A CB  1 
ATOM   1188 S SG  . CYS A 1 145 ? -14.827 2.872   -1.060  1.00 42.86 ? 144 CYS A SG  1 
ATOM   1189 O OXT . CYS A 1 145 ? -17.002 6.432   1.947   1.00 50.88 ? 144 CYS A OXT 1 
HETATM 1190 O O   . HOH B 2 .   ? 14.963  6.814   10.322  1.00 46.69 ? 145 HOH A O   1 
HETATM 1191 O O   . HOH B 2 .   ? 7.033   -8.257  -14.307 1.00 50.82 ? 146 HOH A O   1 
HETATM 1192 O O   . HOH B 2 .   ? -11.292 14.623  -2.075  1.00 31.87 ? 147 HOH A O   1 
HETATM 1193 O O   . HOH B 2 .   ? -2.976  16.375  14.248  1.00 32.67 ? 148 HOH A O   1 
HETATM 1194 O O   . HOH B 2 .   ? -0.317  9.064   13.959  1.00 37.27 ? 149 HOH A O   1 
HETATM 1195 O O   . HOH B 2 .   ? -6.136  7.145   -5.608  1.00 31.62 ? 150 HOH A O   1 
HETATM 1196 O O   . HOH B 2 .   ? -3.053  2.714   10.619  1.00 31.98 ? 151 HOH A O   1 
HETATM 1197 O O   . HOH B 2 .   ? 16.591  -7.148  11.911  1.00 48.56 ? 152 HOH A O   1 
HETATM 1198 O O   . HOH B 2 .   ? 18.308  -8.106  9.767   1.00 37.68 ? 153 HOH A O   1 
HETATM 1199 O O   . HOH B 2 .   ? 14.368  4.239   3.626   1.00 30.81 ? 154 HOH A O   1 
HETATM 1200 O O   . HOH B 2 .   ? -11.587 12.791  10.284  1.00 32.85 ? 155 HOH A O   1 
HETATM 1201 O O   . HOH B 2 .   ? 10.066  -1.241  19.940  1.00 57.50 ? 156 HOH A O   1 
HETATM 1202 O O   . HOH B 2 .   ? -2.020  18.596  8.118   1.00 28.91 ? 157 HOH A O   1 
HETATM 1203 O O   . HOH B 2 .   ? 13.057  0.181   12.166  1.00 28.24 ? 158 HOH A O   1 
HETATM 1204 O O   . HOH B 2 .   ? -12.757 2.153   2.230   1.00 38.52 ? 159 HOH A O   1 
HETATM 1205 O O   . HOH B 2 .   ? -2.043  8.412   -6.294  1.00 34.27 ? 160 HOH A O   1 
HETATM 1206 O O   . HOH B 2 .   ? 7.664   5.495   -2.559  1.00 40.34 ? 161 HOH A O   1 
HETATM 1207 O O   . HOH B 2 .   ? 3.578   0.183   13.234  1.00 33.49 ? 162 HOH A O   1 
HETATM 1208 O O   . HOH B 2 .   ? 17.332  9.994   6.238   1.00 59.63 ? 163 HOH A O   1 
HETATM 1209 O O   . HOH B 2 .   ? 14.102  2.342   14.297  1.00 38.79 ? 164 HOH A O   1 
HETATM 1210 O O   . HOH B 2 .   ? -6.686  18.013  -0.962  1.00 44.74 ? 165 HOH A O   1 
HETATM 1211 O O   . HOH B 2 .   ? 1.767   4.653   13.667  1.00 35.89 ? 166 HOH A O   1 
HETATM 1212 O O   . HOH B 2 .   ? -2.244  19.862  4.514   1.00 31.42 ? 167 HOH A O   1 
HETATM 1213 O O   . HOH B 2 .   ? -10.630 17.432  1.887   1.00 41.06 ? 168 HOH A O   1 
HETATM 1214 O O   . HOH B 2 .   ? 6.609   -1.868  14.602  1.00 50.24 ? 169 HOH A O   1 
HETATM 1215 O O   . HOH B 2 .   ? 2.176   16.082  -3.684  1.00 44.79 ? 170 HOH A O   1 
HETATM 1216 O O   . HOH B 2 .   ? 7.737   8.234   16.493  1.00 52.57 ? 171 HOH A O   1 
HETATM 1217 O O   . HOH B 2 .   ? -9.400  13.844  11.750  1.00 37.02 ? 172 HOH A O   1 
HETATM 1218 O O   . HOH B 2 .   ? 15.685  0.713   12.916  1.00 36.38 ? 173 HOH A O   1 
HETATM 1219 O O   . HOH B 2 .   ? -7.294  4.369   1.430   1.00 54.46 ? 174 HOH A O   1 
HETATM 1220 O O   . HOH B 2 .   ? -15.083 8.264   4.148   1.00 41.11 ? 175 HOH A O   1 
HETATM 1221 O O   . HOH B 2 .   ? -10.074 -13.856 -0.570  1.00 39.01 ? 176 HOH A O   1 
HETATM 1222 O O   . HOH B 2 .   ? -17.066 -2.029  -0.507  1.00 44.80 ? 177 HOH A O   1 
HETATM 1223 O O   . HOH B 2 .   ? -8.572  12.269  13.657  1.00 42.30 ? 178 HOH A O   1 
HETATM 1224 O O   . HOH B 2 .   ? -1.903  14.339  15.269  1.00 52.65 ? 179 HOH A O   1 
HETATM 1225 O O   . HOH B 2 .   ? -19.670 6.899   0.858   1.00 57.09 ? 180 HOH A O   1 
HETATM 1226 O O   . HOH B 2 .   ? 4.549   19.538  -2.510  1.00 37.20 ? 181 HOH A O   1 
HETATM 1227 O O   . HOH B 2 .   ? 15.146  -3.732  -0.610  1.00 44.39 ? 182 HOH A O   1 
HETATM 1228 O O   . HOH B 2 .   ? 5.027   -8.524  13.435  1.00 33.40 ? 183 HOH A O   1 
HETATM 1229 O O   . HOH B 2 .   ? 14.751  2.758   17.014  1.00 48.43 ? 184 HOH A O   1 
HETATM 1230 O O   . HOH B 2 .   ? 14.138  -7.496  -7.685  1.00 50.51 ? 185 HOH A O   1 
HETATM 1231 O O   . HOH B 2 .   ? -10.787 4.979   -8.589  1.00 60.48 ? 186 HOH A O   1 
HETATM 1232 O O   . HOH B 2 .   ? -6.011  7.979   6.764   1.00 47.69 ? 187 HOH A O   1 
HETATM 1233 O O   . HOH B 2 .   ? -2.418  -9.197  5.953   1.00 45.58 ? 188 HOH A O   1 
HETATM 1234 O O   . HOH B 2 .   ? 8.272   6.306   0.048   1.00 42.91 ? 189 HOH A O   1 
HETATM 1235 O O   . HOH B 2 .   ? -5.673  1.431   0.242   1.00 55.03 ? 190 HOH A O   1 
HETATM 1236 O O   . HOH B 2 .   ? -20.675 4.776   -6.844  1.00 54.80 ? 191 HOH A O   1 
HETATM 1237 O O   . HOH B 2 .   ? 3.394   -10.775 8.697   1.00 40.79 ? 192 HOH A O   1 
HETATM 1238 O O   . HOH B 2 .   ? -8.441  8.509   6.683   1.00 38.62 ? 193 HOH A O   1 
HETATM 1239 O O   . HOH B 2 .   ? -10.568 16.321  12.075  1.00 61.07 ? 194 HOH A O   1 
HETATM 1240 O O   . HOH B 2 .   ? -5.770  2.463   9.679   1.00 59.25 ? 195 HOH A O   1 
HETATM 1241 O O   . HOH B 2 .   ? -9.812  14.933  -0.003  1.00 30.16 ? 196 HOH A O   1 
HETATM 1242 O O   . HOH B 2 .   ? -3.633  19.990  2.145   1.00 51.52 ? 197 HOH A O   1 
HETATM 1243 O O   . HOH B 2 .   ? 10.024  7.872   -0.548  1.00 54.03 ? 198 HOH A O   1 
HETATM 1244 O O   . HOH B 2 .   ? -15.985 12.378  8.360   1.00 52.90 ? 199 HOH A O   1 
HETATM 1245 O O   . HOH B 2 .   ? -10.002 -14.009 2.402   1.00 45.71 ? 200 HOH A O   1 
HETATM 1246 O O   . HOH B 2 .   ? -21.987 4.915   1.249   1.00 64.16 ? 201 HOH A O   1 
HETATM 1247 O O   . HOH B 2 .   ? 6.906   8.043   1.864   1.00 42.05 ? 202 HOH A O   1 
HETATM 1248 O O   . HOH B 2 .   ? 1.962   5.735   19.277  1.00 40.20 ? 203 HOH A O   1 
HETATM 1249 O O   . HOH B 2 .   ? 13.103  -10.303 10.307  1.00 36.91 ? 204 HOH A O   1 
HETATM 1250 O O   . HOH B 2 .   ? -4.315  7.601   -7.565  1.00 36.31 ? 205 HOH A O   1 
HETATM 1251 O O   . HOH B 2 .   ? -4.330  18.539  11.649  1.00 35.38 ? 206 HOH A O   1 
HETATM 1252 O O   . HOH B 2 .   ? 11.664  0.826   -5.671  1.00 47.81 ? 207 HOH A O   1 
HETATM 1253 O O   . HOH B 2 .   ? 14.471  -11.001 -5.921  1.00 50.96 ? 208 HOH A O   1 
HETATM 1254 O O   . HOH B 2 .   ? 10.806  -16.052 -8.952  1.00 46.14 ? 209 HOH A O   1 
HETATM 1255 O O   . HOH B 2 .   ? 1.810   -10.855 13.136  1.00 59.67 ? 210 HOH A O   1 
HETATM 1256 O O   . HOH B 2 .   ? -5.053  10.037  -9.042  1.00 39.51 ? 211 HOH A O   1 
HETATM 1257 O O   . HOH B 2 .   ? 14.431  1.474   -6.888  1.00 73.61 ? 212 HOH A O   1 
HETATM 1258 O O   . HOH B 2 .   ? -7.215  4.354   4.768   1.00 45.53 ? 213 HOH A O   1 
HETATM 1259 O O   . HOH B 2 .   ? -5.240  -0.462  -1.052  1.00 56.90 ? 214 HOH A O   1 
HETATM 1260 O O   . HOH B 2 .   ? 4.636   -16.390 9.881   1.00 66.58 ? 215 HOH A O   1 
HETATM 1261 O O   . HOH B 2 .   ? 5.339   -9.449  -12.610 1.00 48.52 ? 216 HOH A O   1 
# 
